data_2K8H
#
_entry.id   2K8H
#
_entity_poly.entity_id   1
_entity_poly.type   'polypeptide(L)'
_entity_poly.pdbx_seq_one_letter_code
;MSNNGGEPSNNGGEGAEGTCKEETALVAVKVVNADGAEMFFRIKSRTALKKLIDTYCKKQGISRNSVRFLFDGTPIDETK
TPEELGMEDDDVIDAMVEQTGGLEHHHHHH
;
_entity_poly.pdbx_strand_id   A
#
# COMPACT_ATOMS: atom_id res chain seq x y z
N MET A 1 28.30 -15.48 -11.16
CA MET A 1 28.31 -15.99 -9.80
C MET A 1 27.40 -15.15 -8.90
N SER A 2 26.39 -15.79 -8.31
CA SER A 2 25.46 -15.10 -7.44
C SER A 2 24.64 -16.10 -6.62
N ASN A 3 24.21 -15.68 -5.44
CA ASN A 3 23.42 -16.54 -4.56
C ASN A 3 22.94 -15.77 -3.34
N ASN A 4 21.62 -15.71 -3.17
CA ASN A 4 21.03 -15.00 -2.03
C ASN A 4 19.77 -15.71 -1.56
N GLY A 5 19.14 -15.14 -0.53
CA GLY A 5 17.92 -15.73 0.00
C GLY A 5 17.49 -15.10 1.31
N GLY A 6 16.22 -15.27 1.67
CA GLY A 6 15.72 -14.70 2.90
C GLY A 6 14.89 -15.69 3.70
N GLU A 7 14.24 -15.20 4.76
CA GLU A 7 13.42 -16.06 5.60
C GLU A 7 11.94 -15.80 5.36
N PRO A 8 11.09 -16.75 5.75
CA PRO A 8 9.65 -16.66 5.58
C PRO A 8 9.02 -15.61 6.50
N SER A 9 7.81 -15.18 6.16
CA SER A 9 7.11 -14.17 6.94
C SER A 9 5.70 -13.94 6.40
N ASN A 10 4.91 -14.99 6.36
CA ASN A 10 3.54 -14.90 5.85
C ASN A 10 2.61 -14.27 6.90
N ASN A 11 1.33 -14.20 6.57
CA ASN A 11 0.34 -13.61 7.47
C ASN A 11 0.70 -12.17 7.81
N GLY A 12 0.58 -11.30 6.81
CA GLY A 12 0.90 -9.89 7.03
C GLY A 12 -0.09 -9.22 7.96
N GLY A 13 -1.24 -8.84 7.41
CA GLY A 13 -2.25 -8.17 8.22
C GLY A 13 -3.37 -7.59 7.39
N GLU A 14 -4.18 -8.45 6.79
CA GLU A 14 -5.30 -8.01 5.96
C GLU A 14 -6.32 -7.24 6.78
N GLY A 15 -7.38 -6.79 6.13
CA GLY A 15 -8.42 -6.05 6.81
C GLY A 15 -9.81 -6.37 6.29
N ALA A 16 -10.24 -5.63 5.27
CA ALA A 16 -11.55 -5.84 4.68
C ALA A 16 -12.66 -5.69 5.72
N GLU A 17 -12.96 -4.44 6.08
CA GLU A 17 -14.00 -4.16 7.07
C GLU A 17 -14.39 -2.68 7.05
N GLY A 18 -15.46 -2.38 6.31
CA GLY A 18 -15.92 -1.00 6.21
C GLY A 18 -17.12 -0.86 5.32
N THR A 19 -17.96 0.14 5.61
CA THR A 19 -19.17 0.38 4.83
C THR A 19 -18.84 1.07 3.52
N CYS A 20 -19.88 1.42 2.77
CA CYS A 20 -19.71 2.10 1.49
C CYS A 20 -20.90 3.00 1.18
N LYS A 21 -20.68 4.31 1.25
CA LYS A 21 -21.73 5.28 0.98
C LYS A 21 -21.37 6.16 -0.22
N GLU A 22 -20.45 7.08 0.00
CA GLU A 22 -20.00 7.99 -1.06
C GLU A 22 -18.90 8.92 -0.56
N GLU A 23 -19.27 9.84 0.33
CA GLU A 23 -18.31 10.79 0.88
C GLU A 23 -17.73 11.68 -0.21
N THR A 24 -17.12 12.79 0.19
CA THR A 24 -16.53 13.74 -0.75
C THR A 24 -15.21 14.28 -0.22
N ALA A 25 -14.11 13.89 -0.86
CA ALA A 25 -12.79 14.35 -0.45
C ALA A 25 -11.74 14.00 -1.50
N LEU A 26 -10.61 14.70 -1.46
CA LEU A 26 -9.53 14.46 -2.41
C LEU A 26 -8.18 14.41 -1.69
N VAL A 27 -7.49 13.28 -1.84
CA VAL A 27 -6.19 13.10 -1.21
C VAL A 27 -5.20 12.47 -2.18
N ALA A 28 -4.00 13.03 -2.24
CA ALA A 28 -2.95 12.52 -3.12
C ALA A 28 -2.08 11.50 -2.40
N VAL A 29 -1.76 10.40 -3.08
CA VAL A 29 -0.93 9.36 -2.51
C VAL A 29 0.31 9.10 -3.38
N LYS A 30 1.43 8.84 -2.72
CA LYS A 30 2.68 8.57 -3.43
C LYS A 30 3.35 7.31 -2.90
N VAL A 31 3.40 6.29 -3.73
CA VAL A 31 4.02 5.01 -3.35
C VAL A 31 5.45 4.93 -3.84
N VAL A 32 6.39 4.76 -2.91
CA VAL A 32 7.80 4.66 -3.25
C VAL A 32 8.34 3.26 -2.96
N ASN A 33 9.48 2.94 -3.56
CA ASN A 33 10.10 1.63 -3.36
C ASN A 33 11.59 1.78 -3.09
N ALA A 34 12.16 0.81 -2.38
CA ALA A 34 13.57 0.82 -2.05
C ALA A 34 14.43 0.78 -3.32
N ASP A 35 13.85 0.27 -4.40
CA ASP A 35 14.56 0.17 -5.67
C ASP A 35 14.53 1.50 -6.41
N GLY A 36 13.53 2.32 -6.11
CA GLY A 36 13.41 3.61 -6.77
C GLY A 36 12.05 3.80 -7.42
N ALA A 37 11.52 2.73 -8.01
CA ALA A 37 10.23 2.79 -8.67
C ALA A 37 9.16 3.38 -7.76
N GLU A 38 8.56 4.49 -8.21
CA GLU A 38 7.53 5.15 -7.43
C GLU A 38 6.49 5.81 -8.34
N MET A 39 5.31 6.08 -7.80
CA MET A 39 4.23 6.70 -8.56
C MET A 39 3.25 7.41 -7.63
N PHE A 40 2.82 8.60 -8.03
CA PHE A 40 1.87 9.38 -7.24
C PHE A 40 0.64 9.75 -8.06
N PHE A 41 -0.50 9.83 -7.41
CA PHE A 41 -1.75 10.17 -8.08
C PHE A 41 -2.79 10.68 -7.08
N ARG A 42 -3.70 11.51 -7.56
CA ARG A 42 -4.75 12.07 -6.70
C ARG A 42 -6.01 11.22 -6.76
N ILE A 43 -6.45 10.74 -5.60
CA ILE A 43 -7.64 9.91 -5.51
C ILE A 43 -8.46 10.25 -4.27
N LYS A 44 -9.76 10.02 -4.35
CA LYS A 44 -10.65 10.29 -3.22
C LYS A 44 -10.17 9.58 -1.96
N SER A 45 -10.14 10.31 -0.84
CA SER A 45 -9.71 9.74 0.42
C SER A 45 -10.45 8.45 0.73
N ARG A 46 -11.71 8.38 0.29
CA ARG A 46 -12.54 7.20 0.52
C ARG A 46 -11.81 5.93 0.08
N THR A 47 -11.23 5.98 -1.12
CA THR A 47 -10.51 4.83 -1.66
C THR A 47 -9.25 5.28 -2.41
N ALA A 48 -8.12 5.21 -1.74
CA ALA A 48 -6.84 5.60 -2.34
C ALA A 48 -5.80 4.49 -2.21
N LEU A 49 -5.59 4.03 -0.99
CA LEU A 49 -4.62 2.97 -0.73
C LEU A 49 -5.07 1.66 -1.37
N LYS A 50 -6.38 1.47 -1.46
CA LYS A 50 -6.94 0.26 -2.06
C LYS A 50 -6.57 0.16 -3.54
N LYS A 51 -6.83 1.22 -4.28
CA LYS A 51 -6.52 1.26 -5.70
C LYS A 51 -5.02 1.36 -5.94
N LEU A 52 -4.31 1.97 -4.99
CA LEU A 52 -2.87 2.12 -5.09
C LEU A 52 -2.16 0.77 -5.02
N ILE A 53 -2.48 -0.01 -3.99
CA ILE A 53 -1.88 -1.32 -3.82
C ILE A 53 -2.44 -2.32 -4.83
N ASP A 54 -3.70 -2.13 -5.19
CA ASP A 54 -4.36 -3.01 -6.15
C ASP A 54 -3.81 -2.79 -7.55
N THR A 55 -3.61 -1.52 -7.90
CA THR A 55 -3.08 -1.16 -9.22
C THR A 55 -1.60 -1.49 -9.33
N TYR A 56 -0.87 -1.27 -8.24
CA TYR A 56 0.57 -1.53 -8.21
C TYR A 56 0.85 -3.03 -8.28
N CYS A 57 0.07 -3.80 -7.53
CA CYS A 57 0.24 -5.25 -7.50
C CYS A 57 -0.21 -5.88 -8.81
N LYS A 58 -1.39 -5.47 -9.29
CA LYS A 58 -1.93 -5.98 -10.53
C LYS A 58 -1.02 -5.64 -11.71
N LYS A 59 -0.52 -4.40 -11.73
CA LYS A 59 0.37 -3.96 -12.80
C LYS A 59 1.69 -4.71 -12.76
N GLN A 60 2.27 -4.84 -11.57
CA GLN A 60 3.54 -5.54 -11.40
C GLN A 60 3.40 -7.01 -11.80
N GLY A 61 2.16 -7.50 -11.82
CA GLY A 61 1.92 -8.88 -12.18
C GLY A 61 2.06 -9.82 -11.00
N ILE A 62 1.84 -9.30 -9.80
CA ILE A 62 1.94 -10.11 -8.59
C ILE A 62 0.79 -9.81 -7.63
N SER A 63 0.22 -10.86 -7.05
CA SER A 63 -0.89 -10.71 -6.12
C SER A 63 -0.49 -9.84 -4.93
N ARG A 64 -1.47 -9.51 -4.09
CA ARG A 64 -1.21 -8.68 -2.92
C ARG A 64 -0.77 -9.53 -1.74
N ASN A 65 0.24 -10.36 -1.96
CA ASN A 65 0.76 -11.24 -0.91
C ASN A 65 2.28 -11.27 -0.94
N SER A 66 2.89 -10.09 -1.02
CA SER A 66 4.34 -9.98 -1.06
C SER A 66 4.78 -8.53 -1.13
N VAL A 67 4.03 -7.65 -0.46
CA VAL A 67 4.33 -6.23 -0.44
C VAL A 67 3.82 -5.57 0.83
N ARG A 68 4.73 -4.99 1.61
CA ARG A 68 4.36 -4.32 2.84
C ARG A 68 4.19 -2.82 2.62
N PHE A 69 2.95 -2.36 2.71
CA PHE A 69 2.64 -0.95 2.52
C PHE A 69 2.54 -0.22 3.87
N LEU A 70 3.57 0.55 4.19
CA LEU A 70 3.61 1.30 5.45
C LEU A 70 3.63 2.80 5.19
N PHE A 71 3.11 3.56 6.15
CA PHE A 71 3.07 5.01 6.02
C PHE A 71 3.68 5.68 7.25
N ASP A 72 4.89 6.21 7.08
CA ASP A 72 5.58 6.89 8.17
C ASP A 72 5.72 5.97 9.38
N GLY A 73 5.83 4.66 9.11
CA GLY A 73 5.96 3.70 10.19
C GLY A 73 4.65 3.00 10.50
N THR A 74 3.65 3.21 9.66
CA THR A 74 2.34 2.60 9.85
C THR A 74 2.08 1.53 8.80
N PRO A 75 2.58 0.31 9.05
CA PRO A 75 2.41 -0.82 8.14
C PRO A 75 0.97 -1.32 8.10
N ILE A 76 0.22 -0.85 7.12
CA ILE A 76 -1.18 -1.25 6.96
C ILE A 76 -1.59 -1.27 5.50
N ASP A 77 -2.55 -2.13 5.16
CA ASP A 77 -3.03 -2.25 3.80
C ASP A 77 -4.52 -1.96 3.72
N GLU A 78 -4.87 -0.69 3.53
CA GLU A 78 -6.27 -0.27 3.43
C GLU A 78 -6.38 1.22 3.19
N THR A 79 -7.56 1.66 2.78
CA THR A 79 -7.80 3.07 2.51
C THR A 79 -8.61 3.72 3.63
N LYS A 80 -8.65 3.06 4.78
CA LYS A 80 -9.38 3.56 5.93
C LYS A 80 -8.42 3.89 7.08
N THR A 81 -7.45 3.01 7.30
CA THR A 81 -6.47 3.20 8.37
C THR A 81 -5.66 4.47 8.14
N PRO A 82 -4.92 4.50 7.01
CA PRO A 82 -4.09 5.66 6.66
C PRO A 82 -4.92 6.89 6.28
N GLU A 83 -6.18 6.66 5.94
CA GLU A 83 -7.07 7.75 5.56
C GLU A 83 -7.51 8.55 6.80
N GLU A 84 -8.02 7.84 7.80
CA GLU A 84 -8.47 8.48 9.03
C GLU A 84 -7.28 8.88 9.91
N LEU A 85 -6.17 8.18 9.73
CA LEU A 85 -4.97 8.45 10.50
C LEU A 85 -4.19 9.62 9.91
N GLY A 86 -4.23 9.74 8.58
CA GLY A 86 -3.53 10.82 7.92
C GLY A 86 -4.39 12.06 7.75
N MET A 87 -5.51 11.90 7.04
CA MET A 87 -6.43 13.01 6.81
C MET A 87 -5.75 14.10 5.99
N GLU A 88 -4.74 13.72 5.22
CA GLU A 88 -4.00 14.68 4.39
C GLU A 88 -3.89 14.16 2.95
N ASP A 89 -3.67 15.09 2.02
CA ASP A 89 -3.54 14.75 0.61
C ASP A 89 -2.10 14.38 0.27
N ASP A 90 -1.28 14.20 1.29
CA ASP A 90 0.12 13.84 1.11
C ASP A 90 0.43 12.48 1.73
N ASP A 91 -0.47 11.53 1.52
CA ASP A 91 -0.29 10.19 2.07
C ASP A 91 0.79 9.43 1.29
N VAL A 92 1.86 9.05 1.99
CA VAL A 92 2.95 8.32 1.38
C VAL A 92 2.97 6.87 1.83
N ILE A 93 3.37 5.97 0.93
CA ILE A 93 3.44 4.55 1.23
C ILE A 93 4.73 3.93 0.71
N ASP A 94 5.58 3.48 1.64
CA ASP A 94 6.85 2.87 1.27
C ASP A 94 6.71 1.35 1.21
N ALA A 95 6.69 0.81 -0.01
CA ALA A 95 6.58 -0.63 -0.20
C ALA A 95 7.88 -1.33 0.12
N MET A 96 7.86 -2.21 1.12
CA MET A 96 9.05 -2.95 1.52
C MET A 96 8.84 -4.45 1.35
N VAL A 97 9.92 -5.18 1.16
CA VAL A 97 9.86 -6.62 0.99
C VAL A 97 10.34 -7.36 2.23
N GLU A 98 9.56 -8.33 2.69
CA GLU A 98 9.90 -9.09 3.87
C GLU A 98 9.62 -10.58 3.66
N GLN A 99 9.67 -11.01 2.40
CA GLN A 99 9.42 -12.41 2.06
C GLN A 99 9.70 -12.66 0.59
N THR A 100 10.22 -13.85 0.29
CA THR A 100 10.54 -14.23 -1.09
C THR A 100 9.60 -15.31 -1.60
N GLY A 101 9.01 -15.08 -2.76
CA GLY A 101 8.10 -16.05 -3.34
C GLY A 101 8.34 -16.27 -4.82
N GLY A 102 7.99 -15.27 -5.63
CA GLY A 102 8.19 -15.38 -7.06
C GLY A 102 9.63 -15.20 -7.47
N MET A 1 -14.69 -38.06 16.76
CA MET A 1 -14.30 -38.28 15.37
C MET A 1 -13.71 -37.00 14.77
N SER A 2 -12.41 -36.81 14.97
CA SER A 2 -11.73 -35.63 14.45
C SER A 2 -10.60 -36.02 13.51
N ASN A 3 -10.55 -35.40 12.34
CA ASN A 3 -9.51 -35.68 11.35
C ASN A 3 -9.55 -34.65 10.22
N ASN A 4 -8.37 -34.33 9.70
CA ASN A 4 -8.25 -33.36 8.61
C ASN A 4 -7.80 -34.04 7.33
N GLY A 5 -8.50 -33.74 6.23
CA GLY A 5 -8.16 -34.33 4.96
C GLY A 5 -6.89 -33.74 4.37
N GLY A 6 -6.57 -34.11 3.12
CA GLY A 6 -5.39 -33.60 2.48
C GLY A 6 -5.55 -33.50 0.96
N GLU A 7 -5.66 -32.29 0.46
CA GLU A 7 -5.83 -32.07 -0.97
C GLU A 7 -4.63 -31.30 -1.54
N PRO A 8 -4.45 -31.38 -2.87
CA PRO A 8 -3.36 -30.70 -3.56
C PRO A 8 -3.53 -29.19 -3.59
N SER A 9 -2.49 -28.46 -3.20
CA SER A 9 -2.53 -27.00 -3.17
C SER A 9 -1.13 -26.42 -3.23
N ASN A 10 -0.74 -25.94 -4.40
CA ASN A 10 0.59 -25.35 -4.58
C ASN A 10 0.52 -23.84 -4.48
N ASN A 11 1.68 -23.21 -4.37
CA ASN A 11 1.76 -21.75 -4.27
C ASN A 11 3.16 -21.26 -4.62
N GLY A 12 3.24 -20.29 -5.53
CA GLY A 12 4.52 -19.75 -5.93
C GLY A 12 4.95 -18.58 -5.08
N GLY A 13 3.98 -17.78 -4.64
CA GLY A 13 4.28 -16.63 -3.80
C GLY A 13 3.11 -15.68 -3.69
N GLU A 14 1.92 -16.22 -3.49
CA GLU A 14 0.71 -15.40 -3.36
C GLU A 14 0.53 -14.91 -1.94
N GLY A 15 -0.24 -13.84 -1.78
CA GLY A 15 -0.47 -13.28 -0.47
C GLY A 15 -1.63 -12.30 -0.44
N ALA A 16 -2.29 -12.19 0.70
CA ALA A 16 -3.43 -11.29 0.85
C ALA A 16 -3.65 -10.92 2.31
N GLU A 17 -4.49 -9.93 2.55
CA GLU A 17 -4.80 -9.48 3.90
C GLU A 17 -6.27 -9.72 4.24
N GLY A 18 -7.13 -9.61 3.23
CA GLY A 18 -8.55 -9.81 3.43
C GLY A 18 -9.17 -8.75 4.31
N THR A 19 -9.96 -7.87 3.70
CA THR A 19 -10.62 -6.80 4.43
C THR A 19 -12.03 -6.58 3.94
N CYS A 20 -12.86 -5.97 4.79
CA CYS A 20 -14.26 -5.71 4.43
C CYS A 20 -14.49 -4.21 4.21
N LYS A 21 -15.68 -3.86 3.74
CA LYS A 21 -16.02 -2.47 3.48
C LYS A 21 -17.41 -2.15 4.01
N GLU A 22 -17.62 -0.89 4.39
CA GLU A 22 -18.91 -0.46 4.91
C GLU A 22 -19.13 1.03 4.66
N GLU A 23 -18.19 1.85 5.12
CA GLU A 23 -18.28 3.30 4.94
C GLU A 23 -18.09 3.68 3.48
N THR A 24 -18.37 4.93 3.16
CA THR A 24 -18.25 5.42 1.79
C THR A 24 -17.59 6.80 1.76
N ALA A 25 -16.47 6.90 1.06
CA ALA A 25 -15.75 8.17 0.95
C ALA A 25 -14.71 8.12 -0.16
N LEU A 26 -14.33 9.29 -0.67
CA LEU A 26 -13.35 9.37 -1.75
C LEU A 26 -12.15 10.21 -1.31
N VAL A 27 -10.96 9.65 -1.51
CA VAL A 27 -9.72 10.34 -1.14
C VAL A 27 -8.67 10.22 -2.25
N ALA A 28 -8.03 11.33 -2.58
CA ALA A 28 -7.00 11.35 -3.61
C ALA A 28 -5.62 11.10 -3.02
N VAL A 29 -4.84 10.25 -3.67
CA VAL A 29 -3.49 9.94 -3.21
C VAL A 29 -2.44 10.36 -4.23
N LYS A 30 -1.30 10.82 -3.75
CA LYS A 30 -0.21 11.24 -4.63
C LYS A 30 1.12 10.63 -4.19
N VAL A 31 1.63 9.70 -4.99
CA VAL A 31 2.89 9.04 -4.68
C VAL A 31 4.05 9.72 -5.41
N VAL A 32 5.05 10.16 -4.65
CA VAL A 32 6.21 10.82 -5.22
C VAL A 32 7.49 10.04 -4.93
N ASN A 33 8.45 10.13 -5.84
CA ASN A 33 9.72 9.42 -5.68
C ASN A 33 10.89 10.40 -5.70
N ALA A 34 11.98 10.03 -5.05
CA ALA A 34 13.17 10.88 -5.00
C ALA A 34 13.79 11.03 -6.39
N ASP A 35 13.52 10.06 -7.26
CA ASP A 35 14.05 10.08 -8.62
C ASP A 35 13.23 11.01 -9.49
N GLY A 36 11.97 11.21 -9.12
CA GLY A 36 11.08 12.07 -9.90
C GLY A 36 9.76 11.40 -10.23
N ALA A 37 9.81 10.10 -10.50
CA ALA A 37 8.61 9.34 -10.82
C ALA A 37 7.52 9.57 -9.79
N GLU A 38 6.37 10.06 -10.23
CA GLU A 38 5.25 10.33 -9.34
C GLU A 38 3.93 10.27 -10.09
N MET A 39 2.84 10.06 -9.35
CA MET A 39 1.51 9.99 -9.95
C MET A 39 0.43 10.11 -8.89
N PHE A 40 -0.71 10.68 -9.27
CA PHE A 40 -1.83 10.86 -8.35
C PHE A 40 -3.12 10.32 -8.95
N PHE A 41 -4.00 9.84 -8.08
CA PHE A 41 -5.28 9.28 -8.53
C PHE A 41 -6.30 9.28 -7.39
N ARG A 42 -7.57 9.40 -7.74
CA ARG A 42 -8.64 9.41 -6.75
C ARG A 42 -9.17 8.00 -6.51
N ILE A 43 -9.17 7.58 -5.25
CA ILE A 43 -9.66 6.25 -4.88
C ILE A 43 -10.32 6.27 -3.51
N LYS A 44 -11.25 5.35 -3.31
CA LYS A 44 -11.97 5.25 -2.04
C LYS A 44 -10.99 5.13 -0.87
N SER A 45 -11.23 5.92 0.18
CA SER A 45 -10.37 5.90 1.35
C SER A 45 -10.23 4.48 1.91
N ARG A 46 -11.27 3.68 1.74
CA ARG A 46 -11.26 2.31 2.22
C ARG A 46 -10.09 1.53 1.63
N THR A 47 -9.60 2.00 0.49
CA THR A 47 -8.48 1.34 -0.19
C THR A 47 -7.86 2.26 -1.24
N ALA A 48 -6.80 2.95 -0.84
CA ALA A 48 -6.10 3.87 -1.75
C ALA A 48 -4.61 3.60 -1.76
N LEU A 49 -3.99 3.61 -0.57
CA LEU A 49 -2.56 3.37 -0.46
C LEU A 49 -2.22 1.93 -0.85
N LYS A 50 -3.17 1.02 -0.64
CA LYS A 50 -2.97 -0.38 -0.98
C LYS A 50 -2.81 -0.56 -2.49
N LYS A 51 -3.75 0.00 -3.24
CA LYS A 51 -3.73 -0.11 -4.69
C LYS A 51 -2.63 0.77 -5.28
N LEU A 52 -2.31 1.85 -4.58
CA LEU A 52 -1.27 2.78 -5.02
C LEU A 52 0.11 2.11 -4.98
N ILE A 53 0.44 1.55 -3.82
CA ILE A 53 1.73 0.88 -3.65
C ILE A 53 1.77 -0.44 -4.41
N ASP A 54 0.61 -1.10 -4.52
CA ASP A 54 0.50 -2.36 -5.22
C ASP A 54 0.77 -2.19 -6.71
N THR A 55 0.14 -1.19 -7.31
CA THR A 55 0.30 -0.91 -8.73
C THR A 55 1.65 -0.24 -9.01
N TYR A 56 2.11 0.55 -8.05
CA TYR A 56 3.38 1.26 -8.19
C TYR A 56 4.54 0.27 -8.24
N CYS A 57 4.58 -0.63 -7.26
CA CYS A 57 5.64 -1.63 -7.19
C CYS A 57 5.50 -2.65 -8.31
N LYS A 58 4.28 -3.15 -8.49
CA LYS A 58 4.01 -4.14 -9.53
C LYS A 58 4.40 -3.61 -10.91
N LYS A 59 4.01 -2.37 -11.19
CA LYS A 59 4.33 -1.75 -12.48
C LYS A 59 5.83 -1.52 -12.62
N GLN A 60 6.44 -0.98 -11.57
CA GLN A 60 7.88 -0.72 -11.59
C GLN A 60 8.67 -2.01 -11.76
N GLY A 61 8.02 -3.14 -11.47
CA GLY A 61 8.67 -4.43 -11.60
C GLY A 61 9.51 -4.77 -10.37
N ILE A 62 9.05 -4.36 -9.20
CA ILE A 62 9.76 -4.62 -7.96
C ILE A 62 8.79 -4.91 -6.82
N SER A 63 9.09 -5.94 -6.03
CA SER A 63 8.24 -6.32 -4.91
C SER A 63 8.10 -5.16 -3.92
N ARG A 64 7.24 -5.33 -2.93
CA ARG A 64 7.02 -4.31 -1.92
C ARG A 64 8.03 -4.42 -0.78
N ASN A 65 9.31 -4.48 -1.14
CA ASN A 65 10.37 -4.60 -0.16
C ASN A 65 11.60 -3.81 -0.58
N SER A 66 11.37 -2.64 -1.18
CA SER A 66 12.46 -1.79 -1.64
C SER A 66 11.99 -0.35 -1.80
N VAL A 67 10.93 0.01 -1.07
CA VAL A 67 10.38 1.36 -1.12
C VAL A 67 9.62 1.69 0.15
N ARG A 68 10.08 2.72 0.86
CA ARG A 68 9.44 3.15 2.09
C ARG A 68 8.57 4.37 1.87
N PHE A 69 7.26 4.19 1.95
CA PHE A 69 6.32 5.29 1.75
C PHE A 69 6.03 6.01 3.06
N LEU A 70 6.46 7.26 3.15
CA LEU A 70 6.25 8.05 4.36
C LEU A 70 5.45 9.32 4.04
N PHE A 71 4.71 9.80 5.03
CA PHE A 71 3.90 11.01 4.86
C PHE A 71 4.34 12.10 5.84
N ASP A 72 5.10 13.07 5.34
CA ASP A 72 5.58 14.16 6.17
C ASP A 72 6.33 13.64 7.39
N GLY A 73 6.90 12.45 7.25
CA GLY A 73 7.65 11.85 8.35
C GLY A 73 6.93 10.65 8.94
N THR A 74 5.85 10.23 8.29
CA THR A 74 5.08 9.08 8.77
C THR A 74 5.24 7.89 7.85
N PRO A 75 6.32 7.12 8.06
CA PRO A 75 6.63 5.93 7.26
C PRO A 75 5.65 4.80 7.52
N ILE A 76 4.64 4.68 6.66
CA ILE A 76 3.64 3.63 6.80
C ILE A 76 3.14 3.16 5.43
N ASP A 77 2.88 1.86 5.32
CA ASP A 77 2.39 1.30 4.07
C ASP A 77 1.04 0.61 4.27
N GLU A 78 -0.04 1.37 4.09
CA GLU A 78 -1.39 0.83 4.25
C GLU A 78 -2.44 1.88 3.92
N THR A 79 -3.68 1.45 3.78
CA THR A 79 -4.78 2.35 3.46
C THR A 79 -5.69 2.55 4.67
N LYS A 80 -5.18 2.23 5.84
CA LYS A 80 -5.95 2.38 7.09
C LYS A 80 -5.24 3.31 8.05
N THR A 81 -3.92 3.19 8.13
CA THR A 81 -3.13 4.03 9.02
C THR A 81 -3.21 5.49 8.62
N PRO A 82 -2.74 5.79 7.39
CA PRO A 82 -2.75 7.15 6.85
C PRO A 82 -4.16 7.65 6.55
N GLU A 83 -5.09 6.72 6.39
CA GLU A 83 -6.48 7.05 6.10
C GLU A 83 -7.18 7.58 7.33
N GLU A 84 -7.06 6.86 8.44
CA GLU A 84 -7.69 7.26 9.69
C GLU A 84 -6.93 8.40 10.35
N LEU A 85 -5.61 8.41 10.17
CA LEU A 85 -4.77 9.44 10.75
C LEU A 85 -4.88 10.74 9.95
N GLY A 86 -5.05 10.60 8.63
CA GLY A 86 -5.17 11.76 7.78
C GLY A 86 -6.61 12.22 7.61
N MET A 87 -7.46 11.34 7.08
CA MET A 87 -8.85 11.66 6.87
C MET A 87 -9.01 12.80 5.87
N GLU A 88 -8.21 12.77 4.81
CA GLU A 88 -8.25 13.81 3.79
C GLU A 88 -8.03 13.21 2.40
N ASP A 89 -8.49 13.92 1.37
CA ASP A 89 -8.34 13.47 0.00
C ASP A 89 -6.99 13.90 -0.58
N ASP A 90 -6.11 14.39 0.29
CA ASP A 90 -4.79 14.84 -0.13
C ASP A 90 -3.70 14.01 0.52
N ASP A 91 -3.91 12.69 0.56
CA ASP A 91 -2.93 11.79 1.15
C ASP A 91 -1.73 11.59 0.23
N VAL A 92 -0.56 12.03 0.70
CA VAL A 92 0.67 11.91 -0.08
C VAL A 92 1.59 10.86 0.52
N ILE A 93 2.39 10.22 -0.34
CA ILE A 93 3.32 9.20 0.12
C ILE A 93 4.61 9.24 -0.70
N ASP A 94 5.72 9.50 -0.02
CA ASP A 94 7.02 9.56 -0.67
C ASP A 94 7.81 8.27 -0.48
N ALA A 95 8.13 7.60 -1.57
CA ALA A 95 8.87 6.35 -1.52
C ALA A 95 10.37 6.60 -1.56
N MET A 96 11.04 6.32 -0.44
CA MET A 96 12.48 6.51 -0.35
C MET A 96 13.19 5.18 -0.17
N VAL A 97 14.46 5.12 -0.59
CA VAL A 97 15.26 3.91 -0.47
C VAL A 97 15.96 3.85 0.88
N GLU A 98 15.80 2.72 1.57
CA GLU A 98 16.42 2.53 2.87
C GLU A 98 17.76 1.80 2.74
N GLN A 99 18.61 2.31 1.86
CA GLN A 99 19.93 1.70 1.65
C GLN A 99 19.79 0.24 1.23
N THR A 100 19.32 0.02 0.01
CA THR A 100 19.13 -1.34 -0.50
C THR A 100 18.80 -1.32 -1.98
N GLY A 101 19.32 -0.32 -2.70
CA GLY A 101 19.07 -0.22 -4.11
C GLY A 101 20.20 -0.78 -4.96
N GLY A 102 20.33 -0.29 -6.19
CA GLY A 102 21.38 -0.75 -7.07
C GLY A 102 21.18 -0.31 -8.51
N MET A 1 27.98 -24.15 13.53
CA MET A 1 26.82 -23.84 12.71
C MET A 1 26.08 -25.12 12.30
N SER A 2 25.06 -25.47 13.06
CA SER A 2 24.27 -26.67 12.78
C SER A 2 22.85 -26.52 13.30
N ASN A 3 22.10 -25.61 12.70
CA ASN A 3 20.71 -25.37 13.10
C ASN A 3 19.75 -25.75 11.99
N ASN A 4 18.54 -26.15 12.38
CA ASN A 4 17.52 -26.54 11.41
C ASN A 4 16.31 -25.63 11.50
N GLY A 5 15.48 -25.66 10.46
CA GLY A 5 14.29 -24.81 10.43
C GLY A 5 13.61 -24.81 9.08
N GLY A 6 12.30 -24.55 9.08
CA GLY A 6 11.56 -24.52 7.83
C GLY A 6 10.14 -25.03 7.99
N GLU A 7 9.32 -24.27 8.71
CA GLU A 7 7.93 -24.66 8.93
C GLU A 7 7.05 -24.26 7.75
N PRO A 8 5.88 -24.89 7.65
CA PRO A 8 4.92 -24.62 6.57
C PRO A 8 4.28 -23.24 6.71
N SER A 9 4.30 -22.48 5.61
CA SER A 9 3.72 -21.14 5.60
C SER A 9 3.16 -20.80 4.23
N ASN A 10 1.93 -21.21 3.97
CA ASN A 10 1.29 -20.95 2.69
C ASN A 10 0.71 -19.53 2.64
N ASN A 11 0.33 -19.03 3.81
CA ASN A 11 -0.23 -17.68 3.92
C ASN A 11 -1.47 -17.55 3.03
N GLY A 12 -2.63 -17.81 3.60
CA GLY A 12 -3.87 -17.72 2.85
C GLY A 12 -4.19 -16.29 2.44
N GLY A 13 -3.71 -15.33 3.23
CA GLY A 13 -3.96 -13.94 2.92
C GLY A 13 -4.33 -13.13 4.16
N GLU A 14 -4.96 -13.78 5.12
CA GLU A 14 -5.37 -13.12 6.35
C GLU A 14 -6.35 -11.98 6.06
N GLY A 15 -7.49 -12.33 5.47
CA GLY A 15 -8.50 -11.35 5.14
C GLY A 15 -9.52 -11.17 6.25
N ALA A 16 -9.13 -10.45 7.30
CA ALA A 16 -10.02 -10.20 8.43
C ALA A 16 -10.60 -8.79 8.38
N GLU A 17 -11.47 -8.55 7.41
CA GLU A 17 -12.10 -7.25 7.26
C GLU A 17 -13.53 -7.38 6.77
N GLY A 18 -14.20 -6.24 6.58
CA GLY A 18 -15.58 -6.26 6.12
C GLY A 18 -16.39 -5.12 6.69
N THR A 19 -16.07 -3.90 6.27
CA THR A 19 -16.78 -2.72 6.75
C THR A 19 -17.05 -1.74 5.61
N CYS A 20 -18.17 -1.03 5.69
CA CYS A 20 -18.54 -0.07 4.66
C CYS A 20 -19.40 1.06 5.26
N LYS A 21 -18.85 1.74 6.26
CA LYS A 21 -19.56 2.83 6.93
C LYS A 21 -18.58 3.89 7.40
N GLU A 22 -18.56 5.02 6.72
CA GLU A 22 -17.67 6.12 7.08
C GLU A 22 -18.21 7.46 6.57
N GLU A 23 -17.44 8.51 6.77
CA GLU A 23 -17.84 9.85 6.33
C GLU A 23 -17.37 10.12 4.90
N THR A 24 -17.61 11.33 4.42
CA THR A 24 -17.21 11.71 3.07
C THR A 24 -16.09 12.73 3.10
N ALA A 25 -15.04 12.49 2.30
CA ALA A 25 -13.91 13.39 2.23
C ALA A 25 -13.07 13.13 0.99
N LEU A 26 -12.21 14.08 0.64
CA LEU A 26 -11.35 13.94 -0.53
C LEU A 26 -9.89 14.09 -0.14
N VAL A 27 -9.06 13.13 -0.56
CA VAL A 27 -7.63 13.16 -0.27
C VAL A 27 -6.81 12.80 -1.50
N ALA A 28 -5.76 13.59 -1.75
CA ALA A 28 -4.89 13.35 -2.90
C ALA A 28 -3.72 12.44 -2.52
N VAL A 29 -3.43 11.47 -3.38
CA VAL A 29 -2.33 10.54 -3.13
C VAL A 29 -1.26 10.66 -4.21
N LYS A 30 -0.01 10.50 -3.81
CA LYS A 30 1.11 10.59 -4.74
C LYS A 30 2.06 9.40 -4.57
N VAL A 31 2.01 8.47 -5.52
CA VAL A 31 2.86 7.29 -5.48
C VAL A 31 4.16 7.52 -6.23
N VAL A 32 5.28 7.41 -5.53
CA VAL A 32 6.59 7.60 -6.14
C VAL A 32 7.43 6.34 -6.06
N ASN A 33 8.40 6.22 -6.96
CA ASN A 33 9.28 5.05 -6.98
C ASN A 33 10.73 5.46 -7.18
N ALA A 34 11.65 4.63 -6.69
CA ALA A 34 13.08 4.91 -6.81
C ALA A 34 13.52 4.90 -8.27
N ASP A 35 12.74 4.20 -9.11
CA ASP A 35 13.06 4.10 -10.53
C ASP A 35 12.69 5.40 -11.26
N GLY A 36 11.75 6.14 -10.70
CA GLY A 36 11.33 7.39 -11.30
C GLY A 36 9.83 7.45 -11.52
N ALA A 37 9.22 6.30 -11.77
CA ALA A 37 7.78 6.23 -12.00
C ALA A 37 7.01 6.91 -10.88
N GLU A 38 6.21 7.91 -11.24
CA GLU A 38 5.43 8.65 -10.27
C GLU A 38 4.06 9.00 -10.83
N MET A 39 3.03 8.91 -9.98
CA MET A 39 1.67 9.20 -10.39
C MET A 39 0.80 9.56 -9.19
N PHE A 40 0.10 10.68 -9.27
CA PHE A 40 -0.77 11.13 -8.19
C PHE A 40 -2.17 11.43 -8.71
N PHE A 41 -3.17 11.29 -7.83
CA PHE A 41 -4.55 11.55 -8.20
C PHE A 41 -5.40 11.80 -6.95
N ARG A 42 -6.50 12.54 -7.14
CA ARG A 42 -7.39 12.86 -6.04
C ARG A 42 -8.49 11.81 -5.91
N ILE A 43 -8.56 11.16 -4.74
CA ILE A 43 -9.56 10.15 -4.49
C ILE A 43 -10.09 10.23 -3.06
N LYS A 44 -11.35 9.83 -2.88
CA LYS A 44 -11.98 9.86 -1.56
C LYS A 44 -11.12 9.12 -0.53
N SER A 45 -10.93 9.75 0.62
CA SER A 45 -10.13 9.14 1.69
C SER A 45 -10.62 7.74 2.01
N ARG A 46 -11.94 7.54 1.90
CA ARG A 46 -12.53 6.24 2.18
C ARG A 46 -11.83 5.14 1.42
N THR A 47 -11.27 5.48 0.26
CA THR A 47 -10.56 4.52 -0.57
C THR A 47 -9.63 5.22 -1.56
N ALA A 48 -8.35 4.89 -1.49
CA ALA A 48 -7.36 5.47 -2.37
C ALA A 48 -6.18 4.53 -2.60
N LEU A 49 -5.49 4.19 -1.52
CA LEU A 49 -4.33 3.30 -1.60
C LEU A 49 -4.72 1.97 -2.24
N LYS A 50 -6.01 1.63 -2.15
CA LYS A 50 -6.50 0.39 -2.72
C LYS A 50 -6.37 0.39 -4.25
N LYS A 51 -6.96 1.39 -4.88
CA LYS A 51 -6.90 1.51 -6.34
C LYS A 51 -5.50 1.87 -6.79
N LEU A 52 -4.75 2.56 -5.92
CA LEU A 52 -3.39 2.96 -6.24
C LEU A 52 -2.48 1.75 -6.39
N ILE A 53 -2.50 0.88 -5.39
CA ILE A 53 -1.67 -0.32 -5.41
C ILE A 53 -2.22 -1.34 -6.41
N ASP A 54 -3.54 -1.35 -6.59
CA ASP A 54 -4.18 -2.26 -7.51
C ASP A 54 -3.90 -1.86 -8.96
N THR A 55 -3.94 -0.57 -9.22
CA THR A 55 -3.69 -0.05 -10.56
C THR A 55 -2.21 -0.12 -10.92
N TYR A 56 -1.36 0.17 -9.94
CA TYR A 56 0.08 0.15 -10.13
C TYR A 56 0.58 -1.28 -10.33
N CYS A 57 0.06 -2.19 -9.51
CA CYS A 57 0.46 -3.60 -9.59
C CYS A 57 -0.08 -4.24 -10.86
N LYS A 58 -1.35 -3.97 -11.16
CA LYS A 58 -1.98 -4.53 -12.35
C LYS A 58 -1.34 -3.99 -13.62
N LYS A 59 -1.04 -2.69 -13.62
CA LYS A 59 -0.42 -2.05 -14.77
C LYS A 59 1.00 -2.58 -14.99
N GLN A 60 1.78 -2.66 -13.91
CA GLN A 60 3.14 -3.15 -13.99
C GLN A 60 3.17 -4.61 -14.45
N GLY A 61 2.04 -5.29 -14.30
CA GLY A 61 1.95 -6.68 -14.71
C GLY A 61 2.46 -7.63 -13.63
N ILE A 62 2.32 -7.22 -12.38
CA ILE A 62 2.77 -8.03 -11.26
C ILE A 62 1.80 -7.94 -10.09
N SER A 63 1.51 -9.08 -9.47
CA SER A 63 0.59 -9.14 -8.33
C SER A 63 1.09 -8.24 -7.20
N ARG A 64 0.26 -8.09 -6.18
CA ARG A 64 0.61 -7.26 -5.03
C ARG A 64 1.43 -8.05 -4.01
N ASN A 65 2.50 -8.69 -4.49
CA ASN A 65 3.36 -9.48 -3.63
C ASN A 65 4.83 -9.22 -3.96
N SER A 66 5.17 -7.96 -4.15
CA SER A 66 6.55 -7.58 -4.47
C SER A 66 6.70 -6.06 -4.52
N VAL A 67 5.97 -5.38 -3.65
CA VAL A 67 6.02 -3.92 -3.59
C VAL A 67 5.67 -3.42 -2.19
N ARG A 68 6.61 -2.71 -1.57
CA ARG A 68 6.40 -2.17 -0.24
C ARG A 68 5.94 -0.72 -0.31
N PHE A 69 4.67 -0.49 0.04
CA PHE A 69 4.11 0.85 0.02
C PHE A 69 4.11 1.47 1.41
N LEU A 70 5.03 2.40 1.64
CA LEU A 70 5.14 3.06 2.93
C LEU A 70 4.84 4.55 2.81
N PHE A 71 4.42 5.16 3.91
CA PHE A 71 4.10 6.58 3.94
C PHE A 71 4.77 7.28 5.11
N ASP A 72 5.82 8.04 4.80
CA ASP A 72 6.56 8.77 5.83
C ASP A 72 7.11 7.81 6.88
N GLY A 73 7.30 6.56 6.49
CA GLY A 73 7.82 5.57 7.41
C GLY A 73 6.76 4.58 7.86
N THR A 74 5.58 4.67 7.26
CA THR A 74 4.47 3.78 7.60
C THR A 74 4.22 2.77 6.49
N PRO A 75 4.91 1.64 6.55
CA PRO A 75 4.77 0.56 5.55
C PRO A 75 3.42 -0.15 5.64
N ILE A 76 2.44 0.36 4.90
CA ILE A 76 1.10 -0.22 4.90
C ILE A 76 0.41 -0.01 3.56
N ASP A 77 -0.26 -1.05 3.07
CA ASP A 77 -0.97 -0.96 1.81
C ASP A 77 -2.48 -0.95 2.03
N GLU A 78 -3.03 0.25 2.21
CA GLU A 78 -4.47 0.41 2.43
C GLU A 78 -4.84 1.89 2.59
N THR A 79 -6.13 2.16 2.65
CA THR A 79 -6.62 3.53 2.80
C THR A 79 -7.39 3.69 4.10
N LYS A 80 -6.97 2.97 5.13
CA LYS A 80 -7.63 3.04 6.43
C LYS A 80 -6.64 3.48 7.52
N THR A 81 -5.51 2.79 7.59
CA THR A 81 -4.49 3.10 8.59
C THR A 81 -3.92 4.50 8.36
N PRO A 82 -3.33 4.72 7.18
CA PRO A 82 -2.73 6.01 6.81
C PRO A 82 -3.78 7.08 6.58
N GLU A 83 -5.02 6.66 6.35
CA GLU A 83 -6.11 7.59 6.12
C GLU A 83 -6.57 8.23 7.43
N GLU A 84 -6.81 7.40 8.43
CA GLU A 84 -7.25 7.88 9.73
C GLU A 84 -6.09 8.50 10.51
N LEU A 85 -4.89 7.96 10.30
CA LEU A 85 -3.69 8.47 10.98
C LEU A 85 -3.22 9.77 10.34
N GLY A 86 -3.40 9.88 9.02
CA GLY A 86 -2.99 11.07 8.32
C GLY A 86 -4.09 12.12 8.24
N MET A 87 -5.20 11.76 7.63
CA MET A 87 -6.34 12.67 7.50
C MET A 87 -5.95 13.89 6.67
N GLU A 88 -5.03 13.69 5.72
CA GLU A 88 -4.57 14.78 4.87
C GLU A 88 -4.70 14.39 3.40
N ASP A 89 -4.85 15.39 2.54
CA ASP A 89 -4.98 15.16 1.11
C ASP A 89 -3.62 15.09 0.44
N ASP A 90 -2.57 15.02 1.26
CA ASP A 90 -1.20 14.95 0.74
C ASP A 90 -0.55 13.62 1.14
N ASP A 91 -1.31 12.53 1.00
CA ASP A 91 -0.81 11.21 1.35
C ASP A 91 0.15 10.70 0.27
N VAL A 92 1.40 10.48 0.65
CA VAL A 92 2.41 9.99 -0.29
C VAL A 92 2.77 8.54 0.01
N ILE A 93 3.14 7.80 -1.04
CA ILE A 93 3.51 6.40 -0.90
C ILE A 93 4.77 6.08 -1.69
N ASP A 94 5.86 5.78 -0.98
CA ASP A 94 7.12 5.46 -1.62
C ASP A 94 7.27 3.94 -1.80
N ALA A 95 7.05 3.47 -3.02
CA ALA A 95 7.15 2.05 -3.32
C ALA A 95 8.62 1.61 -3.38
N MET A 96 8.98 0.68 -2.51
CA MET A 96 10.35 0.18 -2.47
C MET A 96 10.38 -1.33 -2.65
N VAL A 97 11.49 -1.86 -3.15
CA VAL A 97 11.65 -3.28 -3.38
C VAL A 97 12.44 -3.93 -2.26
N GLU A 98 11.97 -5.08 -1.80
CA GLU A 98 12.64 -5.81 -0.71
C GLU A 98 12.88 -7.27 -1.11
N GLN A 99 14.15 -7.65 -1.21
CA GLN A 99 14.51 -9.01 -1.58
C GLN A 99 13.98 -9.36 -2.96
N THR A 100 14.44 -10.49 -3.50
CA THR A 100 14.01 -10.93 -4.82
C THR A 100 12.49 -11.04 -4.89
N GLY A 101 11.96 -11.06 -6.11
CA GLY A 101 10.52 -11.15 -6.30
C GLY A 101 10.16 -11.49 -7.73
N GLY A 102 9.50 -12.63 -7.93
CA GLY A 102 9.09 -13.05 -9.25
C GLY A 102 7.61 -12.87 -9.49
N MET A 1 15.44 -55.02 8.25
CA MET A 1 15.33 -54.79 6.82
C MET A 1 13.97 -54.20 6.45
N SER A 2 13.78 -52.93 6.76
CA SER A 2 12.52 -52.26 6.46
C SER A 2 12.64 -50.75 6.71
N ASN A 3 11.92 -49.97 5.92
CA ASN A 3 11.94 -48.52 6.05
C ASN A 3 10.52 -47.97 6.18
N ASN A 4 10.42 -46.65 6.41
CA ASN A 4 9.13 -46.00 6.55
C ASN A 4 9.03 -44.77 5.66
N GLY A 5 9.73 -43.71 6.05
CA GLY A 5 9.71 -42.49 5.26
C GLY A 5 8.97 -41.36 5.96
N GLY A 6 9.14 -40.14 5.46
CA GLY A 6 8.48 -39.00 6.05
C GLY A 6 8.40 -37.82 5.10
N GLU A 7 7.19 -37.29 4.91
CA GLU A 7 6.99 -36.16 4.02
C GLU A 7 7.22 -34.84 4.75
N PRO A 8 7.46 -33.78 3.98
CA PRO A 8 7.71 -32.44 4.53
C PRO A 8 6.46 -31.83 5.15
N SER A 9 6.55 -30.57 5.54
CA SER A 9 5.44 -29.87 6.16
C SER A 9 5.62 -28.35 6.07
N ASN A 10 5.49 -27.82 4.86
CA ASN A 10 5.65 -26.39 4.63
C ASN A 10 4.28 -25.71 4.53
N ASN A 11 4.20 -24.47 5.03
CA ASN A 11 2.96 -23.72 4.99
C ASN A 11 3.23 -22.23 4.86
N GLY A 12 4.20 -21.74 5.63
CA GLY A 12 4.55 -20.33 5.59
C GLY A 12 3.62 -19.48 6.44
N GLY A 13 2.60 -18.91 5.80
CA GLY A 13 1.65 -18.08 6.52
C GLY A 13 0.58 -17.50 5.61
N GLU A 14 -0.27 -18.37 5.07
CA GLU A 14 -1.33 -17.95 4.18
C GLU A 14 -2.51 -17.38 4.97
N GLY A 15 -3.42 -16.70 4.27
CA GLY A 15 -4.58 -16.13 4.93
C GLY A 15 -4.90 -14.74 4.42
N ALA A 16 -6.17 -14.50 4.13
CA ALA A 16 -6.62 -13.20 3.63
C ALA A 16 -8.13 -13.18 3.42
N GLU A 17 -8.75 -12.06 3.76
CA GLU A 17 -10.19 -11.90 3.61
C GLU A 17 -10.61 -10.45 3.85
N GLY A 18 -11.92 -10.20 3.80
CA GLY A 18 -12.42 -8.86 4.00
C GLY A 18 -12.89 -8.22 2.71
N THR A 19 -14.18 -7.88 2.65
CA THR A 19 -14.74 -7.25 1.45
C THR A 19 -16.04 -6.53 1.77
N CYS A 20 -15.97 -5.21 1.92
CA CYS A 20 -17.14 -4.41 2.23
C CYS A 20 -17.01 -3.01 1.63
N LYS A 21 -18.15 -2.35 1.45
CA LYS A 21 -18.18 -1.01 0.88
C LYS A 21 -19.49 -0.30 1.19
N GLU A 22 -19.39 0.91 1.73
CA GLU A 22 -20.58 1.69 2.07
C GLU A 22 -20.19 3.07 2.59
N GLU A 23 -21.17 3.80 3.11
CA GLU A 23 -20.93 5.14 3.64
C GLU A 23 -20.45 6.07 2.54
N THR A 24 -20.33 7.36 2.87
CA THR A 24 -19.89 8.36 1.91
C THR A 24 -18.54 8.95 2.33
N ALA A 25 -17.60 8.98 1.39
CA ALA A 25 -16.27 9.52 1.66
C ALA A 25 -15.63 10.03 0.38
N LEU A 26 -15.04 11.23 0.45
CA LEU A 26 -14.38 11.83 -0.71
C LEU A 26 -13.09 12.52 -0.29
N VAL A 27 -11.96 11.98 -0.76
CA VAL A 27 -10.66 12.55 -0.44
C VAL A 27 -9.69 12.38 -1.61
N ALA A 28 -8.85 13.39 -1.82
CA ALA A 28 -7.87 13.35 -2.90
C ALA A 28 -6.49 12.97 -2.37
N VAL A 29 -5.80 12.12 -3.13
CA VAL A 29 -4.46 11.67 -2.74
C VAL A 29 -3.43 12.04 -3.80
N LYS A 30 -2.22 12.37 -3.35
CA LYS A 30 -1.14 12.75 -4.26
C LYS A 30 0.14 11.97 -3.93
N VAL A 31 0.55 11.11 -4.84
CA VAL A 31 1.75 10.31 -4.66
C VAL A 31 2.95 10.95 -5.35
N VAL A 32 4.00 11.23 -4.57
CA VAL A 32 5.20 11.84 -5.12
C VAL A 32 6.40 10.91 -4.97
N ASN A 33 7.43 11.15 -5.78
CA ASN A 33 8.64 10.33 -5.74
C ASN A 33 9.88 11.21 -5.75
N ALA A 34 10.96 10.69 -5.17
CA ALA A 34 12.22 11.43 -5.11
C ALA A 34 12.75 11.72 -6.51
N ASP A 35 12.35 10.91 -7.47
CA ASP A 35 12.79 11.07 -8.85
C ASP A 35 12.03 12.22 -9.53
N GLY A 36 10.84 12.51 -9.03
CA GLY A 36 10.04 13.58 -9.59
C GLY A 36 8.65 13.12 -10.00
N ALA A 37 8.57 11.91 -10.53
CA ALA A 37 7.29 11.35 -10.96
C ALA A 37 6.25 11.43 -9.85
N GLU A 38 5.15 12.11 -10.14
CA GLU A 38 4.07 12.26 -9.16
C GLU A 38 2.72 12.36 -9.85
N MET A 39 1.67 12.02 -9.12
CA MET A 39 0.31 12.07 -9.66
C MET A 39 -0.73 12.12 -8.55
N PHE A 40 -1.73 12.98 -8.71
CA PHE A 40 -2.78 13.13 -7.72
C PHE A 40 -4.16 12.98 -8.35
N PHE A 41 -5.11 12.44 -7.59
CA PHE A 41 -6.46 12.25 -8.09
C PHE A 41 -7.44 12.10 -6.92
N ARG A 42 -8.73 12.29 -7.21
CA ARG A 42 -9.76 12.18 -6.19
C ARG A 42 -10.34 10.76 -6.15
N ILE A 43 -10.58 10.27 -4.95
CA ILE A 43 -11.13 8.93 -4.76
C ILE A 43 -11.76 8.78 -3.39
N LYS A 44 -12.63 7.78 -3.25
CA LYS A 44 -13.31 7.52 -1.99
C LYS A 44 -12.29 7.29 -0.87
N SER A 45 -12.51 7.96 0.26
CA SER A 45 -11.61 7.84 1.41
C SER A 45 -11.41 6.36 1.77
N ARG A 46 -12.50 5.61 1.77
CA ARG A 46 -12.44 4.19 2.10
C ARG A 46 -11.35 3.49 1.30
N THR A 47 -11.10 3.97 0.09
CA THR A 47 -10.08 3.38 -0.78
C THR A 47 -9.32 4.47 -1.54
N ALA A 48 -8.11 4.76 -1.08
CA ALA A 48 -7.28 5.77 -1.73
C ALA A 48 -5.83 5.30 -1.84
N LEU A 49 -5.19 5.13 -0.69
CA LEU A 49 -3.79 4.69 -0.65
C LEU A 49 -3.66 3.27 -1.20
N LYS A 50 -4.75 2.50 -1.13
CA LYS A 50 -4.75 1.13 -1.62
C LYS A 50 -4.62 1.09 -3.14
N LYS A 51 -5.49 1.83 -3.81
CA LYS A 51 -5.46 1.88 -5.28
C LYS A 51 -4.27 2.69 -5.77
N LEU A 52 -3.83 3.64 -4.96
CA LEU A 52 -2.69 4.47 -5.32
C LEU A 52 -1.40 3.67 -5.35
N ILE A 53 -1.14 2.94 -4.26
CA ILE A 53 0.06 2.12 -4.16
C ILE A 53 -0.04 0.89 -5.05
N ASP A 54 -1.27 0.39 -5.23
CA ASP A 54 -1.51 -0.78 -6.06
C ASP A 54 -1.36 -0.44 -7.55
N THR A 55 -1.99 0.66 -7.96
CA THR A 55 -1.93 1.09 -9.35
C THR A 55 -0.53 1.60 -9.71
N TYR A 56 0.10 2.29 -8.77
CA TYR A 56 1.43 2.84 -8.99
C TYR A 56 2.46 1.71 -9.04
N CYS A 57 2.50 0.89 -8.00
CA CYS A 57 3.44 -0.22 -7.94
C CYS A 57 3.26 -1.16 -9.13
N LYS A 58 2.02 -1.57 -9.37
CA LYS A 58 1.71 -2.46 -10.48
C LYS A 58 2.10 -1.83 -11.81
N LYS A 59 2.03 -0.51 -11.87
CA LYS A 59 2.36 0.23 -13.09
C LYS A 59 3.86 0.17 -13.36
N GLN A 60 4.65 0.42 -12.32
CA GLN A 60 6.10 0.40 -12.45
C GLN A 60 6.60 -0.97 -12.89
N GLY A 61 5.75 -1.98 -12.69
CA GLY A 61 6.11 -3.34 -13.07
C GLY A 61 7.01 -4.00 -12.04
N ILE A 62 6.87 -3.58 -10.78
CA ILE A 62 7.69 -4.14 -9.71
C ILE A 62 6.81 -4.64 -8.56
N SER A 63 7.25 -5.70 -7.90
CA SER A 63 6.50 -6.27 -6.79
C SER A 63 6.28 -5.24 -5.70
N ARG A 64 5.44 -5.58 -4.72
CA ARG A 64 5.14 -4.69 -3.61
C ARG A 64 6.18 -4.84 -2.49
N ASN A 65 7.46 -4.75 -2.86
CA ASN A 65 8.54 -4.89 -1.89
C ASN A 65 9.72 -4.03 -2.28
N SER A 66 9.47 -2.73 -2.49
CA SER A 66 10.54 -1.81 -2.87
C SER A 66 9.99 -0.39 -2.97
N VAL A 67 9.01 -0.07 -2.12
CA VAL A 67 8.40 1.26 -2.11
C VAL A 67 7.83 1.58 -0.74
N ARG A 68 8.35 2.64 -0.12
CA ARG A 68 7.88 3.06 1.19
C ARG A 68 7.15 4.39 1.12
N PHE A 69 5.83 4.35 1.29
CA PHE A 69 5.01 5.55 1.24
C PHE A 69 4.85 6.16 2.62
N LEU A 70 5.37 7.38 2.79
CA LEU A 70 5.29 8.07 4.08
C LEU A 70 4.59 9.42 3.92
N PHE A 71 3.93 9.87 4.97
CA PHE A 71 3.23 11.15 4.95
C PHE A 71 3.77 12.09 6.03
N ASP A 72 4.57 13.06 5.60
CA ASP A 72 5.16 14.03 6.52
C ASP A 72 5.92 13.31 7.63
N GLY A 73 6.45 12.13 7.32
CA GLY A 73 7.20 11.37 8.31
C GLY A 73 6.42 10.19 8.84
N THR A 74 5.27 9.91 8.22
CA THR A 74 4.43 8.80 8.65
C THR A 74 4.46 7.68 7.61
N PRO A 75 5.47 6.80 7.70
CA PRO A 75 5.63 5.67 6.79
C PRO A 75 4.56 4.60 6.99
N ILE A 76 3.53 4.64 6.16
CA ILE A 76 2.44 3.67 6.25
C ILE A 76 1.84 3.38 4.88
N ASP A 77 1.53 2.11 4.63
CA ASP A 77 0.95 1.69 3.36
C ASP A 77 -0.46 1.16 3.56
N GLU A 78 -1.44 2.05 3.51
CA GLU A 78 -2.84 1.66 3.69
C GLU A 78 -3.76 2.88 3.61
N THR A 79 -5.06 2.63 3.55
CA THR A 79 -6.04 3.70 3.46
C THR A 79 -6.85 3.81 4.76
N LYS A 80 -6.22 3.49 5.87
CA LYS A 80 -6.87 3.55 7.18
C LYS A 80 -6.15 4.52 8.10
N THR A 81 -4.86 4.27 8.33
CA THR A 81 -4.05 5.13 9.19
C THR A 81 -4.02 6.55 8.68
N PRO A 82 -3.52 6.74 7.45
CA PRO A 82 -3.41 8.05 6.81
C PRO A 82 -4.78 8.62 6.45
N GLU A 83 -5.77 7.75 6.35
CA GLU A 83 -7.13 8.17 6.01
C GLU A 83 -7.80 8.88 7.18
N GLU A 84 -7.77 8.23 8.34
CA GLU A 84 -8.38 8.81 9.54
C GLU A 84 -7.48 9.88 10.14
N LEU A 85 -6.19 9.82 9.84
CA LEU A 85 -5.23 10.80 10.34
C LEU A 85 -5.24 12.05 9.49
N GLY A 86 -5.46 11.89 8.19
CA GLY A 86 -5.49 13.02 7.29
C GLY A 86 -6.62 13.98 7.60
N MET A 87 -7.83 13.44 7.72
CA MET A 87 -9.00 14.26 8.03
C MET A 87 -9.20 15.33 6.96
N GLU A 88 -8.66 15.09 5.77
CA GLU A 88 -8.78 16.04 4.67
C GLU A 88 -8.70 15.32 3.33
N ASP A 89 -8.87 16.07 2.25
CA ASP A 89 -8.82 15.51 0.90
C ASP A 89 -7.49 15.82 0.23
N ASP A 90 -6.48 16.15 1.03
CA ASP A 90 -5.15 16.46 0.52
C ASP A 90 -4.11 15.51 1.08
N ASP A 91 -4.44 14.22 1.13
CA ASP A 91 -3.53 13.21 1.65
C ASP A 91 -2.39 12.96 0.68
N VAL A 92 -1.16 13.23 1.13
CA VAL A 92 0.02 13.03 0.30
C VAL A 92 0.83 11.83 0.77
N ILE A 93 1.55 11.21 -0.16
CA ILE A 93 2.38 10.05 0.16
C ILE A 93 3.61 9.99 -0.72
N ASP A 94 4.79 10.04 -0.10
CA ASP A 94 6.05 9.99 -0.83
C ASP A 94 6.62 8.58 -0.81
N ALA A 95 6.77 8.00 -2.00
CA ALA A 95 7.32 6.65 -2.12
C ALA A 95 8.83 6.68 -2.33
N MET A 96 9.57 6.31 -1.29
CA MET A 96 11.03 6.29 -1.36
C MET A 96 11.56 4.87 -1.41
N VAL A 97 12.75 4.70 -1.99
CA VAL A 97 13.36 3.39 -2.10
C VAL A 97 14.30 3.12 -0.93
N GLU A 98 14.01 2.04 -0.19
CA GLU A 98 14.83 1.67 0.96
C GLU A 98 14.80 0.17 1.19
N GLN A 99 15.98 -0.44 1.27
CA GLN A 99 16.09 -1.88 1.47
C GLN A 99 15.37 -2.65 0.38
N THR A 100 16.11 -3.05 -0.65
CA THR A 100 15.54 -3.79 -1.77
C THR A 100 15.92 -5.27 -1.69
N GLY A 101 14.94 -6.14 -1.92
CA GLY A 101 15.20 -7.57 -1.88
C GLY A 101 13.96 -8.39 -2.16
N GLY A 102 14.14 -9.59 -2.69
CA GLY A 102 13.02 -10.45 -3.00
C GLY A 102 13.41 -11.61 -3.90
N MET A 1 35.36 -7.98 -4.27
CA MET A 1 35.49 -7.95 -2.82
C MET A 1 34.81 -6.71 -2.24
N SER A 2 33.58 -6.87 -1.76
CA SER A 2 32.83 -5.77 -1.19
C SER A 2 31.53 -6.27 -0.55
N ASN A 3 31.00 -5.49 0.38
CA ASN A 3 29.77 -5.85 1.07
C ASN A 3 29.35 -4.75 2.05
N ASN A 4 28.09 -4.36 1.99
CA ASN A 4 27.56 -3.33 2.87
C ASN A 4 26.06 -3.14 2.66
N GLY A 5 25.43 -2.42 3.59
CA GLY A 5 24.00 -2.19 3.49
C GLY A 5 23.37 -1.79 4.82
N GLY A 6 22.10 -1.42 4.79
CA GLY A 6 21.42 -1.02 6.01
C GLY A 6 20.53 0.19 5.81
N GLU A 7 19.23 0.00 6.01
CA GLU A 7 18.27 1.09 5.85
C GLU A 7 17.47 1.30 7.13
N PRO A 8 16.87 2.50 7.26
CA PRO A 8 16.07 2.86 8.42
C PRO A 8 14.76 2.08 8.50
N SER A 9 13.95 2.39 9.51
CA SER A 9 12.68 1.70 9.71
C SER A 9 11.65 2.65 10.32
N ASN A 10 10.73 3.14 9.50
CA ASN A 10 9.69 4.04 9.96
C ASN A 10 8.75 3.33 10.93
N ASN A 11 8.15 4.11 11.84
CA ASN A 11 7.21 3.56 12.82
C ASN A 11 6.29 4.64 13.35
N GLY A 12 5.82 5.50 12.46
CA GLY A 12 4.92 6.57 12.86
C GLY A 12 3.48 6.30 12.49
N GLY A 13 3.09 5.03 12.56
CA GLY A 13 1.73 4.65 12.22
C GLY A 13 0.75 4.97 13.32
N GLU A 14 1.04 4.49 14.53
CA GLU A 14 0.17 4.72 15.68
C GLU A 14 -1.23 4.19 15.42
N GLY A 15 -2.10 4.33 16.41
CA GLY A 15 -3.47 3.85 16.28
C GLY A 15 -4.46 5.00 16.13
N ALA A 16 -5.48 4.79 15.31
CA ALA A 16 -6.51 5.80 15.09
C ALA A 16 -7.90 5.18 15.06
N GLU A 17 -8.92 6.03 14.93
CA GLU A 17 -10.29 5.55 14.89
C GLU A 17 -10.89 5.73 13.49
N GLY A 18 -12.13 5.30 13.32
CA GLY A 18 -12.79 5.41 12.04
C GLY A 18 -13.95 6.39 12.06
N THR A 19 -14.05 7.22 11.03
CA THR A 19 -15.12 8.20 10.94
C THR A 19 -15.59 8.37 9.50
N CYS A 20 -16.82 8.86 9.35
CA CYS A 20 -17.39 9.07 8.02
C CYS A 20 -17.27 10.54 7.61
N LYS A 21 -17.58 10.81 6.34
CA LYS A 21 -17.50 12.17 5.82
C LYS A 21 -18.29 12.29 4.51
N GLU A 22 -18.42 13.52 4.02
CA GLU A 22 -19.15 13.78 2.79
C GLU A 22 -18.33 13.32 1.57
N GLU A 23 -18.80 13.69 0.38
CA GLU A 23 -18.12 13.33 -0.86
C GLU A 23 -16.91 14.23 -1.09
N THR A 24 -15.92 14.12 -0.22
CA THR A 24 -14.71 14.92 -0.32
C THR A 24 -13.58 14.32 0.51
N ALA A 25 -12.42 14.11 -0.12
CA ALA A 25 -11.27 13.55 0.56
C ALA A 25 -10.02 13.65 -0.30
N LEU A 26 -8.88 13.89 0.33
CA LEU A 26 -7.61 14.01 -0.38
C LEU A 26 -6.49 13.32 0.40
N VAL A 27 -5.96 12.24 -0.18
CA VAL A 27 -4.88 11.50 0.45
C VAL A 27 -3.93 10.91 -0.59
N ALA A 28 -2.64 10.95 -0.30
CA ALA A 28 -1.64 10.42 -1.21
C ALA A 28 -1.20 9.02 -0.79
N VAL A 29 -1.05 8.13 -1.77
CA VAL A 29 -0.64 6.76 -1.51
C VAL A 29 0.55 6.37 -2.37
N LYS A 30 1.52 5.69 -1.77
CA LYS A 30 2.71 5.26 -2.48
C LYS A 30 2.91 3.75 -2.34
N VAL A 31 2.98 3.05 -3.47
CA VAL A 31 3.17 1.62 -3.48
C VAL A 31 4.61 1.25 -3.80
N VAL A 32 5.24 0.48 -2.91
CA VAL A 32 6.62 0.07 -3.10
C VAL A 32 6.71 -1.45 -3.29
N ASN A 33 7.73 -1.89 -4.03
CA ASN A 33 7.93 -3.31 -4.27
C ASN A 33 9.35 -3.73 -3.88
N ALA A 34 9.50 -5.01 -3.53
CA ALA A 34 10.78 -5.54 -3.13
C ALA A 34 11.86 -5.25 -4.18
N ASP A 35 11.47 -5.38 -5.45
CA ASP A 35 12.39 -5.13 -6.56
C ASP A 35 12.80 -3.66 -6.60
N GLY A 36 11.96 -2.80 -6.05
CA GLY A 36 12.24 -1.37 -6.04
C GLY A 36 11.19 -0.56 -6.77
N ALA A 37 10.62 -1.13 -7.82
CA ALA A 37 9.59 -0.45 -8.59
C ALA A 37 8.48 0.07 -7.69
N GLU A 38 8.36 1.39 -7.61
CA GLU A 38 7.34 2.02 -6.79
C GLU A 38 6.68 3.19 -7.52
N MET A 39 5.53 3.62 -7.02
CA MET A 39 4.80 4.73 -7.62
C MET A 39 3.77 5.31 -6.65
N PHE A 40 3.77 6.63 -6.53
CA PHE A 40 2.85 7.31 -5.63
C PHE A 40 1.98 8.30 -6.39
N PHE A 41 0.78 8.56 -5.86
CA PHE A 41 -0.15 9.49 -6.50
C PHE A 41 -1.17 9.99 -5.49
N ARG A 42 -1.79 11.13 -5.80
CA ARG A 42 -2.79 11.73 -4.93
C ARG A 42 -4.20 11.40 -5.41
N ILE A 43 -5.04 10.93 -4.49
CA ILE A 43 -6.42 10.59 -4.83
C ILE A 43 -7.29 10.54 -3.58
N LYS A 44 -8.60 10.60 -3.78
CA LYS A 44 -9.55 10.57 -2.68
C LYS A 44 -9.38 9.29 -1.86
N SER A 45 -9.35 9.44 -0.54
CA SER A 45 -9.18 8.30 0.35
C SER A 45 -10.23 7.23 0.05
N ARG A 46 -11.38 7.65 -0.44
CA ARG A 46 -12.46 6.73 -0.76
C ARG A 46 -11.99 5.67 -1.75
N THR A 47 -10.95 5.99 -2.51
CA THR A 47 -10.41 5.06 -3.50
C THR A 47 -8.94 5.38 -3.79
N ALA A 48 -8.05 4.51 -3.34
CA ALA A 48 -6.62 4.69 -3.56
C ALA A 48 -5.90 3.34 -3.66
N LEU A 49 -5.97 2.57 -2.58
CA LEU A 49 -5.32 1.26 -2.55
C LEU A 49 -5.98 0.30 -3.54
N LYS A 50 -7.24 0.54 -3.84
CA LYS A 50 -7.98 -0.29 -4.78
C LYS A 50 -7.47 -0.10 -6.20
N LYS A 51 -7.36 1.17 -6.62
CA LYS A 51 -6.87 1.48 -7.96
C LYS A 51 -5.37 1.21 -8.07
N LEU A 52 -4.67 1.33 -6.95
CA LEU A 52 -3.22 1.10 -6.93
C LEU A 52 -2.91 -0.39 -7.12
N ILE A 53 -3.54 -1.23 -6.31
CA ILE A 53 -3.33 -2.67 -6.39
C ILE A 53 -3.93 -3.24 -7.67
N ASP A 54 -5.02 -2.63 -8.13
CA ASP A 54 -5.70 -3.08 -9.34
C ASP A 54 -4.84 -2.80 -10.58
N THR A 55 -4.29 -1.59 -10.64
CA THR A 55 -3.46 -1.20 -11.77
C THR A 55 -2.10 -1.91 -11.72
N TYR A 56 -1.58 -2.08 -10.51
CA TYR A 56 -0.29 -2.75 -10.33
C TYR A 56 -0.37 -4.21 -10.74
N CYS A 57 -1.42 -4.88 -10.29
CA CYS A 57 -1.61 -6.29 -10.61
C CYS A 57 -1.96 -6.48 -12.09
N LYS A 58 -2.81 -5.60 -12.60
CA LYS A 58 -3.22 -5.66 -14.00
C LYS A 58 -2.04 -5.34 -14.93
N LYS A 59 -1.25 -4.34 -14.55
CA LYS A 59 -0.10 -3.93 -15.35
C LYS A 59 0.96 -5.02 -15.35
N GLN A 60 1.26 -5.56 -14.17
CA GLN A 60 2.27 -6.62 -14.04
C GLN A 60 1.85 -7.86 -14.82
N GLY A 61 0.56 -7.96 -15.13
CA GLY A 61 0.06 -9.10 -15.85
C GLY A 61 -0.23 -10.29 -14.96
N ILE A 62 -0.56 -10.00 -13.70
CA ILE A 62 -0.86 -11.07 -12.74
C ILE A 62 -2.00 -10.65 -11.82
N SER A 63 -2.92 -11.58 -11.59
CA SER A 63 -4.07 -11.32 -10.73
C SER A 63 -3.62 -10.92 -9.32
N ARG A 64 -4.57 -10.51 -8.50
CA ARG A 64 -4.27 -10.09 -7.13
C ARG A 64 -4.27 -11.29 -6.19
N ASN A 65 -3.51 -12.32 -6.56
CA ASN A 65 -3.41 -13.53 -5.75
C ASN A 65 -1.96 -13.95 -5.56
N SER A 66 -1.07 -12.96 -5.56
CA SER A 66 0.36 -13.22 -5.39
C SER A 66 1.09 -11.96 -4.96
N VAL A 67 0.40 -11.09 -4.22
CA VAL A 67 0.98 -9.85 -3.73
C VAL A 67 0.29 -9.37 -2.46
N ARG A 68 1.06 -9.27 -1.38
CA ARG A 68 0.52 -8.83 -0.11
C ARG A 68 0.92 -7.38 0.18
N PHE A 69 -0.05 -6.48 0.13
CA PHE A 69 0.20 -5.07 0.38
C PHE A 69 0.00 -4.74 1.86
N LEU A 70 1.10 -4.45 2.55
CA LEU A 70 1.06 -4.12 3.97
C LEU A 70 1.47 -2.68 4.20
N PHE A 71 0.93 -2.07 5.26
CA PHE A 71 1.26 -0.68 5.60
C PHE A 71 1.75 -0.57 7.03
N ASP A 72 3.05 -0.33 7.20
CA ASP A 72 3.64 -0.21 8.52
C ASP A 72 3.42 -1.47 9.34
N GLY A 73 3.17 -2.58 8.65
CA GLY A 73 2.93 -3.84 9.33
C GLY A 73 1.48 -4.28 9.27
N THR A 74 0.69 -3.56 8.49
CA THR A 74 -0.73 -3.87 8.35
C THR A 74 -1.03 -4.46 6.98
N PRO A 75 -0.90 -5.79 6.85
CA PRO A 75 -1.15 -6.50 5.59
C PRO A 75 -2.63 -6.51 5.23
N ILE A 76 -3.03 -5.60 4.37
CA ILE A 76 -4.42 -5.51 3.94
C ILE A 76 -4.53 -4.94 2.53
N ASP A 77 -5.50 -5.44 1.77
CA ASP A 77 -5.70 -4.98 0.40
C ASP A 77 -7.05 -4.26 0.27
N GLU A 78 -7.05 -2.95 0.48
CA GLU A 78 -8.26 -2.15 0.39
C GLU A 78 -7.97 -0.68 0.64
N THR A 79 -8.93 0.17 0.31
CA THR A 79 -8.77 1.62 0.50
C THR A 79 -9.70 2.13 1.59
N LYS A 80 -9.91 1.31 2.61
CA LYS A 80 -10.77 1.67 3.73
C LYS A 80 -10.15 1.27 5.06
N THR A 81 -9.53 0.08 5.09
CA THR A 81 -8.91 -0.42 6.29
C THR A 81 -7.65 0.39 6.64
N PRO A 82 -6.70 0.42 5.69
CA PRO A 82 -5.44 1.15 5.87
C PRO A 82 -5.65 2.67 5.87
N GLU A 83 -6.68 3.12 5.17
CA GLU A 83 -6.98 4.55 5.09
C GLU A 83 -7.61 5.04 6.39
N GLU A 84 -8.46 4.22 6.98
CA GLU A 84 -9.13 4.57 8.23
C GLU A 84 -8.21 4.35 9.43
N LEU A 85 -7.24 3.45 9.26
CA LEU A 85 -6.29 3.16 10.33
C LEU A 85 -5.15 4.16 10.33
N GLY A 86 -4.78 4.64 9.14
CA GLY A 86 -3.70 5.60 9.04
C GLY A 86 -4.18 7.03 9.25
N MET A 87 -5.24 7.41 8.55
CA MET A 87 -5.79 8.75 8.66
C MET A 87 -4.75 9.80 8.26
N GLU A 88 -4.12 9.59 7.11
CA GLU A 88 -3.11 10.51 6.61
C GLU A 88 -3.00 10.44 5.10
N ASP A 89 -2.35 11.42 4.50
CA ASP A 89 -2.16 11.47 3.06
C ASP A 89 -0.84 10.81 2.66
N ASP A 90 -0.26 10.06 3.58
CA ASP A 90 1.00 9.38 3.33
C ASP A 90 0.85 7.87 3.49
N ASP A 91 -0.24 7.33 2.96
CA ASP A 91 -0.51 5.90 3.06
C ASP A 91 0.43 5.11 2.14
N VAL A 92 1.33 4.34 2.74
CA VAL A 92 2.28 3.55 1.98
C VAL A 92 1.94 2.06 2.07
N ILE A 93 2.13 1.36 0.95
CA ILE A 93 1.84 -0.07 0.89
C ILE A 93 2.94 -0.83 0.14
N ASP A 94 3.57 -1.76 0.82
CA ASP A 94 4.64 -2.56 0.21
C ASP A 94 4.13 -3.95 -0.16
N ALA A 95 4.24 -4.28 -1.44
CA ALA A 95 3.79 -5.58 -1.93
C ALA A 95 4.90 -6.62 -1.81
N MET A 96 4.67 -7.62 -0.96
CA MET A 96 5.65 -8.68 -0.75
C MET A 96 5.09 -10.03 -1.19
N VAL A 97 5.99 -10.94 -1.56
CA VAL A 97 5.58 -12.28 -2.01
C VAL A 97 5.73 -13.29 -0.88
N GLU A 98 4.72 -14.14 -0.74
CA GLU A 98 4.73 -15.17 0.30
C GLU A 98 5.38 -16.45 -0.21
N GLN A 99 6.70 -16.45 -0.31
CA GLN A 99 7.44 -17.61 -0.78
C GLN A 99 7.07 -17.94 -2.22
N THR A 100 7.66 -19.00 -2.76
CA THR A 100 7.40 -19.42 -4.13
C THR A 100 6.03 -20.07 -4.25
N GLY A 101 5.40 -19.92 -5.41
CA GLY A 101 4.09 -20.51 -5.63
C GLY A 101 3.32 -19.80 -6.73
N GLY A 102 3.99 -19.53 -7.84
CA GLY A 102 3.34 -18.85 -8.95
C GLY A 102 4.27 -17.89 -9.68
N MET A 1 -13.62 -33.92 -18.51
CA MET A 1 -12.62 -33.26 -17.68
C MET A 1 -12.32 -31.86 -18.22
N SER A 2 -12.43 -30.86 -17.36
CA SER A 2 -12.16 -29.48 -17.75
C SER A 2 -12.34 -28.53 -16.57
N ASN A 3 -11.22 -28.10 -16.00
CA ASN A 3 -11.25 -27.18 -14.86
C ASN A 3 -11.00 -25.76 -15.30
N ASN A 4 -12.06 -24.95 -15.34
CA ASN A 4 -11.94 -23.56 -15.74
C ASN A 4 -11.44 -22.68 -14.59
N GLY A 5 -10.87 -21.53 -14.92
CA GLY A 5 -10.37 -20.64 -13.90
C GLY A 5 -11.37 -19.57 -13.52
N GLY A 6 -11.00 -18.75 -12.54
CA GLY A 6 -11.89 -17.69 -12.09
C GLY A 6 -11.76 -16.43 -12.92
N GLU A 7 -12.69 -15.50 -12.72
CA GLU A 7 -12.67 -14.24 -13.46
C GLU A 7 -12.54 -13.05 -12.51
N PRO A 8 -12.11 -11.90 -13.05
CA PRO A 8 -11.93 -10.67 -12.27
C PRO A 8 -13.26 -10.08 -11.82
N SER A 9 -13.18 -9.09 -10.93
CA SER A 9 -14.37 -8.44 -10.40
C SER A 9 -14.14 -6.95 -10.20
N ASN A 10 -14.09 -6.21 -11.30
CA ASN A 10 -13.86 -4.77 -11.26
C ASN A 10 -15.18 -4.01 -11.24
N ASN A 11 -15.11 -2.71 -11.03
CA ASN A 11 -16.31 -1.87 -11.00
C ASN A 11 -17.28 -2.34 -9.92
N GLY A 12 -17.07 -1.88 -8.69
CA GLY A 12 -17.93 -2.27 -7.60
C GLY A 12 -18.98 -1.21 -7.28
N GLY A 13 -18.64 0.05 -7.51
CA GLY A 13 -19.57 1.12 -7.24
C GLY A 13 -18.87 2.41 -6.86
N GLU A 14 -18.38 3.15 -7.85
CA GLU A 14 -17.69 4.40 -7.62
C GLU A 14 -18.56 5.37 -6.83
N GLY A 15 -18.06 5.82 -5.67
CA GLY A 15 -18.81 6.74 -4.85
C GLY A 15 -17.93 7.45 -3.83
N ALA A 16 -18.53 7.81 -2.70
CA ALA A 16 -17.81 8.50 -1.64
C ALA A 16 -18.39 8.17 -0.27
N GLU A 17 -18.91 6.96 -0.12
CA GLU A 17 -19.50 6.52 1.13
C GLU A 17 -18.64 5.47 1.80
N GLY A 18 -18.58 5.51 3.13
CA GLY A 18 -17.78 4.55 3.87
C GLY A 18 -18.17 4.49 5.34
N THR A 19 -19.24 3.78 5.64
CA THR A 19 -19.71 3.65 7.02
C THR A 19 -19.61 2.21 7.50
N CYS A 20 -18.39 1.77 7.80
CA CYS A 20 -18.16 0.41 8.26
C CYS A 20 -18.66 -0.60 7.25
N LYS A 21 -18.57 -1.89 7.61
CA LYS A 21 -19.01 -2.96 6.73
C LYS A 21 -18.31 -2.88 5.38
N GLU A 22 -18.72 -3.74 4.45
CA GLU A 22 -18.15 -3.76 3.12
C GLU A 22 -18.73 -2.64 2.24
N GLU A 23 -17.88 -2.06 1.40
CA GLU A 23 -18.31 -0.99 0.52
C GLU A 23 -17.25 -0.69 -0.54
N THR A 24 -17.60 0.17 -1.49
CA THR A 24 -16.68 0.53 -2.56
C THR A 24 -16.19 1.97 -2.40
N ALA A 25 -14.91 2.19 -2.70
CA ALA A 25 -14.32 3.52 -2.59
C ALA A 25 -13.01 3.60 -3.37
N LEU A 26 -12.55 4.81 -3.61
CA LEU A 26 -11.29 5.03 -4.33
C LEU A 26 -10.39 5.99 -3.58
N VAL A 27 -9.14 5.58 -3.38
CA VAL A 27 -8.16 6.42 -2.67
C VAL A 27 -6.84 6.48 -3.43
N ALA A 28 -6.31 7.68 -3.58
CA ALA A 28 -5.04 7.87 -4.28
C ALA A 28 -3.86 7.75 -3.32
N VAL A 29 -2.82 7.05 -3.75
CA VAL A 29 -1.63 6.86 -2.94
C VAL A 29 -0.40 7.48 -3.61
N LYS A 30 0.49 8.03 -2.79
CA LYS A 30 1.71 8.65 -3.30
C LYS A 30 2.91 8.30 -2.42
N VAL A 31 3.80 7.49 -2.96
CA VAL A 31 5.00 7.08 -2.24
C VAL A 31 6.23 7.85 -2.71
N VAL A 32 6.97 8.42 -1.76
CA VAL A 32 8.17 9.17 -2.08
C VAL A 32 9.38 8.65 -1.30
N ASN A 33 10.57 8.91 -1.84
CA ASN A 33 11.81 8.45 -1.20
C ASN A 33 12.81 9.60 -1.08
N ALA A 34 13.68 9.52 -0.09
CA ALA A 34 14.69 10.55 0.12
C ALA A 34 15.64 10.63 -1.07
N ASP A 35 15.75 9.54 -1.82
CA ASP A 35 16.62 9.50 -2.98
C ASP A 35 15.96 10.18 -4.18
N GLY A 36 14.64 10.21 -4.18
CA GLY A 36 13.91 10.82 -5.26
C GLY A 36 12.85 9.90 -5.85
N ALA A 37 13.15 8.60 -5.88
CA ALA A 37 12.22 7.62 -6.41
C ALA A 37 10.84 7.75 -5.78
N GLU A 38 9.83 7.98 -6.62
CA GLU A 38 8.46 8.14 -6.14
C GLU A 38 7.46 7.75 -7.22
N MET A 39 6.21 7.53 -6.81
CA MET A 39 5.16 7.15 -7.74
C MET A 39 3.79 7.24 -7.09
N PHE A 40 2.79 7.64 -7.86
CA PHE A 40 1.43 7.77 -7.34
C PHE A 40 0.44 7.03 -8.23
N PHE A 41 -0.61 6.47 -7.62
CA PHE A 41 -1.62 5.74 -8.37
C PHE A 41 -2.92 5.65 -7.57
N ARG A 42 -4.05 5.63 -8.28
CA ARG A 42 -5.35 5.55 -7.63
C ARG A 42 -5.79 4.11 -7.48
N ILE A 43 -6.02 3.68 -6.24
CA ILE A 43 -6.44 2.32 -5.96
C ILE A 43 -7.47 2.28 -4.84
N LYS A 44 -8.31 1.26 -4.84
CA LYS A 44 -9.34 1.10 -3.82
C LYS A 44 -8.74 1.12 -2.42
N SER A 45 -9.34 1.90 -1.53
CA SER A 45 -8.85 2.01 -0.16
C SER A 45 -8.65 0.62 0.46
N ARG A 46 -9.48 -0.33 0.03
CA ARG A 46 -9.39 -1.69 0.54
C ARG A 46 -7.96 -2.22 0.43
N THR A 47 -7.24 -1.75 -0.56
CA THR A 47 -5.86 -2.19 -0.78
C THR A 47 -5.08 -1.14 -1.57
N ALA A 48 -3.94 -0.72 -1.02
CA ALA A 48 -3.09 0.28 -1.65
C ALA A 48 -1.67 0.23 -1.11
N LEU A 49 -1.55 0.42 0.20
CA LEU A 49 -0.23 0.39 0.85
C LEU A 49 0.42 -0.97 0.72
N LYS A 50 -0.41 -2.01 0.61
CA LYS A 50 0.09 -3.37 0.47
C LYS A 50 0.86 -3.55 -0.83
N LYS A 51 0.19 -3.25 -1.95
CA LYS A 51 0.81 -3.37 -3.26
C LYS A 51 1.90 -2.31 -3.45
N LEU A 52 1.74 -1.19 -2.77
CA LEU A 52 2.72 -0.11 -2.86
C LEU A 52 4.05 -0.53 -2.26
N ILE A 53 4.02 -1.03 -1.03
CA ILE A 53 5.23 -1.47 -0.35
C ILE A 53 5.78 -2.75 -0.98
N ASP A 54 4.88 -3.58 -1.49
CA ASP A 54 5.27 -4.84 -2.12
C ASP A 54 5.94 -4.59 -3.46
N THR A 55 5.33 -3.74 -4.27
CA THR A 55 5.86 -3.40 -5.59
C THR A 55 7.14 -2.59 -5.47
N TYR A 56 7.17 -1.68 -4.50
CA TYR A 56 8.33 -0.83 -4.29
C TYR A 56 9.53 -1.65 -3.82
N CYS A 57 9.31 -2.45 -2.77
CA CYS A 57 10.37 -3.29 -2.23
C CYS A 57 10.84 -4.32 -3.25
N LYS A 58 9.90 -4.89 -3.97
CA LYS A 58 10.21 -5.90 -4.99
C LYS A 58 10.94 -5.25 -6.18
N LYS A 59 10.48 -4.07 -6.57
CA LYS A 59 11.08 -3.35 -7.69
C LYS A 59 12.54 -3.00 -7.39
N GLN A 60 12.78 -2.47 -6.19
CA GLN A 60 14.13 -2.10 -5.79
C GLN A 60 15.03 -3.33 -5.68
N GLY A 61 14.41 -4.50 -5.56
CA GLY A 61 15.16 -5.73 -5.44
C GLY A 61 15.58 -6.03 -4.02
N ILE A 62 14.76 -5.59 -3.07
CA ILE A 62 15.05 -5.81 -1.65
C ILE A 62 13.78 -6.15 -0.89
N SER A 63 13.88 -7.15 -0.01
CA SER A 63 12.73 -7.58 0.79
C SER A 63 12.18 -6.42 1.62
N ARG A 64 11.05 -6.66 2.28
CA ARG A 64 10.42 -5.64 3.10
C ARG A 64 11.04 -5.60 4.49
N ASN A 65 12.36 -5.49 4.53
CA ASN A 65 13.08 -5.44 5.80
C ASN A 65 14.18 -4.38 5.77
N SER A 66 13.99 -3.37 4.92
CA SER A 66 14.97 -2.30 4.79
C SER A 66 14.30 -1.02 4.28
N VAL A 67 12.99 -0.91 4.52
CA VAL A 67 12.24 0.26 4.09
C VAL A 67 11.13 0.59 5.08
N ARG A 68 11.17 1.81 5.63
CA ARG A 68 10.18 2.25 6.59
C ARG A 68 9.17 3.20 5.95
N PHE A 69 7.95 2.72 5.77
CA PHE A 69 6.89 3.52 5.16
C PHE A 69 6.06 4.22 6.23
N LEU A 70 6.25 5.54 6.35
CA LEU A 70 5.52 6.32 7.33
C LEU A 70 4.68 7.40 6.66
N PHE A 71 3.54 7.71 7.24
CA PHE A 71 2.64 8.72 6.70
C PHE A 71 2.49 9.90 7.65
N ASP A 72 3.13 11.01 7.32
CA ASP A 72 3.06 12.21 8.15
C ASP A 72 3.52 11.90 9.58
N GLY A 73 4.34 10.87 9.72
CA GLY A 73 4.83 10.49 11.03
C GLY A 73 4.23 9.20 11.53
N THR A 74 3.49 8.52 10.67
CA THR A 74 2.84 7.26 11.02
C THR A 74 3.52 6.07 10.33
N PRO A 75 4.61 5.58 10.92
CA PRO A 75 5.36 4.44 10.38
C PRO A 75 4.59 3.13 10.48
N ILE A 76 3.93 2.76 9.39
CA ILE A 76 3.15 1.53 9.34
C ILE A 76 3.15 0.92 7.95
N ASP A 77 3.19 -0.41 7.89
CA ASP A 77 3.19 -1.10 6.61
C ASP A 77 1.93 -1.94 6.45
N GLU A 78 0.89 -1.34 5.88
CA GLU A 78 -0.38 -2.03 5.67
C GLU A 78 -1.40 -1.11 4.99
N THR A 79 -2.44 -1.70 4.42
CA THR A 79 -3.47 -0.94 3.74
C THR A 79 -4.75 -0.88 4.58
N LYS A 80 -4.61 -1.18 5.86
CA LYS A 80 -5.75 -1.16 6.78
C LYS A 80 -5.53 -0.16 7.91
N THR A 81 -4.27 -0.06 8.36
CA THR A 81 -3.92 0.85 9.43
C THR A 81 -4.08 2.31 8.99
N PRO A 82 -3.32 2.71 7.96
CA PRO A 82 -3.36 4.07 7.42
C PRO A 82 -4.67 4.37 6.70
N GLU A 83 -5.35 3.31 6.26
CA GLU A 83 -6.61 3.46 5.55
C GLU A 83 -7.75 3.79 6.52
N GLU A 84 -7.82 3.03 7.61
CA GLU A 84 -8.86 3.23 8.61
C GLU A 84 -8.57 4.49 9.45
N LEU A 85 -7.30 4.73 9.70
CA LEU A 85 -6.88 5.90 10.49
C LEU A 85 -6.95 7.17 9.64
N GLY A 86 -6.64 7.04 8.35
CA GLY A 86 -6.66 8.17 7.46
C GLY A 86 -8.01 8.38 6.81
N MET A 87 -8.42 7.40 5.99
CA MET A 87 -9.70 7.48 5.31
C MET A 87 -9.73 8.65 4.32
N GLU A 88 -8.69 8.73 3.49
CA GLU A 88 -8.59 9.80 2.50
C GLU A 88 -7.92 9.30 1.23
N ASP A 89 -8.16 10.01 0.12
CA ASP A 89 -7.58 9.63 -1.16
C ASP A 89 -6.18 10.24 -1.32
N ASP A 90 -5.65 10.77 -0.23
CA ASP A 90 -4.32 11.38 -0.25
C ASP A 90 -3.36 10.61 0.66
N ASP A 91 -3.42 9.28 0.59
CA ASP A 91 -2.56 8.44 1.41
C ASP A 91 -1.13 8.44 0.88
N VAL A 92 -0.25 9.16 1.58
CA VAL A 92 1.15 9.25 1.18
C VAL A 92 2.05 8.47 2.13
N ILE A 93 3.18 8.02 1.62
CA ILE A 93 4.12 7.25 2.42
C ILE A 93 5.56 7.55 2.02
N ASP A 94 6.35 8.01 2.98
CA ASP A 94 7.75 8.35 2.73
C ASP A 94 8.66 7.23 3.20
N ALA A 95 9.24 6.49 2.25
CA ALA A 95 10.13 5.39 2.57
C ALA A 95 11.49 5.91 3.03
N MET A 96 11.84 5.60 4.28
CA MET A 96 13.12 6.04 4.85
C MET A 96 13.96 4.84 5.26
N VAL A 97 15.27 5.03 5.28
CA VAL A 97 16.19 3.96 5.66
C VAL A 97 16.61 4.10 7.12
N GLU A 98 16.25 3.10 7.93
CA GLU A 98 16.58 3.11 9.35
C GLU A 98 16.79 1.69 9.87
N GLN A 99 17.20 0.79 8.98
CA GLN A 99 17.43 -0.60 9.34
C GLN A 99 18.56 -1.21 8.51
N THR A 100 19.07 -2.34 8.96
CA THR A 100 20.15 -3.03 8.25
C THR A 100 19.90 -4.53 8.19
N GLY A 101 19.50 -5.01 7.03
CA GLY A 101 19.25 -6.43 6.86
C GLY A 101 19.66 -6.94 5.50
N GLY A 102 18.77 -6.82 4.53
CA GLY A 102 19.08 -7.28 3.18
C GLY A 102 18.72 -6.26 2.12
N MET A 1 23.77 25.94 -17.44
CA MET A 1 24.55 24.75 -17.12
C MET A 1 24.55 24.48 -15.63
N SER A 2 23.53 23.79 -15.15
CA SER A 2 23.42 23.46 -13.72
C SER A 2 23.21 21.97 -13.52
N ASN A 3 23.96 21.40 -12.59
CA ASN A 3 23.86 19.97 -12.29
C ASN A 3 22.54 19.65 -11.60
N ASN A 4 21.83 18.66 -12.13
CA ASN A 4 20.54 18.25 -11.57
C ASN A 4 20.74 17.26 -10.44
N GLY A 5 20.42 17.69 -9.22
CA GLY A 5 20.57 16.82 -8.06
C GLY A 5 19.82 17.35 -6.85
N GLY A 6 19.52 16.44 -5.91
CA GLY A 6 18.80 16.84 -4.71
C GLY A 6 19.41 16.25 -3.46
N GLU A 7 18.90 16.66 -2.30
CA GLU A 7 19.40 16.17 -1.03
C GLU A 7 18.58 14.97 -0.55
N PRO A 8 19.17 14.19 0.38
CA PRO A 8 18.51 13.00 0.93
C PRO A 8 17.33 13.36 1.83
N SER A 9 16.45 12.39 2.06
CA SER A 9 15.29 12.60 2.90
C SER A 9 14.62 11.27 3.24
N ASN A 10 14.56 10.96 4.54
CA ASN A 10 13.96 9.72 5.00
C ASN A 10 12.46 9.89 5.20
N ASN A 11 12.07 10.66 6.21
CA ASN A 11 10.67 10.90 6.50
C ASN A 11 9.93 9.59 6.78
N GLY A 12 9.81 9.24 8.05
CA GLY A 12 9.12 8.02 8.43
C GLY A 12 8.27 8.18 9.66
N GLY A 13 7.25 9.02 9.57
CA GLY A 13 6.37 9.25 10.69
C GLY A 13 5.39 10.39 10.45
N GLU A 14 5.86 11.62 10.64
CA GLU A 14 5.01 12.79 10.44
C GLU A 14 3.79 12.74 11.34
N GLY A 15 2.92 13.74 11.20
CA GLY A 15 1.72 13.80 12.02
C GLY A 15 0.47 13.47 11.23
N ALA A 16 -0.49 12.81 11.88
CA ALA A 16 -1.74 12.44 11.22
C ALA A 16 -2.93 13.07 11.92
N GLU A 17 -3.32 14.26 11.46
CA GLU A 17 -4.45 14.96 12.05
C GLU A 17 -5.30 15.62 10.97
N GLY A 18 -6.61 15.62 11.17
CA GLY A 18 -7.51 16.21 10.20
C GLY A 18 -8.23 15.17 9.37
N THR A 19 -9.35 15.57 8.77
CA THR A 19 -10.13 14.67 7.93
C THR A 19 -10.51 15.33 6.61
N CYS A 20 -11.36 16.34 6.68
CA CYS A 20 -11.81 17.06 5.48
C CYS A 20 -12.40 16.09 4.47
N LYS A 21 -13.70 15.83 4.61
CA LYS A 21 -14.39 14.92 3.71
C LYS A 21 -14.73 15.61 2.39
N GLU A 22 -14.77 14.84 1.32
CA GLU A 22 -15.07 15.38 -0.01
C GLU A 22 -14.05 16.44 -0.41
N GLU A 23 -12.85 15.99 -0.76
CA GLU A 23 -11.79 16.91 -1.16
C GLU A 23 -10.69 16.16 -1.94
N THR A 24 -9.60 16.85 -2.21
CA THR A 24 -8.48 16.26 -2.94
C THR A 24 -7.29 16.03 -2.03
N ALA A 25 -6.81 14.79 -1.99
CA ALA A 25 -5.66 14.43 -1.16
C ALA A 25 -4.77 13.41 -1.85
N LEU A 26 -3.56 13.25 -1.35
CA LEU A 26 -2.60 12.31 -1.93
C LEU A 26 -1.96 11.46 -0.83
N VAL A 27 -1.93 10.15 -1.05
CA VAL A 27 -1.34 9.22 -0.09
C VAL A 27 -0.41 8.23 -0.79
N ALA A 28 0.78 8.04 -0.21
CA ALA A 28 1.75 7.11 -0.78
C ALA A 28 1.59 5.72 -0.18
N VAL A 29 1.71 4.70 -1.02
CA VAL A 29 1.59 3.32 -0.57
C VAL A 29 2.87 2.54 -0.82
N LYS A 30 3.19 1.62 0.08
CA LYS A 30 4.38 0.80 -0.05
C LYS A 30 4.06 -0.67 0.17
N VAL A 31 4.15 -1.46 -0.90
CA VAL A 31 3.87 -2.89 -0.83
C VAL A 31 5.15 -3.69 -0.65
N VAL A 32 5.23 -4.45 0.45
CA VAL A 32 6.40 -5.26 0.74
C VAL A 32 6.06 -6.74 0.68
N ASN A 33 7.09 -7.58 0.52
CA ASN A 33 6.91 -9.02 0.45
C ASN A 33 8.09 -9.75 1.07
N ALA A 34 7.85 -10.97 1.55
CA ALA A 34 8.89 -11.77 2.16
C ALA A 34 9.98 -12.12 1.16
N ASP A 35 9.69 -11.91 -0.12
CA ASP A 35 10.64 -12.20 -1.19
C ASP A 35 11.86 -11.28 -1.07
N GLY A 36 11.67 -10.12 -0.46
CA GLY A 36 12.77 -9.18 -0.30
C GLY A 36 12.63 -7.99 -1.23
N ALA A 37 11.49 -7.87 -1.89
CA ALA A 37 11.24 -6.76 -2.80
C ALA A 37 10.20 -5.80 -2.24
N GLU A 38 10.07 -4.64 -2.87
CA GLU A 38 9.11 -3.63 -2.42
C GLU A 38 8.83 -2.63 -3.53
N MET A 39 7.58 -2.18 -3.62
CA MET A 39 7.18 -1.22 -4.64
C MET A 39 6.34 -0.11 -4.03
N PHE A 40 6.78 1.13 -4.20
CA PHE A 40 6.06 2.29 -3.67
C PHE A 40 5.48 3.14 -4.80
N PHE A 41 4.33 3.75 -4.55
CA PHE A 41 3.67 4.58 -5.54
C PHE A 41 2.69 5.54 -4.87
N ARG A 42 2.65 6.78 -5.36
CA ARG A 42 1.76 7.79 -4.80
C ARG A 42 0.41 7.79 -5.55
N ILE A 43 -0.67 7.83 -4.79
CA ILE A 43 -2.01 7.84 -5.38
C ILE A 43 -3.04 8.37 -4.39
N LYS A 44 -4.11 8.94 -4.91
CA LYS A 44 -5.19 9.48 -4.07
C LYS A 44 -5.64 8.45 -3.04
N SER A 45 -5.77 8.89 -1.79
CA SER A 45 -6.19 8.02 -0.71
C SER A 45 -7.48 7.28 -1.08
N ARG A 46 -8.32 7.93 -1.88
CA ARG A 46 -9.59 7.35 -2.31
C ARG A 46 -9.37 5.96 -2.88
N THR A 47 -8.20 5.72 -3.46
CA THR A 47 -7.87 4.44 -4.05
C THR A 47 -6.37 4.21 -4.08
N ALA A 48 -5.92 3.10 -3.49
CA ALA A 48 -4.50 2.77 -3.46
C ALA A 48 -4.29 1.27 -3.33
N LEU A 49 -4.83 0.69 -2.26
CA LEU A 49 -4.70 -0.75 -2.02
C LEU A 49 -5.43 -1.54 -3.10
N LYS A 50 -6.49 -0.96 -3.66
CA LYS A 50 -7.27 -1.61 -4.70
C LYS A 50 -6.45 -1.74 -5.99
N LYS A 51 -5.84 -0.64 -6.40
CA LYS A 51 -5.03 -0.65 -7.62
C LYS A 51 -3.72 -1.39 -7.40
N LEU A 52 -3.25 -1.39 -6.17
CA LEU A 52 -2.01 -2.07 -5.82
C LEU A 52 -2.17 -3.59 -5.88
N ILE A 53 -3.19 -4.10 -5.20
CA ILE A 53 -3.47 -5.53 -5.19
C ILE A 53 -3.97 -6.01 -6.56
N ASP A 54 -4.67 -5.12 -7.25
CA ASP A 54 -5.22 -5.45 -8.56
C ASP A 54 -4.11 -5.50 -9.61
N THR A 55 -3.22 -4.50 -9.56
CA THR A 55 -2.11 -4.42 -10.50
C THR A 55 -1.10 -5.54 -10.26
N TYR A 56 -0.84 -5.82 -8.99
CA TYR A 56 0.12 -6.86 -8.62
C TYR A 56 -0.42 -8.25 -8.98
N CYS A 57 -1.62 -8.54 -8.50
CA CYS A 57 -2.26 -9.83 -8.76
C CYS A 57 -2.41 -10.06 -10.26
N LYS A 58 -2.82 -9.01 -10.97
CA LYS A 58 -3.02 -9.09 -12.41
C LYS A 58 -1.67 -9.18 -13.14
N LYS A 59 -0.65 -8.58 -12.55
CA LYS A 59 0.69 -8.60 -13.14
C LYS A 59 1.28 -10.00 -13.11
N GLN A 60 1.18 -10.66 -11.96
CA GLN A 60 1.71 -12.02 -11.80
C GLN A 60 0.88 -13.01 -12.60
N GLY A 61 -0.34 -12.62 -12.95
CA GLY A 61 -1.21 -13.50 -13.72
C GLY A 61 -2.04 -14.41 -12.83
N ILE A 62 -2.36 -13.94 -11.63
CA ILE A 62 -3.15 -14.71 -10.68
C ILE A 62 -4.20 -13.85 -10.01
N SER A 63 -5.41 -14.40 -9.86
CA SER A 63 -6.50 -13.67 -9.23
C SER A 63 -6.13 -13.25 -7.80
N ARG A 64 -6.99 -12.46 -7.18
CA ARG A 64 -6.75 -11.98 -5.83
C ARG A 64 -7.22 -13.00 -4.81
N ASN A 65 -6.77 -14.25 -4.96
CA ASN A 65 -7.14 -15.32 -4.05
C ASN A 65 -5.94 -16.19 -3.70
N SER A 66 -4.82 -15.53 -3.42
CA SER A 66 -3.59 -16.24 -3.06
C SER A 66 -2.58 -15.29 -2.41
N VAL A 67 -3.10 -14.27 -1.74
CA VAL A 67 -2.24 -13.30 -1.07
C VAL A 67 -3.05 -12.45 -0.09
N ARG A 68 -2.55 -12.32 1.14
CA ARG A 68 -3.23 -11.54 2.16
C ARG A 68 -2.35 -10.36 2.60
N PHE A 69 -2.79 -9.16 2.27
CA PHE A 69 -2.05 -7.96 2.63
C PHE A 69 -2.43 -7.48 4.03
N LEU A 70 -1.43 -7.19 4.85
CA LEU A 70 -1.66 -6.73 6.22
C LEU A 70 -0.82 -5.50 6.53
N PHE A 71 -1.44 -4.51 7.16
CA PHE A 71 -0.74 -3.28 7.52
C PHE A 71 -0.71 -3.09 9.03
N ASP A 72 0.49 -2.83 9.56
CA ASP A 72 0.66 -2.63 11.00
C ASP A 72 0.28 -3.89 11.77
N GLY A 73 0.23 -5.02 11.06
CA GLY A 73 -0.12 -6.28 11.70
C GLY A 73 -1.60 -6.59 11.61
N THR A 74 -2.30 -5.86 10.74
CA THR A 74 -3.73 -6.05 10.55
C THR A 74 -4.04 -6.52 9.13
N PRO A 75 -4.54 -7.75 9.01
CA PRO A 75 -4.90 -8.35 7.71
C PRO A 75 -6.13 -7.67 7.09
N ILE A 76 -5.90 -6.83 6.09
CA ILE A 76 -6.98 -6.14 5.41
C ILE A 76 -6.63 -5.85 3.96
N ASP A 77 -7.57 -6.11 3.07
CA ASP A 77 -7.36 -5.88 1.64
C ASP A 77 -8.40 -4.91 1.09
N GLU A 78 -8.06 -3.63 1.10
CA GLU A 78 -8.97 -2.60 0.59
C GLU A 78 -8.33 -1.22 0.70
N THR A 79 -8.93 -0.24 0.02
CA THR A 79 -8.42 1.12 0.04
C THR A 79 -9.31 2.04 0.87
N LYS A 80 -10.14 1.43 1.72
CA LYS A 80 -11.04 2.18 2.58
C LYS A 80 -10.76 1.90 4.05
N THR A 81 -10.46 0.65 4.36
CA THR A 81 -10.16 0.25 5.73
C THR A 81 -8.89 0.92 6.24
N PRO A 82 -7.77 0.65 5.57
CA PRO A 82 -6.47 1.23 5.93
C PRO A 82 -6.39 2.73 5.65
N GLU A 83 -7.28 3.20 4.78
CA GLU A 83 -7.31 4.61 4.42
C GLU A 83 -7.94 5.44 5.53
N GLU A 84 -9.11 4.99 6.01
CA GLU A 84 -9.82 5.69 7.07
C GLU A 84 -9.15 5.45 8.42
N LEU A 85 -8.60 4.26 8.59
CA LEU A 85 -7.93 3.89 9.83
C LEU A 85 -6.56 4.54 9.92
N GLY A 86 -5.90 4.68 8.77
CA GLY A 86 -4.58 5.29 8.74
C GLY A 86 -4.64 6.79 8.54
N MET A 87 -5.21 7.22 7.42
CA MET A 87 -5.32 8.63 7.11
C MET A 87 -3.94 9.27 6.96
N GLU A 88 -3.03 8.55 6.32
CA GLU A 88 -1.67 9.05 6.11
C GLU A 88 -1.15 8.66 4.73
N ASP A 89 -0.12 9.35 4.28
CA ASP A 89 0.48 9.07 2.97
C ASP A 89 1.56 8.01 3.09
N ASP A 90 1.56 7.27 4.20
CA ASP A 90 2.54 6.23 4.43
C ASP A 90 1.86 4.87 4.65
N ASP A 91 0.85 4.59 3.83
CA ASP A 91 0.11 3.33 3.93
C ASP A 91 0.94 2.18 3.41
N VAL A 92 1.34 1.28 4.31
CA VAL A 92 2.15 0.13 3.93
C VAL A 92 1.33 -1.16 4.01
N ILE A 93 1.72 -2.15 3.23
CA ILE A 93 1.03 -3.43 3.22
C ILE A 93 1.98 -4.58 2.87
N ASP A 94 2.13 -5.51 3.80
CA ASP A 94 3.00 -6.66 3.61
C ASP A 94 2.21 -7.89 3.16
N ALA A 95 2.45 -8.33 1.94
CA ALA A 95 1.75 -9.50 1.39
C ALA A 95 2.29 -10.78 2.01
N MET A 96 1.41 -11.56 2.62
CA MET A 96 1.80 -12.82 3.24
C MET A 96 0.94 -13.97 2.72
N VAL A 97 1.49 -15.18 2.76
CA VAL A 97 0.79 -16.36 2.29
C VAL A 97 -0.19 -16.88 3.34
N GLU A 98 -1.47 -16.59 3.13
CA GLU A 98 -2.51 -17.02 4.07
C GLU A 98 -2.75 -18.52 3.96
N GLN A 99 -2.73 -19.20 5.11
CA GLN A 99 -2.94 -20.64 5.13
C GLN A 99 -4.42 -20.97 5.34
N THR A 100 -4.91 -21.94 4.56
CA THR A 100 -6.30 -22.35 4.64
C THR A 100 -6.44 -23.86 4.64
N GLY A 101 -7.55 -24.36 5.16
CA GLY A 101 -7.78 -25.79 5.22
C GLY A 101 -8.60 -26.20 6.43
N GLY A 102 -7.91 -26.42 7.55
CA GLY A 102 -8.60 -26.83 8.77
C GLY A 102 -7.80 -26.49 10.01
N MET A 1 33.72 -24.21 5.15
CA MET A 1 32.79 -23.64 6.11
C MET A 1 32.24 -22.31 5.61
N SER A 2 31.01 -22.00 6.01
CA SER A 2 30.37 -20.75 5.60
C SER A 2 29.10 -20.50 6.40
N ASN A 3 28.75 -19.23 6.57
CA ASN A 3 27.56 -18.86 7.33
C ASN A 3 26.52 -18.22 6.42
N ASN A 4 25.36 -17.89 6.98
CA ASN A 4 24.28 -17.27 6.22
C ASN A 4 23.08 -16.96 7.12
N GLY A 5 22.09 -16.31 6.56
CA GLY A 5 20.90 -15.96 7.32
C GLY A 5 19.67 -15.80 6.44
N GLY A 6 18.50 -15.69 7.08
CA GLY A 6 17.27 -15.54 6.33
C GLY A 6 16.64 -14.17 6.52
N GLU A 7 15.66 -13.85 5.68
CA GLU A 7 14.99 -12.56 5.77
C GLU A 7 13.56 -12.73 6.29
N PRO A 8 12.98 -11.63 6.79
CA PRO A 8 11.62 -11.62 7.33
C PRO A 8 10.57 -11.81 6.26
N SER A 9 9.30 -11.87 6.67
CA SER A 9 8.20 -12.05 5.74
C SER A 9 7.13 -10.98 5.96
N ASN A 10 6.67 -10.85 7.19
CA ASN A 10 5.63 -9.87 7.52
C ASN A 10 4.37 -10.11 6.72
N ASN A 11 3.36 -9.25 6.93
CA ASN A 11 2.10 -9.38 6.22
C ASN A 11 1.51 -10.77 6.40
N GLY A 12 0.75 -10.96 7.48
CA GLY A 12 0.15 -12.25 7.75
C GLY A 12 -1.23 -12.37 7.12
N GLY A 13 -2.10 -11.40 7.41
CA GLY A 13 -3.44 -11.43 6.87
C GLY A 13 -4.40 -10.54 7.64
N GLU A 14 -4.38 -9.25 7.34
CA GLU A 14 -5.24 -8.29 8.02
C GLU A 14 -6.48 -7.99 7.18
N GLY A 15 -7.60 -7.77 7.85
CA GLY A 15 -8.84 -7.48 7.16
C GLY A 15 -9.56 -6.27 7.73
N ALA A 16 -10.80 -6.48 8.17
CA ALA A 16 -11.59 -5.40 8.74
C ALA A 16 -11.74 -4.24 7.76
N GLU A 17 -12.76 -4.31 6.91
CA GLU A 17 -13.01 -3.27 5.92
C GLU A 17 -14.32 -2.55 6.20
N GLY A 18 -14.28 -1.22 6.15
CA GLY A 18 -15.48 -0.43 6.40
C GLY A 18 -16.23 -0.09 5.13
N THR A 19 -17.28 0.72 5.26
CA THR A 19 -18.08 1.12 4.12
C THR A 19 -19.03 2.26 4.48
N CYS A 20 -18.60 3.09 5.42
CA CYS A 20 -19.41 4.23 5.85
C CYS A 20 -18.98 5.51 5.15
N LYS A 21 -19.87 6.50 5.13
CA LYS A 21 -19.59 7.77 4.49
C LYS A 21 -20.10 8.94 5.34
N GLU A 22 -19.37 10.04 5.33
CA GLU A 22 -19.75 11.22 6.11
C GLU A 22 -18.93 12.44 5.68
N GLU A 23 -19.60 13.58 5.56
CA GLU A 23 -18.93 14.81 5.16
C GLU A 23 -18.27 14.65 3.79
N THR A 24 -17.62 15.72 3.33
CA THR A 24 -16.95 15.70 2.04
C THR A 24 -15.51 16.20 2.16
N ALA A 25 -14.58 15.44 1.58
CA ALA A 25 -13.17 15.81 1.61
C ALA A 25 -12.37 15.03 0.58
N LEU A 26 -11.19 15.53 0.25
CA LEU A 26 -10.33 14.87 -0.73
C LEU A 26 -8.94 14.62 -0.15
N VAL A 27 -8.37 13.46 -0.49
CA VAL A 27 -7.05 13.09 0.00
C VAL A 27 -6.12 12.75 -1.15
N ALA A 28 -4.89 13.26 -1.09
CA ALA A 28 -3.90 13.02 -2.12
C ALA A 28 -2.93 11.92 -1.70
N VAL A 29 -2.66 10.99 -2.61
CA VAL A 29 -1.75 9.89 -2.33
C VAL A 29 -0.61 9.85 -3.34
N LYS A 30 0.55 9.38 -2.90
CA LYS A 30 1.72 9.29 -3.77
C LYS A 30 2.47 7.99 -3.53
N VAL A 31 2.42 7.09 -4.51
CA VAL A 31 3.10 5.81 -4.41
C VAL A 31 4.48 5.86 -5.06
N VAL A 32 5.51 5.56 -4.29
CA VAL A 32 6.88 5.57 -4.79
C VAL A 32 7.50 4.18 -4.72
N ASN A 33 8.50 3.93 -5.56
CA ASN A 33 9.18 2.64 -5.59
C ASN A 33 10.69 2.83 -5.53
N ALA A 34 11.38 1.83 -5.01
CA ALA A 34 12.84 1.87 -4.90
C ALA A 34 13.49 2.01 -6.28
N ASP A 35 12.76 1.59 -7.30
CA ASP A 35 13.27 1.66 -8.67
C ASP A 35 13.12 3.07 -9.24
N GLY A 36 12.16 3.81 -8.70
CA GLY A 36 11.93 5.17 -9.16
C GLY A 36 10.49 5.39 -9.60
N ALA A 37 9.91 4.39 -10.24
CA ALA A 37 8.53 4.48 -10.72
C ALA A 37 7.59 4.93 -9.60
N GLU A 38 6.90 6.03 -9.82
CA GLU A 38 5.97 6.57 -8.83
C GLU A 38 4.83 7.32 -9.50
N MET A 39 3.75 7.52 -8.76
CA MET A 39 2.59 8.22 -9.28
C MET A 39 1.72 8.77 -8.16
N PHE A 40 1.21 9.98 -8.33
CA PHE A 40 0.37 10.62 -7.32
C PHE A 40 -0.99 11.01 -7.91
N PHE A 41 -2.03 10.92 -7.10
CA PHE A 41 -3.37 11.26 -7.53
C PHE A 41 -4.28 11.58 -6.34
N ARG A 42 -5.26 12.44 -6.56
CA ARG A 42 -6.19 12.83 -5.50
C ARG A 42 -7.53 12.12 -5.67
N ILE A 43 -8.06 11.60 -4.58
CA ILE A 43 -9.34 10.90 -4.61
C ILE A 43 -9.95 10.81 -3.21
N LYS A 44 -11.18 10.29 -3.13
CA LYS A 44 -11.87 10.16 -1.86
C LYS A 44 -11.10 9.25 -0.92
N SER A 45 -11.03 9.64 0.35
CA SER A 45 -10.32 8.85 1.36
C SER A 45 -11.02 7.52 1.61
N ARG A 46 -12.25 7.40 1.11
CA ARG A 46 -13.03 6.18 1.27
C ARG A 46 -12.64 5.13 0.24
N THR A 47 -11.65 5.47 -0.59
CA THR A 47 -11.18 4.56 -1.62
C THR A 47 -10.01 5.16 -2.39
N ALA A 48 -8.81 4.67 -2.12
CA ALA A 48 -7.61 5.15 -2.79
C ALA A 48 -6.55 4.07 -2.87
N LEU A 49 -5.96 3.73 -1.73
CA LEU A 49 -4.93 2.70 -1.67
C LEU A 49 -5.41 1.41 -2.31
N LYS A 50 -6.71 1.16 -2.23
CA LYS A 50 -7.30 -0.04 -2.81
C LYS A 50 -7.12 -0.05 -4.33
N LYS A 51 -7.47 1.05 -4.98
CA LYS A 51 -7.34 1.16 -6.43
C LYS A 51 -5.87 1.28 -6.83
N LEU A 52 -5.05 1.84 -5.94
CA LEU A 52 -3.64 2.01 -6.21
C LEU A 52 -2.93 0.67 -6.29
N ILE A 53 -3.08 -0.14 -5.25
CA ILE A 53 -2.46 -1.46 -5.20
C ILE A 53 -3.12 -2.42 -6.19
N ASP A 54 -4.42 -2.21 -6.42
CA ASP A 54 -5.17 -3.05 -7.35
C ASP A 54 -4.72 -2.81 -8.78
N THR A 55 -4.51 -1.55 -9.13
CA THR A 55 -4.07 -1.19 -10.47
C THR A 55 -2.61 -1.55 -10.70
N TYR A 56 -1.80 -1.35 -9.67
CA TYR A 56 -0.38 -1.65 -9.76
C TYR A 56 -0.14 -3.15 -9.92
N CYS A 57 -0.87 -3.94 -9.12
CA CYS A 57 -0.74 -5.39 -9.17
C CYS A 57 -1.32 -5.94 -10.47
N LYS A 58 -2.49 -5.42 -10.86
CA LYS A 58 -3.15 -5.86 -12.07
C LYS A 58 -2.35 -5.48 -13.30
N LYS A 59 -1.81 -4.25 -13.30
CA LYS A 59 -1.01 -3.76 -14.41
C LYS A 59 0.29 -4.55 -14.55
N GLN A 60 0.97 -4.76 -13.43
CA GLN A 60 2.22 -5.51 -13.43
C GLN A 60 2.00 -6.94 -13.89
N GLY A 61 0.75 -7.40 -13.82
CA GLY A 61 0.43 -8.75 -14.23
C GLY A 61 0.70 -9.76 -13.13
N ILE A 62 0.56 -9.33 -11.88
CA ILE A 62 0.79 -10.22 -10.75
C ILE A 62 -0.17 -9.90 -9.61
N SER A 63 -0.70 -10.94 -8.97
CA SER A 63 -1.65 -10.78 -7.87
C SER A 63 -1.01 -9.98 -6.74
N ARG A 64 -1.82 -9.64 -5.75
CA ARG A 64 -1.34 -8.86 -4.60
C ARG A 64 -0.68 -9.77 -3.57
N ASN A 65 0.26 -10.58 -4.02
CA ASN A 65 0.96 -11.50 -3.14
C ASN A 65 2.48 -11.44 -3.37
N SER A 66 2.94 -10.30 -3.86
CA SER A 66 4.36 -10.11 -4.13
C SER A 66 4.73 -8.63 -4.09
N VAL A 67 3.99 -7.86 -3.29
CA VAL A 67 4.24 -6.44 -3.15
C VAL A 67 3.82 -5.93 -1.77
N ARG A 68 4.79 -5.42 -1.02
CA ARG A 68 4.52 -4.91 0.32
C ARG A 68 4.31 -3.41 0.29
N PHE A 69 3.12 -2.97 0.71
CA PHE A 69 2.79 -1.55 0.73
C PHE A 69 2.87 -0.99 2.14
N LEU A 70 3.94 -0.25 2.40
CA LEU A 70 4.14 0.35 3.73
C LEU A 70 4.26 1.87 3.62
N PHE A 71 3.74 2.57 4.62
CA PHE A 71 3.79 4.02 4.65
C PHE A 71 4.36 4.53 5.97
N ASP A 72 5.39 5.37 5.89
CA ASP A 72 6.02 5.92 7.07
C ASP A 72 6.44 4.82 8.03
N GLY A 73 6.76 3.65 7.48
CA GLY A 73 7.17 2.53 8.30
C GLY A 73 6.00 1.73 8.82
N THR A 74 4.88 1.79 8.10
CA THR A 74 3.67 1.07 8.51
C THR A 74 3.14 0.20 7.37
N PRO A 75 3.56 -1.08 7.35
CA PRO A 75 3.14 -2.04 6.32
C PRO A 75 1.67 -2.42 6.46
N ILE A 76 0.84 -1.88 5.56
CA ILE A 76 -0.58 -2.17 5.57
C ILE A 76 -1.17 -2.10 4.16
N ASP A 77 -2.15 -2.96 3.90
CA ASP A 77 -2.80 -2.99 2.59
C ASP A 77 -4.26 -2.59 2.70
N GLU A 78 -4.53 -1.29 2.57
CA GLU A 78 -5.89 -0.77 2.67
C GLU A 78 -5.91 0.75 2.47
N THR A 79 -7.10 1.30 2.34
CA THR A 79 -7.27 2.74 2.15
C THR A 79 -8.21 3.33 3.19
N LYS A 80 -8.53 2.53 4.21
CA LYS A 80 -9.42 2.98 5.28
C LYS A 80 -8.75 2.82 6.64
N THR A 81 -8.22 1.62 6.90
CA THR A 81 -7.56 1.34 8.16
C THR A 81 -6.26 2.14 8.30
N PRO A 82 -5.31 1.90 7.37
CA PRO A 82 -4.02 2.58 7.37
C PRO A 82 -4.14 4.05 6.99
N GLU A 83 -5.23 4.39 6.31
CA GLU A 83 -5.48 5.76 5.89
C GLU A 83 -5.95 6.62 7.05
N GLU A 84 -6.97 6.14 7.76
CA GLU A 84 -7.52 6.87 8.90
C GLU A 84 -6.59 6.78 10.10
N LEU A 85 -5.93 5.63 10.25
CA LEU A 85 -5.01 5.42 11.36
C LEU A 85 -3.66 6.09 11.08
N GLY A 86 -3.27 6.11 9.81
CA GLY A 86 -2.01 6.73 9.44
C GLY A 86 -2.13 8.23 9.26
N MET A 87 -2.68 8.65 8.13
CA MET A 87 -2.84 10.08 7.85
C MET A 87 -3.54 10.28 6.51
N GLU A 88 -3.64 11.54 6.09
CA GLU A 88 -4.29 11.87 4.82
C GLU A 88 -3.62 13.08 4.18
N ASP A 89 -4.28 13.63 3.15
CA ASP A 89 -3.76 14.79 2.45
C ASP A 89 -2.55 14.41 1.59
N ASP A 90 -1.44 14.10 2.24
CA ASP A 90 -0.22 13.72 1.54
C ASP A 90 0.16 12.28 1.87
N ASP A 91 -0.83 11.39 1.86
CA ASP A 91 -0.59 9.98 2.15
C ASP A 91 0.40 9.39 1.17
N VAL A 92 1.49 8.82 1.71
CA VAL A 92 2.53 8.22 0.89
C VAL A 92 2.50 6.71 0.99
N ILE A 93 2.96 6.03 -0.06
CA ILE A 93 2.99 4.57 -0.08
C ILE A 93 4.23 4.06 -0.78
N ASP A 94 5.17 3.53 -0.01
CA ASP A 94 6.41 2.99 -0.55
C ASP A 94 6.31 1.49 -0.80
N ALA A 95 6.37 1.10 -2.07
CA ALA A 95 6.27 -0.32 -2.42
C ALA A 95 7.62 -1.00 -2.31
N MET A 96 7.64 -2.19 -1.71
CA MET A 96 8.86 -2.94 -1.53
C MET A 96 8.68 -4.39 -1.99
N VAL A 97 9.77 -5.02 -2.40
CA VAL A 97 9.73 -6.40 -2.87
C VAL A 97 10.50 -7.32 -1.92
N GLU A 98 10.10 -8.58 -1.87
CA GLU A 98 10.75 -9.56 -1.01
C GLU A 98 10.44 -10.99 -1.47
N GLN A 99 11.38 -11.59 -2.17
CA GLN A 99 11.21 -12.95 -2.67
C GLN A 99 10.04 -13.03 -3.65
N THR A 100 9.95 -14.14 -4.38
CA THR A 100 8.88 -14.33 -5.34
C THR A 100 8.00 -15.52 -4.96
N GLY A 101 6.73 -15.45 -5.33
CA GLY A 101 5.80 -16.51 -5.02
C GLY A 101 5.36 -17.28 -6.25
N GLY A 102 4.09 -17.16 -6.60
CA GLY A 102 3.57 -17.85 -7.77
C GLY A 102 2.18 -18.42 -7.53
N MET A 1 39.72 5.54 -20.30
CA MET A 1 39.70 4.97 -18.97
C MET A 1 38.91 5.85 -18.01
N SER A 2 37.58 5.71 -18.05
CA SER A 2 36.71 6.50 -17.19
C SER A 2 35.42 5.75 -16.90
N ASN A 3 34.70 6.20 -15.87
CA ASN A 3 33.44 5.56 -15.49
C ASN A 3 32.76 6.35 -14.37
N ASN A 4 31.48 6.67 -14.57
CA ASN A 4 30.72 7.41 -13.58
C ASN A 4 29.23 7.11 -13.70
N GLY A 5 28.41 7.85 -12.95
CA GLY A 5 26.98 7.64 -12.98
C GLY A 5 26.30 8.11 -11.71
N GLY A 6 25.02 7.77 -11.57
CA GLY A 6 24.27 8.18 -10.40
C GLY A 6 22.82 7.73 -10.46
N GLU A 7 22.30 7.29 -9.31
CA GLU A 7 20.91 6.84 -9.23
C GLU A 7 20.00 7.93 -8.69
N PRO A 8 18.69 7.79 -8.93
CA PRO A 8 17.70 8.76 -8.47
C PRO A 8 17.51 8.72 -6.97
N SER A 9 16.67 9.62 -6.46
CA SER A 9 16.41 9.69 -5.02
C SER A 9 15.14 10.49 -4.74
N ASN A 10 14.01 9.80 -4.71
CA ASN A 10 12.73 10.44 -4.45
C ASN A 10 12.38 10.40 -2.97
N ASN A 11 11.16 10.82 -2.63
CA ASN A 11 10.71 10.83 -1.24
C ASN A 11 11.58 11.76 -0.40
N GLY A 12 11.08 12.97 -0.16
CA GLY A 12 11.82 13.93 0.63
C GLY A 12 11.15 14.21 1.97
N GLY A 13 9.84 14.43 1.95
CA GLY A 13 9.12 14.71 3.16
C GLY A 13 7.96 15.65 2.95
N GLU A 14 6.86 15.14 2.41
CA GLU A 14 5.68 15.94 2.15
C GLU A 14 4.47 15.41 2.90
N GLY A 15 3.34 16.11 2.79
CA GLY A 15 2.13 15.69 3.47
C GLY A 15 1.10 16.80 3.56
N ALA A 16 -0.14 16.47 3.22
CA ALA A 16 -1.23 17.45 3.26
C ALA A 16 -2.18 17.17 4.42
N GLU A 17 -3.18 18.03 4.58
CA GLU A 17 -4.16 17.86 5.65
C GLU A 17 -5.54 18.35 5.20
N GLY A 18 -6.58 17.74 5.75
CA GLY A 18 -7.94 18.13 5.39
C GLY A 18 -8.91 16.97 5.51
N THR A 19 -9.98 17.18 6.28
CA THR A 19 -10.99 16.17 6.49
C THR A 19 -12.37 16.78 6.70
N CYS A 20 -12.61 17.91 6.06
CA CYS A 20 -13.88 18.61 6.18
C CYS A 20 -14.86 18.15 5.10
N LYS A 21 -16.02 18.80 5.04
CA LYS A 21 -17.04 18.45 4.06
C LYS A 21 -16.65 18.96 2.67
N GLU A 22 -16.08 18.07 1.86
CA GLU A 22 -15.66 18.43 0.51
C GLU A 22 -15.91 17.27 -0.45
N GLU A 23 -15.71 17.54 -1.74
CA GLU A 23 -15.92 16.53 -2.77
C GLU A 23 -14.59 16.16 -3.43
N THR A 24 -13.58 15.93 -2.62
CA THR A 24 -12.25 15.57 -3.12
C THR A 24 -11.61 14.49 -2.26
N ALA A 25 -10.59 13.82 -2.81
CA ALA A 25 -9.88 12.78 -2.08
C ALA A 25 -8.55 12.44 -2.75
N LEU A 26 -7.45 12.72 -2.05
CA LEU A 26 -6.13 12.44 -2.58
C LEU A 26 -5.21 11.88 -1.50
N VAL A 27 -4.81 10.62 -1.67
CA VAL A 27 -3.94 9.96 -0.71
C VAL A 27 -2.98 9.00 -1.41
N ALA A 28 -1.76 8.93 -0.90
CA ALA A 28 -0.74 8.04 -1.47
C ALA A 28 -0.54 6.80 -0.60
N VAL A 29 -0.32 5.66 -1.26
CA VAL A 29 -0.12 4.40 -0.55
C VAL A 29 1.20 3.75 -0.97
N LYS A 30 1.83 3.06 -0.03
CA LYS A 30 3.10 2.38 -0.29
C LYS A 30 3.10 0.97 0.29
N VAL A 31 3.09 -0.02 -0.60
CA VAL A 31 3.09 -1.42 -0.20
C VAL A 31 4.51 -1.98 -0.13
N VAL A 32 4.89 -2.51 1.02
CA VAL A 32 6.22 -3.08 1.20
C VAL A 32 6.13 -4.57 1.51
N ASN A 33 7.21 -5.29 1.23
CA ASN A 33 7.26 -6.73 1.47
C ASN A 33 8.56 -7.10 2.18
N ALA A 34 8.52 -8.20 2.94
CA ALA A 34 9.68 -8.67 3.67
C ALA A 34 10.79 -9.10 2.72
N ASP A 35 10.41 -9.44 1.49
CA ASP A 35 11.37 -9.87 0.48
C ASP A 35 12.03 -8.67 -0.18
N GLY A 36 11.35 -7.53 -0.16
CA GLY A 36 11.91 -6.33 -0.76
C GLY A 36 10.95 -5.69 -1.75
N ALA A 37 10.22 -6.51 -2.49
CA ALA A 37 9.27 -6.03 -3.47
C ALA A 37 8.33 -4.99 -2.87
N GLU A 38 8.45 -3.75 -3.31
CA GLU A 38 7.61 -2.67 -2.80
C GLU A 38 7.31 -1.66 -3.91
N MET A 39 6.25 -0.87 -3.70
CA MET A 39 5.85 0.14 -4.67
C MET A 39 4.84 1.11 -4.07
N PHE A 40 5.03 2.40 -4.35
CA PHE A 40 4.14 3.42 -3.83
C PHE A 40 3.63 4.33 -4.95
N PHE A 41 2.41 4.81 -4.81
CA PHE A 41 1.80 5.68 -5.82
C PHE A 41 0.65 6.48 -5.22
N ARG A 42 0.27 7.55 -5.89
CA ARG A 42 -0.82 8.41 -5.43
C ARG A 42 -2.13 8.05 -6.13
N ILE A 43 -3.21 8.07 -5.37
CA ILE A 43 -4.52 7.75 -5.92
C ILE A 43 -5.64 8.30 -5.03
N LYS A 44 -6.84 8.41 -5.60
CA LYS A 44 -7.99 8.92 -4.86
C LYS A 44 -8.23 8.11 -3.59
N SER A 45 -8.44 8.80 -2.47
CA SER A 45 -8.67 8.14 -1.20
C SER A 45 -9.88 7.21 -1.28
N ARG A 46 -10.77 7.50 -2.23
CA ARG A 46 -11.97 6.69 -2.41
C ARG A 46 -11.61 5.27 -2.82
N THR A 47 -10.40 5.09 -3.33
CA THR A 47 -9.93 3.78 -3.77
C THR A 47 -8.41 3.75 -3.89
N ALA A 48 -7.78 2.84 -3.16
CA ALA A 48 -6.33 2.71 -3.19
C ALA A 48 -5.90 1.28 -2.87
N LEU A 49 -6.28 0.80 -1.69
CA LEU A 49 -5.93 -0.55 -1.28
C LEU A 49 -6.58 -1.59 -2.19
N LYS A 50 -7.67 -1.20 -2.85
CA LYS A 50 -8.38 -2.10 -3.76
C LYS A 50 -7.52 -2.43 -4.97
N LYS A 51 -7.06 -1.40 -5.67
CA LYS A 51 -6.23 -1.58 -6.84
C LYS A 51 -4.83 -2.04 -6.46
N LEU A 52 -4.41 -1.67 -5.25
CA LEU A 52 -3.09 -2.05 -4.76
C LEU A 52 -2.99 -3.56 -4.55
N ILE A 53 -3.93 -4.11 -3.80
CA ILE A 53 -3.96 -5.54 -3.53
C ILE A 53 -4.39 -6.32 -4.77
N ASP A 54 -5.25 -5.71 -5.58
CA ASP A 54 -5.74 -6.35 -6.80
C ASP A 54 -4.65 -6.42 -7.85
N THR A 55 -3.89 -5.34 -7.98
CA THR A 55 -2.81 -5.28 -8.96
C THR A 55 -1.61 -6.11 -8.51
N TYR A 56 -1.33 -6.08 -7.21
CA TYR A 56 -0.21 -6.84 -6.66
C TYR A 56 -0.49 -8.33 -6.72
N CYS A 57 -1.70 -8.73 -6.37
CA CYS A 57 -2.10 -10.14 -6.38
C CYS A 57 -2.20 -10.65 -7.82
N LYS A 58 -2.79 -9.84 -8.69
CA LYS A 58 -2.96 -10.21 -10.09
C LYS A 58 -1.61 -10.28 -10.80
N LYS A 59 -0.75 -9.32 -10.51
CA LYS A 59 0.58 -9.27 -11.11
C LYS A 59 1.43 -10.46 -10.66
N GLN A 60 1.43 -10.72 -9.35
CA GLN A 60 2.19 -11.82 -8.79
C GLN A 60 1.71 -13.16 -9.34
N GLY A 61 0.49 -13.17 -9.86
CA GLY A 61 -0.07 -14.38 -10.41
C GLY A 61 -0.72 -15.25 -9.36
N ILE A 62 -1.23 -14.61 -8.30
CA ILE A 62 -1.88 -15.34 -7.22
C ILE A 62 -3.08 -14.57 -6.68
N SER A 63 -4.18 -15.28 -6.45
CA SER A 63 -5.40 -14.67 -5.94
C SER A 63 -5.15 -13.97 -4.61
N ARG A 64 -6.15 -13.24 -4.14
CA ARG A 64 -6.04 -12.52 -2.87
C ARG A 64 -6.38 -13.43 -1.69
N ASN A 65 -5.74 -14.59 -1.64
CA ASN A 65 -5.99 -15.55 -0.57
C ASN A 65 -4.67 -16.08 -0.01
N SER A 66 -3.64 -15.23 -0.01
CA SER A 66 -2.33 -15.61 0.49
C SER A 66 -1.47 -14.38 0.74
N VAL A 67 -2.11 -13.28 1.13
CA VAL A 67 -1.40 -12.04 1.40
C VAL A 67 -2.14 -11.19 2.43
N ARG A 68 -1.49 -10.93 3.56
CA ARG A 68 -2.10 -10.14 4.62
C ARG A 68 -1.65 -8.68 4.53
N PHE A 69 -2.60 -7.79 4.29
CA PHE A 69 -2.31 -6.36 4.18
C PHE A 69 -2.61 -5.64 5.49
N LEU A 70 -1.55 -5.30 6.22
CA LEU A 70 -1.70 -4.61 7.49
C LEU A 70 -1.04 -3.23 7.44
N PHE A 71 -1.48 -2.33 8.32
CA PHE A 71 -0.92 -0.98 8.37
C PHE A 71 -0.59 -0.59 9.81
N ASP A 72 0.71 -0.58 10.12
CA ASP A 72 1.17 -0.22 11.45
C ASP A 72 0.59 -1.18 12.50
N GLY A 73 0.17 -2.36 12.05
CA GLY A 73 -0.39 -3.34 12.95
C GLY A 73 -1.89 -3.50 12.78
N THR A 74 -2.44 -2.84 11.76
CA THR A 74 -3.87 -2.91 11.49
C THR A 74 -4.14 -3.78 10.27
N PRO A 75 -4.47 -5.06 10.50
CA PRO A 75 -4.77 -6.01 9.43
C PRO A 75 -6.08 -5.70 8.73
N ILE A 76 -6.00 -4.98 7.62
CA ILE A 76 -7.18 -4.63 6.85
C ILE A 76 -6.86 -4.49 5.37
N ASP A 77 -7.78 -4.97 4.52
CA ASP A 77 -7.58 -4.91 3.07
C ASP A 77 -8.73 -4.14 2.41
N GLU A 78 -8.57 -2.82 2.33
CA GLU A 78 -9.60 -1.97 1.72
C GLU A 78 -9.18 -0.50 1.77
N THR A 79 -9.98 0.34 1.13
CA THR A 79 -9.70 1.78 1.10
C THR A 79 -10.78 2.57 1.83
N LYS A 80 -11.28 2.01 2.92
CA LYS A 80 -12.33 2.66 3.71
C LYS A 80 -11.93 2.73 5.19
N THR A 81 -11.58 1.57 5.75
CA THR A 81 -11.18 1.50 7.15
C THR A 81 -9.87 2.23 7.39
N PRO A 82 -8.81 1.80 6.69
CA PRO A 82 -7.48 2.41 6.82
C PRO A 82 -7.42 3.81 6.22
N GLU A 83 -8.35 4.09 5.29
CA GLU A 83 -8.40 5.39 4.65
C GLU A 83 -9.00 6.44 5.57
N GLU A 84 -10.12 6.09 6.20
CA GLU A 84 -10.79 7.01 7.11
C GLU A 84 -10.02 7.12 8.43
N LEU A 85 -9.42 6.01 8.85
CA LEU A 85 -8.65 5.98 10.10
C LEU A 85 -7.29 6.65 9.92
N GLY A 86 -6.73 6.51 8.72
CA GLY A 86 -5.43 7.11 8.44
C GLY A 86 -5.50 8.62 8.37
N MET A 87 -6.35 9.13 7.50
CA MET A 87 -6.51 10.58 7.34
C MET A 87 -5.22 11.20 6.83
N GLU A 88 -4.40 10.41 6.15
CA GLU A 88 -3.13 10.88 5.61
C GLU A 88 -2.87 10.28 4.24
N ASP A 89 -1.95 10.90 3.50
CA ASP A 89 -1.60 10.43 2.17
C ASP A 89 -0.35 9.55 2.20
N ASP A 90 0.03 9.12 3.40
CA ASP A 90 1.20 8.27 3.58
C ASP A 90 0.80 6.91 4.14
N ASP A 91 -0.28 6.35 3.62
CA ASP A 91 -0.76 5.05 4.07
C ASP A 91 0.17 3.94 3.61
N VAL A 92 0.74 3.21 4.57
CA VAL A 92 1.65 2.11 4.26
C VAL A 92 1.00 0.76 4.53
N ILE A 93 1.35 -0.23 3.72
CA ILE A 93 0.80 -1.57 3.88
C ILE A 93 1.89 -2.63 3.76
N ASP A 94 2.15 -3.33 4.86
CA ASP A 94 3.17 -4.37 4.87
C ASP A 94 2.55 -5.74 4.59
N ALA A 95 2.79 -6.26 3.40
CA ALA A 95 2.25 -7.55 3.01
C ALA A 95 3.02 -8.69 3.69
N MET A 96 2.33 -9.45 4.53
CA MET A 96 2.94 -10.56 5.24
C MET A 96 2.35 -11.90 4.78
N VAL A 97 3.12 -12.96 4.92
CA VAL A 97 2.67 -14.29 4.53
C VAL A 97 2.40 -15.16 5.75
N GLU A 98 1.33 -15.94 5.68
CA GLU A 98 0.96 -16.83 6.78
C GLU A 98 0.75 -18.26 6.29
N GLN A 99 1.67 -19.14 6.67
CA GLN A 99 1.58 -20.54 6.26
C GLN A 99 1.59 -21.46 7.48
N THR A 100 0.73 -22.48 7.46
CA THR A 100 0.65 -23.42 8.56
C THR A 100 1.64 -24.56 8.39
N GLY A 101 2.81 -24.42 9.02
CA GLY A 101 3.84 -25.44 8.92
C GLY A 101 3.54 -26.64 9.80
N GLY A 102 3.10 -27.72 9.18
CA GLY A 102 2.78 -28.93 9.93
C GLY A 102 3.37 -30.17 9.30
N MET A 1 -18.79 -30.58 9.34
CA MET A 1 -17.34 -30.62 9.18
C MET A 1 -16.93 -30.07 7.82
N SER A 2 -16.60 -28.78 7.77
CA SER A 2 -16.18 -28.14 6.54
C SER A 2 -15.27 -26.95 6.82
N ASN A 3 -14.78 -26.33 5.75
CA ASN A 3 -13.88 -25.19 5.87
C ASN A 3 -13.87 -24.35 4.59
N ASN A 4 -14.17 -23.07 4.73
CA ASN A 4 -14.20 -22.16 3.59
C ASN A 4 -13.82 -20.74 4.00
N GLY A 5 -13.26 -19.99 3.06
CA GLY A 5 -12.87 -18.62 3.36
C GLY A 5 -12.63 -17.81 2.09
N GLY A 6 -13.71 -17.32 1.49
CA GLY A 6 -13.59 -16.54 0.27
C GLY A 6 -14.92 -16.34 -0.43
N GLU A 7 -14.96 -15.40 -1.37
CA GLU A 7 -16.18 -15.12 -2.10
C GLU A 7 -16.01 -15.47 -3.59
N PRO A 8 -17.14 -15.71 -4.26
CA PRO A 8 -17.15 -16.07 -5.69
C PRO A 8 -16.74 -14.89 -6.58
N SER A 9 -16.97 -13.68 -6.10
CA SER A 9 -16.63 -12.48 -6.84
C SER A 9 -15.99 -11.43 -5.93
N ASN A 10 -14.67 -11.45 -5.85
CA ASN A 10 -13.94 -10.50 -5.02
C ASN A 10 -14.00 -9.09 -5.60
N ASN A 11 -14.28 -8.11 -4.75
CA ASN A 11 -14.37 -6.72 -5.18
C ASN A 11 -15.51 -6.54 -6.18
N GLY A 12 -15.78 -5.28 -6.53
CA GLY A 12 -16.85 -4.99 -7.47
C GLY A 12 -17.68 -3.80 -7.06
N GLY A 13 -17.85 -3.62 -5.76
CA GLY A 13 -18.64 -2.50 -5.26
C GLY A 13 -18.15 -1.17 -5.80
N GLU A 14 -17.05 -0.67 -5.23
CA GLU A 14 -16.48 0.60 -5.65
C GLU A 14 -17.51 1.72 -5.53
N GLY A 15 -17.84 2.09 -4.30
CA GLY A 15 -18.80 3.15 -4.06
C GLY A 15 -18.73 3.70 -2.66
N ALA A 16 -19.30 4.89 -2.45
CA ALA A 16 -19.29 5.53 -1.15
C ALA A 16 -20.56 5.19 -0.37
N GLU A 17 -20.47 5.24 0.95
CA GLU A 17 -21.61 4.94 1.82
C GLU A 17 -21.45 5.62 3.18
N GLY A 18 -22.58 5.92 3.81
CA GLY A 18 -22.55 6.56 5.11
C GLY A 18 -23.78 6.25 5.95
N THR A 19 -23.84 5.03 6.46
CA THR A 19 -24.96 4.59 7.28
C THR A 19 -24.64 3.31 8.03
N CYS A 20 -24.77 3.35 9.35
CA CYS A 20 -24.49 2.20 10.18
C CYS A 20 -23.05 1.70 9.99
N LYS A 21 -22.70 0.63 10.67
CA LYS A 21 -21.36 0.06 10.57
C LYS A 21 -21.09 -0.44 9.16
N GLU A 22 -20.35 0.36 8.38
CA GLU A 22 -20.02 0.00 7.00
C GLU A 22 -18.67 -0.72 6.95
N GLU A 23 -18.31 -1.19 5.76
CA GLU A 23 -17.05 -1.89 5.57
C GLU A 23 -16.46 -1.59 4.18
N THR A 24 -16.62 -0.33 3.75
CA THR A 24 -16.11 0.08 2.45
C THR A 24 -15.65 1.54 2.48
N ALA A 25 -14.58 1.82 1.75
CA ALA A 25 -14.04 3.19 1.70
C ALA A 25 -13.01 3.32 0.58
N LEU A 26 -12.71 4.56 0.21
CA LEU A 26 -11.74 4.84 -0.85
C LEU A 26 -10.68 5.82 -0.38
N VAL A 27 -9.43 5.51 -0.68
CA VAL A 27 -8.31 6.38 -0.29
C VAL A 27 -7.30 6.52 -1.42
N ALA A 28 -6.89 7.76 -1.68
CA ALA A 28 -5.92 8.02 -2.74
C ALA A 28 -4.49 7.98 -2.20
N VAL A 29 -3.62 7.27 -2.91
CA VAL A 29 -2.22 7.14 -2.50
C VAL A 29 -1.29 7.67 -3.59
N LYS A 30 -0.28 8.43 -3.18
CA LYS A 30 0.69 8.99 -4.12
C LYS A 30 2.11 8.59 -3.73
N VAL A 31 2.78 7.87 -4.61
CA VAL A 31 4.15 7.43 -4.36
C VAL A 31 5.15 8.33 -5.07
N VAL A 32 6.06 8.93 -4.31
CA VAL A 32 7.08 9.81 -4.87
C VAL A 32 8.47 9.22 -4.69
N ASN A 33 9.37 9.53 -5.63
CA ASN A 33 10.73 9.03 -5.58
C ASN A 33 11.73 10.19 -5.51
N ALA A 34 12.89 9.93 -4.93
CA ALA A 34 13.93 10.94 -4.81
C ALA A 34 14.38 11.43 -6.18
N ASP A 35 14.22 10.58 -7.19
CA ASP A 35 14.61 10.93 -8.55
C ASP A 35 13.55 11.82 -9.21
N GLY A 36 12.32 11.71 -8.73
CA GLY A 36 11.24 12.51 -9.28
C GLY A 36 10.06 11.66 -9.72
N ALA A 37 10.34 10.49 -10.27
CA ALA A 37 9.28 9.59 -10.72
C ALA A 37 8.26 9.34 -9.63
N GLU A 38 7.00 9.69 -9.92
CA GLU A 38 5.93 9.52 -8.95
C GLU A 38 4.61 9.19 -9.65
N MET A 39 3.65 8.67 -8.90
CA MET A 39 2.35 8.32 -9.45
C MET A 39 1.31 8.15 -8.34
N PHE A 40 0.13 8.72 -8.56
CA PHE A 40 -0.94 8.64 -7.58
C PHE A 40 -2.19 8.01 -8.18
N PHE A 41 -2.97 7.33 -7.35
CA PHE A 41 -4.19 6.67 -7.80
C PHE A 41 -5.14 6.42 -6.64
N ARG A 42 -6.43 6.34 -6.94
CA ARG A 42 -7.45 6.10 -5.92
C ARG A 42 -7.74 4.61 -5.78
N ILE A 43 -7.49 4.07 -4.59
CA ILE A 43 -7.73 2.66 -4.32
C ILE A 43 -8.29 2.45 -2.93
N LYS A 44 -9.03 1.37 -2.74
CA LYS A 44 -9.63 1.05 -1.45
C LYS A 44 -8.56 1.03 -0.36
N SER A 45 -8.86 1.68 0.76
CA SER A 45 -7.94 1.75 1.89
C SER A 45 -7.53 0.35 2.33
N ARG A 46 -8.47 -0.58 2.27
CA ARG A 46 -8.21 -1.96 2.67
C ARG A 46 -6.97 -2.51 1.97
N THR A 47 -6.75 -2.05 0.74
CA THR A 47 -5.59 -2.49 -0.03
C THR A 47 -5.17 -1.44 -1.05
N ALA A 48 -3.95 -0.94 -0.91
CA ALA A 48 -3.43 0.08 -1.81
C ALA A 48 -1.90 0.01 -1.89
N LEU A 49 -1.25 0.36 -0.79
CA LEU A 49 0.21 0.34 -0.74
C LEU A 49 0.75 -1.05 -1.08
N LYS A 50 -0.09 -2.07 -0.89
CA LYS A 50 0.31 -3.44 -1.18
C LYS A 50 0.55 -3.63 -2.68
N LYS A 51 -0.45 -3.32 -3.48
CA LYS A 51 -0.34 -3.45 -4.93
C LYS A 51 0.57 -2.38 -5.51
N LEU A 52 0.64 -1.24 -4.83
CA LEU A 52 1.49 -0.13 -5.27
C LEU A 52 2.96 -0.51 -5.21
N ILE A 53 3.40 -0.97 -4.05
CA ILE A 53 4.79 -1.38 -3.86
C ILE A 53 5.08 -2.70 -4.58
N ASP A 54 4.08 -3.55 -4.67
CA ASP A 54 4.23 -4.84 -5.33
C ASP A 54 4.33 -4.66 -6.84
N THR A 55 3.54 -3.75 -7.39
CA THR A 55 3.54 -3.48 -8.82
C THR A 55 4.78 -2.68 -9.22
N TYR A 56 5.17 -1.74 -8.38
CA TYR A 56 6.33 -0.90 -8.65
C TYR A 56 7.62 -1.72 -8.58
N CYS A 57 7.73 -2.56 -7.56
CA CYS A 57 8.90 -3.40 -7.37
C CYS A 57 8.96 -4.49 -8.44
N LYS A 58 7.81 -5.10 -8.71
CA LYS A 58 7.73 -6.18 -9.71
C LYS A 58 8.01 -5.62 -11.11
N LYS A 59 7.45 -4.46 -11.40
CA LYS A 59 7.64 -3.83 -12.70
C LYS A 59 9.10 -3.41 -12.90
N GLN A 60 9.67 -2.77 -11.89
CA GLN A 60 11.05 -2.33 -11.95
C GLN A 60 12.01 -3.52 -12.10
N GLY A 61 11.51 -4.70 -11.74
CA GLY A 61 12.34 -5.90 -11.84
C GLY A 61 13.23 -6.08 -10.62
N ILE A 62 12.76 -5.63 -9.47
CA ILE A 62 13.53 -5.75 -8.24
C ILE A 62 12.63 -6.00 -7.04
N SER A 63 13.01 -6.95 -6.20
CA SER A 63 12.23 -7.29 -5.01
C SER A 63 12.05 -6.07 -4.12
N ARG A 64 11.22 -6.22 -3.08
CA ARG A 64 10.96 -5.13 -2.15
C ARG A 64 12.01 -5.10 -1.04
N ASN A 65 13.28 -5.11 -1.44
CA ASN A 65 14.37 -5.08 -0.48
C ASN A 65 15.43 -4.05 -0.87
N SER A 66 14.96 -2.93 -1.42
CA SER A 66 15.87 -1.86 -1.85
C SER A 66 15.11 -0.54 -1.99
N VAL A 67 14.02 -0.41 -1.24
CA VAL A 67 13.22 0.80 -1.27
C VAL A 67 12.45 0.99 0.03
N ARG A 68 12.74 2.09 0.73
CA ARG A 68 12.08 2.38 2.00
C ARG A 68 10.92 3.36 1.80
N PHE A 69 9.70 2.87 1.93
CA PHE A 69 8.52 3.71 1.76
C PHE A 69 8.06 4.29 3.09
N LEU A 70 8.26 5.60 3.25
CA LEU A 70 7.87 6.28 4.49
C LEU A 70 6.76 7.29 4.22
N PHE A 71 5.91 7.51 5.23
CA PHE A 71 4.81 8.45 5.10
C PHE A 71 4.86 9.50 6.22
N ASP A 72 5.26 10.71 5.86
CA ASP A 72 5.35 11.80 6.83
C ASP A 72 6.25 11.41 8.00
N GLY A 73 7.26 10.60 7.72
CA GLY A 73 8.17 10.16 8.76
C GLY A 73 7.84 8.77 9.28
N THR A 74 6.91 8.10 8.61
CA THR A 74 6.51 6.76 9.01
C THR A 74 7.00 5.71 8.03
N PRO A 75 8.26 5.28 8.20
CA PRO A 75 8.88 4.27 7.34
C PRO A 75 8.27 2.89 7.53
N ILE A 76 7.34 2.53 6.66
CA ILE A 76 6.68 1.22 6.74
C ILE A 76 6.24 0.75 5.36
N ASP A 77 6.30 -0.57 5.15
CA ASP A 77 5.92 -1.16 3.87
C ASP A 77 4.62 -1.93 4.01
N GLU A 78 3.49 -1.24 3.80
CA GLU A 78 2.18 -1.86 3.90
C GLU A 78 1.08 -0.85 3.60
N THR A 79 -0.16 -1.35 3.52
CA THR A 79 -1.31 -0.49 3.24
C THR A 79 -2.28 -0.47 4.41
N LYS A 80 -1.84 -1.00 5.55
CA LYS A 80 -2.67 -1.04 6.75
C LYS A 80 -2.08 -0.16 7.85
N THR A 81 -0.76 -0.08 7.89
CA THR A 81 -0.08 0.73 8.89
C THR A 81 -0.31 2.22 8.66
N PRO A 82 0.04 2.70 7.46
CA PRO A 82 -0.14 4.10 7.09
C PRO A 82 -1.61 4.48 6.91
N GLU A 83 -2.42 3.51 6.55
CA GLU A 83 -3.85 3.73 6.36
C GLU A 83 -4.58 3.84 7.69
N GLU A 84 -4.13 3.04 8.66
CA GLU A 84 -4.75 3.05 9.99
C GLU A 84 -4.24 4.24 10.81
N LEU A 85 -3.03 4.71 10.50
CA LEU A 85 -2.44 5.83 11.21
C LEU A 85 -2.90 7.15 10.61
N GLY A 86 -3.11 7.16 9.30
CA GLY A 86 -3.56 8.37 8.62
C GLY A 86 -5.07 8.48 8.55
N MET A 87 -5.70 7.44 8.02
CA MET A 87 -7.16 7.42 7.88
C MET A 87 -7.64 8.52 6.95
N GLU A 88 -6.93 8.70 5.84
CA GLU A 88 -7.28 9.74 4.87
C GLU A 88 -7.03 9.26 3.44
N ASP A 89 -7.63 9.94 2.48
CA ASP A 89 -7.48 9.59 1.08
C ASP A 89 -6.29 10.31 0.46
N ASP A 90 -5.38 10.77 1.31
CA ASP A 90 -4.19 11.48 0.85
C ASP A 90 -2.92 10.84 1.41
N ASP A 91 -2.87 9.51 1.38
CA ASP A 91 -1.71 8.78 1.88
C ASP A 91 -0.54 8.87 0.90
N VAL A 92 0.53 9.51 1.34
CA VAL A 92 1.72 9.68 0.51
C VAL A 92 2.86 8.81 1.02
N ILE A 93 3.63 8.25 0.09
CA ILE A 93 4.76 7.40 0.44
C ILE A 93 5.97 7.71 -0.42
N ASP A 94 7.06 8.11 0.22
CA ASP A 94 8.30 8.44 -0.50
C ASP A 94 9.32 7.31 -0.37
N ALA A 95 9.76 6.79 -1.51
CA ALA A 95 10.73 5.70 -1.52
C ALA A 95 12.16 6.25 -1.50
N MET A 96 12.89 5.95 -0.43
CA MET A 96 14.27 6.40 -0.29
C MET A 96 15.23 5.23 -0.23
N VAL A 97 16.47 5.46 -0.63
CA VAL A 97 17.49 4.41 -0.62
C VAL A 97 18.21 4.37 0.73
N GLU A 98 18.32 3.17 1.30
CA GLU A 98 18.98 2.99 2.58
C GLU A 98 20.04 1.90 2.49
N GLN A 99 20.59 1.70 1.30
CA GLN A 99 21.61 0.69 1.09
C GLN A 99 22.43 1.00 -0.16
N THR A 100 23.52 0.26 -0.36
CA THR A 100 24.39 0.46 -1.51
C THR A 100 24.77 -0.86 -2.15
N GLY A 101 25.10 -0.82 -3.44
CA GLY A 101 25.48 -2.03 -4.15
C GLY A 101 24.28 -2.80 -4.66
N GLY A 102 23.94 -3.89 -3.97
CA GLY A 102 22.81 -4.70 -4.38
C GLY A 102 23.00 -6.17 -4.05
N MET A 1 19.52 -27.16 -2.67
CA MET A 1 18.65 -26.24 -1.95
C MET A 1 19.35 -24.90 -1.71
N SER A 2 18.59 -23.82 -1.81
CA SER A 2 19.14 -22.48 -1.61
C SER A 2 18.58 -21.85 -0.34
N ASN A 3 19.47 -21.43 0.55
CA ASN A 3 19.07 -20.81 1.81
C ASN A 3 19.80 -19.49 2.03
N ASN A 4 19.43 -18.48 1.24
CA ASN A 4 20.05 -17.16 1.35
C ASN A 4 19.06 -16.14 1.92
N GLY A 5 18.75 -16.28 3.21
CA GLY A 5 17.84 -15.36 3.85
C GLY A 5 17.67 -15.66 5.33
N GLY A 6 17.03 -14.73 6.04
CA GLY A 6 16.82 -14.92 7.47
C GLY A 6 16.05 -13.76 8.09
N GLU A 7 14.94 -13.39 7.47
CA GLU A 7 14.12 -12.29 7.98
C GLU A 7 12.68 -12.73 8.19
N PRO A 8 11.93 -11.99 9.00
CA PRO A 8 10.52 -12.28 9.31
C PRO A 8 9.62 -12.05 8.10
N SER A 9 8.43 -12.64 8.15
CA SER A 9 7.47 -12.51 7.05
C SER A 9 6.05 -12.81 7.54
N ASN A 10 5.78 -12.51 8.80
CA ASN A 10 4.48 -12.75 9.39
C ASN A 10 3.70 -11.44 9.56
N ASN A 11 2.39 -11.55 9.71
CA ASN A 11 1.54 -10.37 9.88
C ASN A 11 1.64 -9.45 8.68
N GLY A 12 0.94 -8.32 8.73
CA GLY A 12 0.97 -7.37 7.64
C GLY A 12 -0.37 -7.28 6.92
N GLY A 13 -0.99 -8.43 6.70
CA GLY A 13 -2.27 -8.45 6.01
C GLY A 13 -3.42 -8.04 6.91
N GLU A 14 -3.89 -8.97 7.73
CA GLU A 14 -5.00 -8.70 8.64
C GLU A 14 -6.26 -8.32 7.87
N GLY A 15 -7.37 -8.19 8.58
CA GLY A 15 -8.63 -7.83 7.95
C GLY A 15 -9.59 -7.15 8.91
N ALA A 16 -9.62 -5.82 8.88
CA ALA A 16 -10.49 -5.06 9.75
C ALA A 16 -11.40 -4.13 8.93
N GLU A 17 -12.41 -3.56 9.60
CA GLU A 17 -13.34 -2.67 8.93
C GLU A 17 -14.09 -3.38 7.81
N GLY A 18 -15.09 -2.71 7.25
CA GLY A 18 -15.86 -3.30 6.17
C GLY A 18 -16.32 -2.26 5.16
N THR A 19 -17.40 -2.57 4.45
CA THR A 19 -17.94 -1.66 3.44
C THR A 19 -18.80 -0.58 4.09
N CYS A 20 -18.29 0.65 4.10
CA CYS A 20 -19.01 1.77 4.68
C CYS A 20 -18.65 3.08 3.99
N LYS A 21 -19.54 3.55 3.12
CA LYS A 21 -19.30 4.79 2.38
C LYS A 21 -20.33 5.85 2.77
N GLU A 22 -19.88 7.10 2.86
CA GLU A 22 -20.77 8.20 3.21
C GLU A 22 -20.14 9.54 2.85
N GLU A 23 -20.89 10.36 2.13
CA GLU A 23 -20.41 11.67 1.71
C GLU A 23 -19.19 11.54 0.79
N THR A 24 -18.59 12.68 0.44
CA THR A 24 -17.43 12.69 -0.43
C THR A 24 -16.18 13.09 0.33
N ALA A 25 -15.01 12.84 -0.26
CA ALA A 25 -13.75 13.19 0.37
C ALA A 25 -12.67 13.45 -0.68
N LEU A 26 -11.63 14.17 -0.29
CA LEU A 26 -10.53 14.50 -1.19
C LEU A 26 -9.18 14.38 -0.48
N VAL A 27 -8.38 13.42 -0.91
CA VAL A 27 -7.05 13.21 -0.32
C VAL A 27 -6.05 12.75 -1.37
N ALA A 28 -4.83 13.27 -1.27
CA ALA A 28 -3.78 12.91 -2.21
C ALA A 28 -2.87 11.83 -1.63
N VAL A 29 -2.52 10.86 -2.48
CA VAL A 29 -1.65 9.76 -2.05
C VAL A 29 -0.46 9.59 -2.99
N LYS A 30 0.72 9.36 -2.42
CA LYS A 30 1.93 9.18 -3.21
C LYS A 30 2.59 7.85 -2.89
N VAL A 31 2.72 6.99 -3.90
CA VAL A 31 3.34 5.68 -3.72
C VAL A 31 4.74 5.66 -4.32
N VAL A 32 5.73 5.44 -3.47
CA VAL A 32 7.12 5.40 -3.90
C VAL A 32 7.67 3.98 -3.81
N ASN A 33 8.65 3.67 -4.67
CA ASN A 33 9.25 2.34 -4.68
C ASN A 33 10.71 2.41 -4.22
N ALA A 34 11.20 1.31 -3.67
CA ALA A 34 12.57 1.24 -3.19
C ALA A 34 13.56 1.57 -4.31
N ASP A 35 13.14 1.37 -5.55
CA ASP A 35 13.98 1.64 -6.71
C ASP A 35 13.99 3.14 -7.03
N GLY A 36 12.92 3.83 -6.64
CA GLY A 36 12.82 5.25 -6.91
C GLY A 36 11.52 5.63 -7.57
N ALA A 37 11.00 4.72 -8.39
CA ALA A 37 9.74 4.97 -9.10
C ALA A 37 8.64 5.40 -8.13
N GLU A 38 8.20 6.64 -8.25
CA GLU A 38 7.16 7.18 -7.38
C GLU A 38 6.08 7.90 -8.20
N MET A 39 4.84 7.81 -7.74
CA MET A 39 3.73 8.46 -8.43
C MET A 39 2.63 8.83 -7.44
N PHE A 40 2.19 10.08 -7.50
CA PHE A 40 1.14 10.58 -6.61
C PHE A 40 -0.05 11.08 -7.41
N PHE A 41 -1.23 11.02 -6.79
CA PHE A 41 -2.46 11.48 -7.45
C PHE A 41 -3.54 11.80 -6.42
N ARG A 42 -4.57 12.51 -6.85
CA ARG A 42 -5.67 12.88 -5.97
C ARG A 42 -6.84 11.91 -6.11
N ILE A 43 -7.39 11.49 -4.98
CA ILE A 43 -8.52 10.55 -4.99
C ILE A 43 -9.27 10.61 -3.66
N LYS A 44 -10.54 10.22 -3.70
CA LYS A 44 -11.38 10.21 -2.50
C LYS A 44 -10.76 9.34 -1.42
N SER A 45 -10.71 9.86 -0.20
CA SER A 45 -10.15 9.13 0.94
C SER A 45 -10.75 7.73 1.04
N ARG A 46 -12.02 7.62 0.67
CA ARG A 46 -12.72 6.34 0.73
C ARG A 46 -11.92 5.25 0.00
N THR A 47 -11.27 5.64 -1.10
CA THR A 47 -10.48 4.71 -1.88
C THR A 47 -9.22 5.38 -2.42
N ALA A 48 -8.06 4.84 -2.04
CA ALA A 48 -6.79 5.39 -2.50
C ALA A 48 -5.73 4.30 -2.60
N LEU A 49 -5.33 3.75 -1.45
CA LEU A 49 -4.33 2.70 -1.40
C LEU A 49 -4.82 1.44 -2.12
N LYS A 50 -6.14 1.28 -2.17
CA LYS A 50 -6.74 0.13 -2.82
C LYS A 50 -6.46 0.14 -4.32
N LYS A 51 -6.81 1.24 -4.97
CA LYS A 51 -6.60 1.38 -6.40
C LYS A 51 -5.11 1.56 -6.73
N LEU A 52 -4.38 2.13 -5.78
CA LEU A 52 -2.95 2.36 -5.95
C LEU A 52 -2.20 1.03 -6.03
N ILE A 53 -2.41 0.18 -5.03
CA ILE A 53 -1.75 -1.12 -4.99
C ILE A 53 -2.33 -2.07 -6.03
N ASP A 54 -3.62 -1.90 -6.32
CA ASP A 54 -4.30 -2.75 -7.29
C ASP A 54 -3.84 -2.39 -8.71
N THR A 55 -3.70 -1.10 -8.98
CA THR A 55 -3.27 -0.63 -10.30
C THR A 55 -1.79 -0.90 -10.52
N TYR A 56 -0.99 -0.71 -9.47
CA TYR A 56 0.44 -0.93 -9.56
C TYR A 56 0.77 -2.42 -9.72
N CYS A 57 0.06 -3.25 -8.96
CA CYS A 57 0.26 -4.70 -9.02
C CYS A 57 -0.25 -5.27 -10.34
N LYS A 58 -1.42 -4.80 -10.77
CA LYS A 58 -2.02 -5.26 -12.00
C LYS A 58 -1.20 -4.80 -13.21
N LYS A 59 -0.74 -3.55 -13.15
CA LYS A 59 0.07 -2.98 -14.24
C LYS A 59 1.40 -3.69 -14.35
N GLN A 60 2.07 -3.88 -13.22
CA GLN A 60 3.38 -4.55 -13.20
C GLN A 60 3.25 -5.98 -13.70
N GLY A 61 2.03 -6.51 -13.68
CA GLY A 61 1.81 -7.87 -14.13
C GLY A 61 2.14 -8.90 -13.07
N ILE A 62 1.95 -8.52 -11.81
CA ILE A 62 2.23 -9.42 -10.69
C ILE A 62 1.16 -9.30 -9.61
N SER A 63 0.72 -10.44 -9.10
CA SER A 63 -0.31 -10.47 -8.06
C SER A 63 0.15 -9.70 -6.82
N ARG A 64 -0.76 -9.53 -5.87
CA ARG A 64 -0.45 -8.80 -4.64
C ARG A 64 0.15 -9.75 -3.60
N ASN A 65 1.17 -10.50 -4.00
CA ASN A 65 1.84 -11.43 -3.10
C ASN A 65 3.36 -11.32 -3.23
N SER A 66 3.86 -10.09 -3.24
CA SER A 66 5.29 -9.85 -3.36
C SER A 66 5.60 -8.36 -3.26
N VAL A 67 4.80 -7.65 -2.47
CA VAL A 67 4.98 -6.21 -2.28
C VAL A 67 4.40 -5.75 -0.95
N ARG A 68 5.25 -5.13 -0.12
CA ARG A 68 4.82 -4.64 1.18
C ARG A 68 4.61 -3.13 1.14
N PHE A 69 3.36 -2.71 1.39
CA PHE A 69 3.02 -1.29 1.39
C PHE A 69 2.91 -0.76 2.82
N LEU A 70 3.88 0.06 3.20
CA LEU A 70 3.91 0.65 4.54
C LEU A 70 3.79 2.17 4.47
N PHE A 71 3.29 2.77 5.55
CA PHE A 71 3.12 4.22 5.62
C PHE A 71 3.79 4.79 6.86
N ASP A 72 4.96 5.39 6.67
CA ASP A 72 5.70 5.98 7.78
C ASP A 72 5.95 4.95 8.88
N GLY A 73 6.01 3.67 8.49
CA GLY A 73 6.25 2.62 9.44
C GLY A 73 5.00 1.79 9.70
N THR A 74 3.96 2.03 8.92
CA THR A 74 2.71 1.30 9.07
C THR A 74 2.48 0.35 7.90
N PRO A 75 3.08 -0.86 8.00
CA PRO A 75 2.94 -1.88 6.96
C PRO A 75 1.55 -2.47 6.89
N ILE A 76 0.72 -1.90 6.01
CA ILE A 76 -0.65 -2.37 5.84
C ILE A 76 -1.12 -2.20 4.40
N ASP A 77 -1.94 -3.13 3.94
CA ASP A 77 -2.47 -3.07 2.57
C ASP A 77 -3.94 -2.69 2.58
N GLU A 78 -4.21 -1.40 2.54
CA GLU A 78 -5.59 -0.91 2.54
C GLU A 78 -5.61 0.62 2.49
N THR A 79 -6.81 1.17 2.26
CA THR A 79 -6.97 2.62 2.19
C THR A 79 -7.88 3.13 3.30
N LYS A 80 -8.02 2.33 4.35
CA LYS A 80 -8.86 2.69 5.49
C LYS A 80 -8.01 2.95 6.73
N THR A 81 -7.02 2.08 6.95
CA THR A 81 -6.14 2.21 8.11
C THR A 81 -5.39 3.53 8.08
N PRO A 82 -4.60 3.74 7.01
CA PRO A 82 -3.80 4.96 6.84
C PRO A 82 -4.68 6.18 6.56
N GLU A 83 -5.90 5.93 6.09
CA GLU A 83 -6.83 7.02 5.78
C GLU A 83 -7.37 7.65 7.06
N GLU A 84 -7.89 6.82 7.95
CA GLU A 84 -8.43 7.31 9.22
C GLU A 84 -7.32 7.65 10.19
N LEU A 85 -6.15 7.03 10.00
CA LEU A 85 -5.01 7.27 10.87
C LEU A 85 -4.30 8.57 10.49
N GLY A 86 -4.30 8.89 9.20
CA GLY A 86 -3.66 10.10 8.73
C GLY A 86 -4.60 11.29 8.73
N MET A 87 -5.79 11.09 8.18
CA MET A 87 -6.79 12.16 8.11
C MET A 87 -6.24 13.37 7.36
N GLU A 88 -5.35 13.11 6.42
CA GLU A 88 -4.75 14.18 5.63
C GLU A 88 -4.75 13.82 4.14
N ASP A 89 -4.36 14.78 3.31
CA ASP A 89 -4.31 14.56 1.86
C ASP A 89 -2.88 14.28 1.40
N ASP A 90 -2.01 13.96 2.35
CA ASP A 90 -0.61 13.68 2.04
C ASP A 90 -0.24 12.26 2.47
N ASP A 91 -1.13 11.31 2.18
CA ASP A 91 -0.88 9.92 2.54
C ASP A 91 0.18 9.31 1.64
N VAL A 92 1.28 8.88 2.25
CA VAL A 92 2.38 8.28 1.51
C VAL A 92 2.46 6.78 1.77
N ILE A 93 3.01 6.04 0.81
CA ILE A 93 3.14 4.60 0.93
C ILE A 93 4.35 4.08 0.15
N ASP A 94 5.12 3.22 0.78
CA ASP A 94 6.30 2.65 0.14
C ASP A 94 6.11 1.16 -0.14
N ALA A 95 6.30 0.77 -1.40
CA ALA A 95 6.15 -0.62 -1.81
C ALA A 95 7.50 -1.31 -1.94
N MET A 96 7.86 -2.09 -0.93
CA MET A 96 9.14 -2.81 -0.93
C MET A 96 8.97 -4.20 -1.52
N VAL A 97 10.05 -4.74 -2.08
CA VAL A 97 10.03 -6.06 -2.67
C VAL A 97 11.07 -6.98 -2.04
N GLU A 98 10.68 -8.23 -1.80
CA GLU A 98 11.58 -9.20 -1.18
C GLU A 98 11.86 -10.36 -2.14
N GLN A 99 12.35 -10.04 -3.33
CA GLN A 99 12.64 -11.06 -4.33
C GLN A 99 14.02 -11.69 -4.07
N THR A 100 14.14 -12.97 -4.39
CA THR A 100 15.40 -13.69 -4.20
C THR A 100 15.83 -13.62 -2.74
N GLY A 101 14.87 -13.63 -1.83
CA GLY A 101 15.20 -13.56 -0.41
C GLY A 101 14.27 -14.43 0.42
N GLY A 102 13.64 -15.40 -0.22
CA GLY A 102 12.73 -16.29 0.49
C GLY A 102 11.42 -15.61 0.86
N MET A 1 27.29 0.93 0.13
CA MET A 1 27.23 1.46 1.48
C MET A 1 25.82 1.97 1.79
N SER A 2 24.85 1.05 1.81
CA SER A 2 23.46 1.40 2.09
C SER A 2 22.59 0.16 2.17
N ASN A 3 22.67 -0.53 3.31
CA ASN A 3 21.90 -1.75 3.53
C ASN A 3 21.45 -1.85 4.98
N ASN A 4 20.49 -1.02 5.36
CA ASN A 4 19.96 -1.02 6.72
C ASN A 4 18.44 -0.92 6.72
N GLY A 5 17.81 -1.60 7.68
CA GLY A 5 16.36 -1.59 7.77
C GLY A 5 15.74 -2.91 7.37
N GLY A 6 14.46 -2.87 6.99
CA GLY A 6 13.77 -4.08 6.60
C GLY A 6 13.37 -4.93 7.79
N GLU A 7 13.16 -4.28 8.93
CA GLU A 7 12.76 -4.99 10.15
C GLU A 7 11.29 -4.76 10.45
N PRO A 8 10.71 -5.65 11.27
CA PRO A 8 9.30 -5.57 11.65
C PRO A 8 9.00 -4.39 12.57
N SER A 9 7.73 -4.16 12.85
CA SER A 9 7.32 -3.06 13.71
C SER A 9 6.28 -3.52 14.73
N ASN A 10 5.06 -3.75 14.25
CA ASN A 10 3.98 -4.20 15.12
C ASN A 10 2.83 -4.78 14.30
N ASN A 11 2.96 -6.06 13.93
CA ASN A 11 1.93 -6.73 13.15
C ASN A 11 1.58 -8.08 13.76
N GLY A 12 0.89 -8.04 14.90
CA GLY A 12 0.50 -9.26 15.57
C GLY A 12 -0.98 -9.58 15.39
N GLY A 13 -1.75 -8.57 15.03
CA GLY A 13 -3.18 -8.76 14.84
C GLY A 13 -3.52 -9.06 13.39
N GLU A 14 -4.03 -8.05 12.68
CA GLU A 14 -4.41 -8.21 11.29
C GLU A 14 -4.85 -6.88 10.69
N GLY A 15 -5.94 -6.32 11.24
CA GLY A 15 -6.44 -5.05 10.76
C GLY A 15 -7.80 -5.20 10.08
N ALA A 16 -8.70 -4.27 10.36
CA ALA A 16 -10.02 -4.29 9.76
C ALA A 16 -10.84 -3.06 10.16
N GLU A 17 -11.64 -2.55 9.23
CA GLU A 17 -12.47 -1.38 9.49
C GLU A 17 -13.42 -1.13 8.34
N GLY A 18 -14.31 -0.15 8.52
CA GLY A 18 -15.28 0.17 7.47
C GLY A 18 -16.27 1.23 7.92
N THR A 19 -16.75 2.02 6.97
CA THR A 19 -17.72 3.08 7.27
C THR A 19 -18.46 3.52 6.02
N CYS A 20 -19.47 4.35 6.19
CA CYS A 20 -20.26 4.84 5.08
C CYS A 20 -20.58 6.33 5.24
N LYS A 21 -20.40 7.09 4.16
CA LYS A 21 -20.65 8.52 4.18
C LYS A 21 -19.88 9.19 5.31
N GLU A 22 -18.64 9.59 5.03
CA GLU A 22 -17.79 10.24 6.02
C GLU A 22 -17.53 11.70 5.63
N GLU A 23 -16.68 11.89 4.63
CA GLU A 23 -16.34 13.23 4.17
C GLU A 23 -15.43 13.17 2.95
N THR A 24 -14.92 14.33 2.54
CA THR A 24 -14.04 14.41 1.38
C THR A 24 -12.62 14.79 1.80
N ALA A 25 -11.64 14.27 1.09
CA ALA A 25 -10.24 14.56 1.38
C ALA A 25 -9.33 14.09 0.25
N LEU A 26 -8.10 14.61 0.24
CA LEU A 26 -7.14 14.24 -0.80
C LEU A 26 -5.83 13.76 -0.17
N VAL A 27 -5.38 12.58 -0.59
CA VAL A 27 -4.14 12.01 -0.09
C VAL A 27 -3.29 11.46 -1.22
N ALA A 28 -2.00 11.78 -1.18
CA ALA A 28 -1.06 11.31 -2.20
C ALA A 28 -0.44 9.98 -1.81
N VAL A 29 -0.35 9.07 -2.77
CA VAL A 29 0.22 7.76 -2.52
C VAL A 29 1.45 7.51 -3.40
N LYS A 30 2.46 6.88 -2.84
CA LYS A 30 3.69 6.59 -3.58
C LYS A 30 4.03 5.09 -3.49
N VAL A 31 3.86 4.40 -4.60
CA VAL A 31 4.15 2.97 -4.66
C VAL A 31 5.55 2.72 -5.22
N VAL A 32 6.41 2.12 -4.39
CA VAL A 32 7.78 1.82 -4.81
C VAL A 32 8.00 0.31 -4.92
N ASN A 33 9.04 -0.07 -5.64
CA ASN A 33 9.37 -1.48 -5.83
C ASN A 33 10.85 -1.73 -5.61
N ALA A 34 11.19 -2.95 -5.21
CA ALA A 34 12.57 -3.32 -4.95
C ALA A 34 13.41 -3.22 -6.23
N ASP A 35 12.74 -3.32 -7.37
CA ASP A 35 13.42 -3.23 -8.66
C ASP A 35 13.77 -1.79 -8.99
N GLY A 36 13.01 -0.85 -8.43
CA GLY A 36 13.26 0.55 -8.68
C GLY A 36 12.03 1.27 -9.21
N ALA A 37 11.32 0.62 -10.13
CA ALA A 37 10.12 1.21 -10.71
C ALA A 37 9.16 1.69 -9.63
N GLU A 38 8.84 2.97 -9.66
CA GLU A 38 7.92 3.56 -8.68
C GLU A 38 7.04 4.62 -9.32
N MET A 39 5.88 4.85 -8.73
CA MET A 39 4.94 5.84 -9.24
C MET A 39 3.99 6.31 -8.15
N PHE A 40 3.73 7.61 -8.11
CA PHE A 40 2.85 8.19 -7.11
C PHE A 40 1.78 9.06 -7.77
N PHE A 41 0.65 9.24 -7.08
CA PHE A 41 -0.45 10.04 -7.60
C PHE A 41 -1.36 10.50 -6.47
N ARG A 42 -2.04 11.63 -6.68
CA ARG A 42 -2.95 12.17 -5.68
C ARG A 42 -4.36 11.65 -5.88
N ILE A 43 -4.87 10.94 -4.88
CA ILE A 43 -6.22 10.39 -4.94
C ILE A 43 -6.93 10.51 -3.60
N LYS A 44 -8.26 10.56 -3.64
CA LYS A 44 -9.06 10.68 -2.43
C LYS A 44 -8.67 9.60 -1.42
N SER A 45 -8.54 10.00 -0.16
CA SER A 45 -8.17 9.07 0.90
C SER A 45 -9.16 7.91 0.97
N ARG A 46 -10.42 8.21 0.71
CA ARG A 46 -11.47 7.19 0.74
C ARG A 46 -11.09 5.98 -0.10
N THR A 47 -10.31 6.23 -1.16
CA THR A 47 -9.87 5.16 -2.05
C THR A 47 -8.63 5.57 -2.83
N ALA A 48 -7.55 4.81 -2.65
CA ALA A 48 -6.29 5.09 -3.35
C ALA A 48 -5.48 3.82 -3.55
N LEU A 49 -5.23 3.09 -2.46
CA LEU A 49 -4.47 1.86 -2.53
C LEU A 49 -5.21 0.79 -3.31
N LYS A 50 -6.54 0.87 -3.28
CA LYS A 50 -7.38 -0.09 -4.00
C LYS A 50 -7.29 0.12 -5.51
N LYS A 51 -7.45 1.38 -5.93
CA LYS A 51 -7.37 1.72 -7.35
C LYS A 51 -5.95 1.59 -7.87
N LEU A 52 -4.98 1.77 -6.99
CA LEU A 52 -3.58 1.66 -7.35
C LEU A 52 -3.17 0.22 -7.56
N ILE A 53 -3.41 -0.61 -6.56
CA ILE A 53 -3.08 -2.03 -6.63
C ILE A 53 -3.93 -2.74 -7.69
N ASP A 54 -5.11 -2.21 -7.94
CA ASP A 54 -6.01 -2.79 -8.93
C ASP A 54 -5.50 -2.53 -10.35
N THR A 55 -5.10 -1.29 -10.61
CA THR A 55 -4.59 -0.91 -11.92
C THR A 55 -3.20 -1.48 -12.16
N TYR A 56 -2.42 -1.61 -11.09
CA TYR A 56 -1.07 -2.14 -11.18
C TYR A 56 -1.10 -3.65 -11.40
N CYS A 57 -1.96 -4.33 -10.65
CA CYS A 57 -2.09 -5.79 -10.76
C CYS A 57 -2.74 -6.17 -12.08
N LYS A 58 -3.73 -5.39 -12.50
CA LYS A 58 -4.44 -5.65 -13.75
C LYS A 58 -3.55 -5.37 -14.95
N LYS A 59 -2.79 -4.29 -14.87
CA LYS A 59 -1.88 -3.90 -15.96
C LYS A 59 -0.74 -4.91 -16.09
N GLN A 60 -0.13 -5.26 -14.97
CA GLN A 60 0.97 -6.21 -14.97
C GLN A 60 0.51 -7.58 -15.47
N GLY A 61 -0.79 -7.80 -15.43
CA GLY A 61 -1.34 -9.08 -15.88
C GLY A 61 -1.25 -10.15 -14.81
N ILE A 62 -1.34 -9.74 -13.55
CA ILE A 62 -1.27 -10.68 -12.44
C ILE A 62 -2.21 -10.26 -11.31
N SER A 63 -2.93 -11.24 -10.76
CA SER A 63 -3.87 -10.98 -9.68
C SER A 63 -3.15 -10.36 -8.48
N ARG A 64 -3.93 -9.94 -7.49
CA ARG A 64 -3.38 -9.31 -6.30
C ARG A 64 -2.98 -10.38 -5.28
N ASN A 65 -2.19 -11.36 -5.72
CA ASN A 65 -1.74 -12.43 -4.85
C ASN A 65 -0.26 -12.73 -5.07
N SER A 66 0.49 -11.71 -5.46
CA SER A 66 1.92 -11.86 -5.71
C SER A 66 2.66 -10.55 -5.45
N VAL A 67 2.09 -9.71 -4.58
CA VAL A 67 2.70 -8.44 -4.25
C VAL A 67 2.28 -7.97 -2.86
N ARG A 68 3.25 -7.82 -1.98
CA ARG A 68 2.99 -7.38 -0.60
C ARG A 68 3.29 -5.90 -0.43
N PHE A 69 2.25 -5.10 -0.29
CA PHE A 69 2.40 -3.66 -0.12
C PHE A 69 2.46 -3.28 1.36
N LEU A 70 3.66 -2.92 1.83
CA LEU A 70 3.85 -2.54 3.23
C LEU A 70 4.18 -1.06 3.34
N PHE A 71 3.77 -0.46 4.46
CA PHE A 71 4.02 0.96 4.70
C PHE A 71 4.78 1.16 6.01
N ASP A 72 6.07 1.51 5.90
CA ASP A 72 6.90 1.73 7.07
C ASP A 72 6.94 0.48 7.95
N GLY A 73 6.65 -0.67 7.35
CA GLY A 73 6.67 -1.92 8.08
C GLY A 73 5.28 -2.48 8.31
N THR A 74 4.29 -1.86 7.69
CA THR A 74 2.90 -2.30 7.83
C THR A 74 2.40 -2.95 6.55
N PRO A 75 2.63 -4.27 6.42
CA PRO A 75 2.21 -5.04 5.25
C PRO A 75 0.70 -5.20 5.18
N ILE A 76 0.05 -4.34 4.40
CA ILE A 76 -1.40 -4.39 4.25
C ILE A 76 -1.82 -3.95 2.85
N ASP A 77 -2.86 -4.58 2.33
CA ASP A 77 -3.37 -4.26 0.99
C ASP A 77 -4.80 -3.71 1.06
N GLU A 78 -4.91 -2.39 1.15
CA GLU A 78 -6.22 -1.75 1.22
C GLU A 78 -6.08 -0.23 1.28
N THR A 79 -7.19 0.47 1.11
CA THR A 79 -7.20 1.93 1.14
C THR A 79 -7.85 2.46 2.41
N LYS A 80 -8.05 1.56 3.38
CA LYS A 80 -8.67 1.94 4.65
C LYS A 80 -7.71 1.69 5.81
N THR A 81 -6.91 0.63 5.70
CA THR A 81 -5.95 0.29 6.74
C THR A 81 -4.85 1.33 6.84
N PRO A 82 -4.09 1.52 5.75
CA PRO A 82 -3.00 2.49 5.70
C PRO A 82 -3.51 3.93 5.71
N GLU A 83 -4.75 4.12 5.29
CA GLU A 83 -5.36 5.45 5.26
C GLU A 83 -5.73 5.91 6.66
N GLU A 84 -6.41 5.04 7.40
CA GLU A 84 -6.84 5.36 8.76
C GLU A 84 -5.65 5.35 9.72
N LEU A 85 -4.70 4.45 9.46
CA LEU A 85 -3.51 4.33 10.31
C LEU A 85 -2.54 5.47 10.03
N GLY A 86 -2.49 5.91 8.77
CA GLY A 86 -1.60 6.98 8.39
C GLY A 86 -2.21 8.35 8.60
N MET A 87 -3.34 8.58 7.95
CA MET A 87 -4.04 9.86 8.07
C MET A 87 -3.18 11.00 7.51
N GLU A 88 -2.65 10.80 6.31
CA GLU A 88 -1.80 11.81 5.68
C GLU A 88 -1.80 11.64 4.17
N ASP A 89 -1.38 12.69 3.46
CA ASP A 89 -1.32 12.65 2.00
C ASP A 89 0.02 12.14 1.51
N ASP A 90 0.73 11.43 2.39
CA ASP A 90 2.03 10.88 2.05
C ASP A 90 2.09 9.37 2.32
N ASP A 91 1.02 8.68 1.94
CA ASP A 91 0.94 7.24 2.14
C ASP A 91 1.81 6.50 1.13
N VAL A 92 2.89 5.88 1.63
CA VAL A 92 3.81 5.14 0.78
C VAL A 92 3.66 3.63 0.99
N ILE A 93 3.92 2.87 -0.06
CA ILE A 93 3.82 1.42 0.00
C ILE A 93 4.84 0.75 -0.91
N ASP A 94 5.68 -0.11 -0.33
CA ASP A 94 6.69 -0.81 -1.09
C ASP A 94 6.27 -2.24 -1.37
N ALA A 95 6.02 -2.54 -2.64
CA ALA A 95 5.60 -3.88 -3.05
C ALA A 95 6.80 -4.83 -3.10
N MET A 96 6.76 -5.87 -2.27
CA MET A 96 7.84 -6.85 -2.24
C MET A 96 7.30 -8.25 -2.55
N VAL A 97 8.19 -9.11 -3.06
CA VAL A 97 7.81 -10.48 -3.40
C VAL A 97 7.87 -11.38 -2.18
N GLU A 98 6.69 -11.78 -1.69
CA GLU A 98 6.61 -12.65 -0.52
C GLU A 98 5.61 -13.78 -0.75
N GLN A 99 5.67 -14.38 -1.93
CA GLN A 99 4.78 -15.47 -2.28
C GLN A 99 5.43 -16.83 -2.02
N THR A 100 6.21 -16.90 -0.95
CA THR A 100 6.90 -18.14 -0.59
C THR A 100 5.92 -19.18 -0.09
N GLY A 101 6.09 -20.43 -0.53
CA GLY A 101 5.22 -21.50 -0.11
C GLY A 101 5.97 -22.79 0.18
N GLY A 102 5.76 -23.80 -0.67
CA GLY A 102 6.43 -25.06 -0.48
C GLY A 102 6.90 -25.67 -1.79
N MET A 1 25.37 -28.95 0.05
CA MET A 1 24.95 -28.09 1.15
C MET A 1 24.08 -26.95 0.65
N SER A 2 23.35 -26.32 1.57
CA SER A 2 22.47 -25.21 1.22
C SER A 2 22.04 -24.44 2.47
N ASN A 3 21.34 -23.33 2.26
CA ASN A 3 20.89 -22.50 3.37
C ASN A 3 19.98 -21.38 2.87
N ASN A 4 18.68 -21.50 3.14
CA ASN A 4 17.72 -20.49 2.71
C ASN A 4 16.46 -20.56 3.58
N GLY A 5 15.72 -19.46 3.61
CA GLY A 5 14.50 -19.40 4.40
C GLY A 5 14.10 -17.98 4.76
N GLY A 6 12.88 -17.82 5.26
CA GLY A 6 12.40 -16.50 5.64
C GLY A 6 11.29 -16.57 6.67
N GLU A 7 11.28 -15.59 7.58
CA GLU A 7 10.25 -15.55 8.62
C GLU A 7 9.14 -14.58 8.24
N PRO A 8 7.97 -14.74 8.89
CA PRO A 8 6.80 -13.90 8.64
C PRO A 8 7.00 -12.47 9.14
N SER A 9 6.03 -11.60 8.86
CA SER A 9 6.09 -10.21 9.28
C SER A 9 4.70 -9.59 9.31
N ASN A 10 4.09 -9.59 10.49
CA ASN A 10 2.76 -9.02 10.65
C ASN A 10 2.81 -7.73 11.45
N ASN A 11 1.95 -6.78 11.10
CA ASN A 11 1.90 -5.49 11.79
C ASN A 11 0.48 -4.91 11.76
N GLY A 12 0.32 -3.75 12.36
CA GLY A 12 -0.98 -3.10 12.41
C GLY A 12 -1.35 -2.62 13.79
N GLY A 13 -0.92 -3.35 14.81
CA GLY A 13 -1.21 -2.98 16.18
C GLY A 13 -2.43 -3.69 16.73
N GLU A 14 -2.48 -5.01 16.53
CA GLU A 14 -3.60 -5.81 17.01
C GLU A 14 -4.88 -5.48 16.23
N GLY A 15 -5.48 -4.34 16.54
CA GLY A 15 -6.69 -3.93 15.86
C GLY A 15 -6.92 -2.44 15.91
N ALA A 16 -7.69 -1.92 14.96
CA ALA A 16 -7.98 -0.50 14.90
C ALA A 16 -9.46 -0.25 14.66
N GLU A 17 -10.13 0.34 15.65
CA GLU A 17 -11.56 0.62 15.53
C GLU A 17 -11.79 1.88 14.69
N GLY A 18 -13.01 2.01 14.16
CA GLY A 18 -13.34 3.16 13.35
C GLY A 18 -14.53 2.90 12.43
N THR A 19 -14.25 2.78 11.14
CA THR A 19 -15.31 2.53 10.16
C THR A 19 -16.27 3.70 10.09
N CYS A 20 -16.19 4.47 9.01
CA CYS A 20 -17.07 5.62 8.82
C CYS A 20 -17.80 5.54 7.49
N LYS A 21 -19.11 5.78 7.52
CA LYS A 21 -19.93 5.72 6.31
C LYS A 21 -20.19 7.13 5.78
N GLU A 22 -20.12 7.28 4.46
CA GLU A 22 -20.35 8.57 3.82
C GLU A 22 -20.24 8.45 2.31
N GLU A 23 -21.01 9.28 1.60
CA GLU A 23 -21.00 9.27 0.14
C GLU A 23 -20.10 10.36 -0.40
N THR A 24 -19.10 10.75 0.39
CA THR A 24 -18.16 11.80 -0.02
C THR A 24 -16.83 11.64 0.71
N ALA A 25 -15.74 11.82 -0.04
CA ALA A 25 -14.40 11.70 0.53
C ALA A 25 -13.35 12.24 -0.43
N LEU A 26 -12.36 12.93 0.11
CA LEU A 26 -11.29 13.50 -0.70
C LEU A 26 -9.93 13.35 -0.01
N VAL A 27 -9.06 12.52 -0.60
CA VAL A 27 -7.75 12.29 -0.04
C VAL A 27 -6.72 12.05 -1.14
N ALA A 28 -5.52 12.60 -0.96
CA ALA A 28 -4.45 12.44 -1.94
C ALA A 28 -3.48 11.35 -1.52
N VAL A 29 -3.05 10.54 -2.48
CA VAL A 29 -2.12 9.45 -2.21
C VAL A 29 -0.91 9.52 -3.13
N LYS A 30 0.27 9.26 -2.56
CA LYS A 30 1.50 9.31 -3.32
C LYS A 30 2.26 7.99 -3.20
N VAL A 31 2.49 7.32 -4.33
CA VAL A 31 3.20 6.06 -4.35
C VAL A 31 4.66 6.25 -4.74
N VAL A 32 5.57 5.79 -3.89
CA VAL A 32 6.99 5.91 -4.16
C VAL A 32 7.65 4.54 -4.27
N ASN A 33 8.62 4.43 -5.19
CA ASN A 33 9.32 3.17 -5.40
C ASN A 33 10.80 3.32 -5.07
N ALA A 34 11.42 2.21 -4.68
CA ALA A 34 12.84 2.21 -4.34
C ALA A 34 13.69 2.79 -5.47
N ASP A 35 13.29 2.47 -6.70
CA ASP A 35 14.00 2.95 -7.89
C ASP A 35 13.86 4.47 -8.02
N GLY A 36 12.78 5.01 -7.46
CA GLY A 36 12.56 6.45 -7.53
C GLY A 36 11.23 6.79 -8.18
N ALA A 37 10.83 5.98 -9.17
CA ALA A 37 9.58 6.21 -9.87
C ALA A 37 8.42 6.35 -8.89
N GLU A 38 7.82 7.54 -8.84
CA GLU A 38 6.71 7.81 -7.95
C GLU A 38 5.64 8.65 -8.64
N MET A 39 4.45 8.68 -8.06
CA MET A 39 3.34 9.45 -8.62
C MET A 39 2.23 9.64 -7.59
N PHE A 40 1.72 10.86 -7.49
CA PHE A 40 0.67 11.18 -6.55
C PHE A 40 -0.58 11.70 -7.27
N PHE A 41 -1.74 11.48 -6.68
CA PHE A 41 -2.99 11.94 -7.26
C PHE A 41 -4.09 12.03 -6.20
N ARG A 42 -5.08 12.87 -6.46
CA ARG A 42 -6.20 13.06 -5.53
C ARG A 42 -7.39 12.19 -5.93
N ILE A 43 -7.95 11.49 -4.95
CA ILE A 43 -9.09 10.62 -5.19
C ILE A 43 -9.84 10.31 -3.90
N LYS A 44 -11.07 9.84 -4.03
CA LYS A 44 -11.88 9.50 -2.87
C LYS A 44 -11.22 8.40 -2.04
N SER A 45 -11.16 8.61 -0.73
CA SER A 45 -10.56 7.63 0.17
C SER A 45 -11.14 6.25 -0.05
N ARG A 46 -12.39 6.20 -0.48
CA ARG A 46 -13.07 4.93 -0.75
C ARG A 46 -12.27 4.07 -1.71
N THR A 47 -11.45 4.72 -2.53
CA THR A 47 -10.63 4.00 -3.51
C THR A 47 -9.41 4.82 -3.89
N ALA A 48 -8.23 4.32 -3.55
CA ALA A 48 -6.97 5.01 -3.86
C ALA A 48 -5.81 4.02 -3.92
N LEU A 49 -5.54 3.37 -2.80
CA LEU A 49 -4.44 2.40 -2.72
C LEU A 49 -4.73 1.19 -3.61
N LYS A 50 -6.01 0.88 -3.77
CA LYS A 50 -6.41 -0.26 -4.59
C LYS A 50 -6.02 -0.03 -6.05
N LYS A 51 -6.41 1.12 -6.59
CA LYS A 51 -6.10 1.45 -7.97
C LYS A 51 -4.62 1.77 -8.14
N LEU A 52 -4.00 2.27 -7.07
CA LEU A 52 -2.59 2.61 -7.11
C LEU A 52 -1.72 1.37 -7.27
N ILE A 53 -1.94 0.38 -6.41
CA ILE A 53 -1.19 -0.86 -6.48
C ILE A 53 -1.61 -1.71 -7.68
N ASP A 54 -2.88 -1.60 -8.04
CA ASP A 54 -3.41 -2.35 -9.18
C ASP A 54 -2.89 -1.79 -10.49
N THR A 55 -2.81 -0.47 -10.59
CA THR A 55 -2.33 0.19 -11.79
C THR A 55 -0.82 0.07 -11.91
N TYR A 56 -0.13 0.18 -10.78
CA TYR A 56 1.33 0.08 -10.76
C TYR A 56 1.78 -1.35 -11.09
N CYS A 57 1.10 -2.33 -10.50
CA CYS A 57 1.44 -3.72 -10.74
C CYS A 57 1.08 -4.14 -12.16
N LYS A 58 -0.12 -3.78 -12.60
CA LYS A 58 -0.58 -4.12 -13.94
C LYS A 58 0.28 -3.44 -15.00
N LYS A 59 0.62 -2.17 -14.76
CA LYS A 59 1.45 -1.42 -15.69
C LYS A 59 2.85 -2.00 -15.78
N GLN A 60 3.44 -2.30 -14.62
CA GLN A 60 4.78 -2.86 -14.57
C GLN A 60 4.81 -4.25 -15.22
N GLY A 61 3.63 -4.87 -15.33
CA GLY A 61 3.55 -6.19 -15.92
C GLY A 61 3.81 -7.29 -14.92
N ILE A 62 3.56 -7.00 -13.64
CA ILE A 62 3.77 -7.99 -12.59
C ILE A 62 2.54 -8.12 -11.71
N SER A 63 2.27 -9.34 -11.25
CA SER A 63 1.11 -9.61 -10.40
C SER A 63 1.18 -8.76 -9.13
N ARG A 64 0.10 -8.80 -8.36
CA ARG A 64 0.03 -8.03 -7.11
C ARG A 64 0.59 -8.84 -5.95
N ASN A 65 1.79 -9.37 -6.13
CA ASN A 65 2.43 -10.17 -5.08
C ASN A 65 3.96 -10.09 -5.21
N SER A 66 4.47 -8.88 -5.40
CA SER A 66 5.91 -8.68 -5.54
C SER A 66 6.29 -7.26 -5.12
N VAL A 67 5.44 -6.62 -4.33
CA VAL A 67 5.68 -5.27 -3.86
C VAL A 67 4.94 -5.00 -2.55
N ARG A 68 5.69 -4.67 -1.51
CA ARG A 68 5.10 -4.38 -0.20
C ARG A 68 4.93 -2.88 -0.01
N PHE A 69 3.68 -2.43 -0.03
CA PHE A 69 3.38 -1.00 0.13
C PHE A 69 3.13 -0.68 1.60
N LEU A 70 4.05 0.07 2.20
CA LEU A 70 3.94 0.45 3.61
C LEU A 70 3.82 1.96 3.75
N PHE A 71 3.13 2.41 4.80
CA PHE A 71 2.94 3.83 5.04
C PHE A 71 3.48 4.22 6.42
N ASP A 72 4.62 4.90 6.44
CA ASP A 72 5.23 5.33 7.69
C ASP A 72 5.55 4.13 8.57
N GLY A 73 5.65 2.96 7.96
CA GLY A 73 5.95 1.74 8.71
C GLY A 73 4.76 0.82 8.81
N THR A 74 3.69 1.14 8.09
CA THR A 74 2.48 0.33 8.10
C THR A 74 2.30 -0.41 6.77
N PRO A 75 2.89 -1.61 6.68
CA PRO A 75 2.81 -2.43 5.47
C PRO A 75 1.41 -3.00 5.25
N ILE A 76 0.66 -2.36 4.37
CA ILE A 76 -0.70 -2.79 4.06
C ILE A 76 -1.08 -2.46 2.62
N ASP A 77 -1.86 -3.32 2.00
CA ASP A 77 -2.29 -3.11 0.62
C ASP A 77 -3.81 -2.99 0.55
N GLU A 78 -4.32 -1.76 0.68
CA GLU A 78 -5.76 -1.51 0.63
C GLU A 78 -6.05 -0.03 0.78
N THR A 79 -7.28 0.37 0.47
CA THR A 79 -7.69 1.75 0.57
C THR A 79 -8.73 1.95 1.67
N LYS A 80 -8.55 1.21 2.77
CA LYS A 80 -9.47 1.31 3.90
C LYS A 80 -8.70 1.25 5.22
N THR A 81 -7.71 0.37 5.30
CA THR A 81 -6.90 0.21 6.50
C THR A 81 -6.02 1.43 6.72
N PRO A 82 -5.15 1.73 5.73
CA PRO A 82 -4.24 2.87 5.80
C PRO A 82 -4.96 4.20 5.71
N GLU A 83 -6.10 4.21 5.03
CA GLU A 83 -6.90 5.42 4.86
C GLU A 83 -7.63 5.77 6.15
N GLU A 84 -8.13 4.74 6.85
CA GLU A 84 -8.85 4.94 8.09
C GLU A 84 -7.89 5.17 9.25
N LEU A 85 -6.67 4.65 9.11
CA LEU A 85 -5.66 4.79 10.14
C LEU A 85 -4.93 6.13 10.03
N GLY A 86 -4.77 6.60 8.79
CA GLY A 86 -4.10 7.86 8.56
C GLY A 86 -5.01 9.05 8.82
N MET A 87 -6.19 9.03 8.23
CA MET A 87 -7.15 10.11 8.40
C MET A 87 -6.59 11.42 7.86
N GLU A 88 -6.06 11.37 6.64
CA GLU A 88 -5.48 12.55 6.00
C GLU A 88 -5.48 12.40 4.48
N ASP A 89 -5.12 13.47 3.79
CA ASP A 89 -5.07 13.46 2.34
C ASP A 89 -3.64 13.34 1.84
N ASP A 90 -2.75 12.91 2.73
CA ASP A 90 -1.33 12.74 2.39
C ASP A 90 -0.90 11.30 2.61
N ASP A 91 -1.73 10.36 2.20
CA ASP A 91 -1.43 8.94 2.34
C ASP A 91 -0.32 8.52 1.38
N VAL A 92 0.85 8.21 1.92
CA VAL A 92 1.98 7.79 1.11
C VAL A 92 2.27 6.31 1.28
N ILE A 93 2.64 5.65 0.19
CA ILE A 93 2.95 4.22 0.22
C ILE A 93 4.24 3.91 -0.52
N ASP A 94 5.23 3.42 0.21
CA ASP A 94 6.52 3.08 -0.38
C ASP A 94 6.62 1.59 -0.64
N ALA A 95 6.66 1.22 -1.92
CA ALA A 95 6.76 -0.18 -2.31
C ALA A 95 8.20 -0.68 -2.20
N MET A 96 8.39 -1.71 -1.37
CA MET A 96 9.71 -2.28 -1.17
C MET A 96 9.72 -3.78 -1.49
N VAL A 97 10.88 -4.30 -1.86
CA VAL A 97 11.01 -5.71 -2.18
C VAL A 97 11.57 -6.50 -1.01
N GLU A 98 10.92 -7.62 -0.68
CA GLU A 98 11.36 -8.45 0.43
C GLU A 98 11.89 -9.80 -0.08
N GLN A 99 12.59 -9.76 -1.21
CA GLN A 99 13.15 -10.96 -1.80
C GLN A 99 12.05 -11.95 -2.18
N THR A 100 12.44 -13.03 -2.86
CA THR A 100 11.48 -14.04 -3.30
C THR A 100 11.91 -15.43 -2.84
N GLY A 101 10.95 -16.22 -2.40
CA GLY A 101 11.26 -17.57 -1.95
C GLY A 101 10.98 -18.62 -3.02
N GLY A 102 11.95 -19.50 -3.23
CA GLY A 102 11.79 -20.54 -4.24
C GLY A 102 11.43 -19.98 -5.60
N MET A 1 27.10 -15.38 15.51
CA MET A 1 28.03 -15.65 16.60
C MET A 1 27.29 -16.04 17.86
N SER A 2 26.55 -15.09 18.42
CA SER A 2 25.79 -15.34 19.65
C SER A 2 24.49 -14.54 19.66
N ASN A 3 23.83 -14.49 18.49
CA ASN A 3 22.58 -13.77 18.36
C ASN A 3 21.73 -14.33 17.23
N ASN A 4 20.57 -14.87 17.58
CA ASN A 4 19.67 -15.46 16.59
C ASN A 4 18.25 -15.56 17.14
N GLY A 5 17.28 -15.08 16.37
CA GLY A 5 15.90 -15.13 16.80
C GLY A 5 15.12 -16.23 16.10
N GLY A 6 13.79 -16.11 16.14
CA GLY A 6 12.95 -17.11 15.51
C GLY A 6 12.48 -16.70 14.13
N GLU A 7 11.20 -16.33 14.03
CA GLU A 7 10.63 -15.91 12.76
C GLU A 7 10.53 -14.39 12.67
N PRO A 8 10.42 -13.87 11.45
CA PRO A 8 10.31 -12.42 11.22
C PRO A 8 8.98 -11.84 11.70
N SER A 9 7.90 -12.59 11.48
CA SER A 9 6.58 -12.15 11.89
C SER A 9 5.61 -13.33 11.93
N ASN A 10 4.90 -13.46 13.05
CA ASN A 10 3.94 -14.54 13.24
C ASN A 10 2.56 -14.13 12.73
N ASN A 11 2.23 -12.86 12.91
CA ASN A 11 0.94 -12.34 12.47
C ASN A 11 -0.21 -13.02 13.23
N GLY A 12 -1.43 -12.55 12.99
CA GLY A 12 -2.59 -13.12 13.65
C GLY A 12 -3.76 -13.28 12.71
N GLY A 13 -4.67 -12.31 12.73
CA GLY A 13 -5.84 -12.37 11.89
C GLY A 13 -6.19 -11.01 11.29
N GLU A 14 -5.21 -10.11 11.26
CA GLU A 14 -5.43 -8.78 10.71
C GLU A 14 -6.31 -7.94 11.64
N GLY A 15 -7.59 -8.31 11.72
CA GLY A 15 -8.51 -7.59 12.58
C GLY A 15 -9.91 -7.50 11.98
N ALA A 16 -10.53 -6.34 12.15
CA ALA A 16 -11.88 -6.12 11.62
C ALA A 16 -11.98 -4.78 10.91
N GLU A 17 -13.21 -4.38 10.57
CA GLU A 17 -13.43 -3.12 9.88
C GLU A 17 -14.89 -2.68 10.02
N GLY A 18 -15.22 -1.53 9.42
CA GLY A 18 -16.57 -1.03 9.49
C GLY A 18 -17.04 -0.45 8.17
N THR A 19 -18.28 0.04 8.14
CA THR A 19 -18.85 0.61 6.94
C THR A 19 -20.00 1.55 7.27
N CYS A 20 -19.88 2.80 6.82
CA CYS A 20 -20.92 3.80 7.07
C CYS A 20 -21.18 4.64 5.83
N LYS A 21 -20.11 5.02 5.14
CA LYS A 21 -20.22 5.82 3.92
C LYS A 21 -21.00 7.10 4.19
N GLU A 22 -20.41 7.99 4.97
CA GLU A 22 -21.06 9.26 5.29
C GLU A 22 -20.12 10.16 6.09
N GLU A 23 -19.17 10.78 5.39
CA GLU A 23 -18.20 11.67 6.03
C GLU A 23 -17.29 12.31 5.00
N THR A 24 -16.24 12.98 5.47
CA THR A 24 -15.29 13.65 4.58
C THR A 24 -13.96 12.91 4.58
N ALA A 25 -13.45 12.65 3.37
CA ALA A 25 -12.17 11.96 3.23
C ALA A 25 -11.47 12.36 1.92
N LEU A 26 -10.38 13.10 2.06
CA LEU A 26 -9.62 13.55 0.90
C LEU A 26 -8.12 13.44 1.14
N VAL A 27 -7.47 12.55 0.40
CA VAL A 27 -6.03 12.35 0.54
C VAL A 27 -5.40 12.00 -0.81
N ALA A 28 -4.16 12.45 -0.99
CA ALA A 28 -3.44 12.19 -2.23
C ALA A 28 -2.37 11.11 -2.03
N VAL A 29 -2.24 10.24 -3.03
CA VAL A 29 -1.26 9.14 -2.96
C VAL A 29 -0.31 9.20 -4.15
N LYS A 30 0.94 8.81 -3.90
CA LYS A 30 1.96 8.81 -4.95
C LYS A 30 2.76 7.51 -4.92
N VAL A 31 2.66 6.74 -5.99
CA VAL A 31 3.38 5.47 -6.09
C VAL A 31 4.68 5.64 -6.87
N VAL A 32 5.80 5.25 -6.25
CA VAL A 32 7.10 5.36 -6.87
C VAL A 32 7.74 3.99 -7.06
N ASN A 33 8.62 3.88 -8.05
CA ASN A 33 9.30 2.62 -8.33
C ASN A 33 10.82 2.83 -8.38
N ALA A 34 11.56 1.77 -8.09
CA ALA A 34 13.01 1.82 -8.10
C ALA A 34 13.53 2.28 -9.47
N ASP A 35 12.72 2.07 -10.50
CA ASP A 35 13.09 2.46 -11.85
C ASP A 35 12.93 3.96 -12.05
N GLY A 36 12.06 4.57 -11.25
CA GLY A 36 11.83 6.00 -11.35
C GLY A 36 10.38 6.32 -11.68
N ALA A 37 9.77 5.52 -12.55
CA ALA A 37 8.39 5.73 -12.95
C ALA A 37 7.47 5.83 -11.74
N GLU A 38 6.77 6.95 -11.61
CA GLU A 38 5.87 7.17 -10.49
C GLU A 38 4.63 7.94 -10.93
N MET A 39 3.59 7.91 -10.11
CA MET A 39 2.35 8.59 -10.42
C MET A 39 1.62 9.02 -9.14
N PHE A 40 1.26 10.29 -9.07
CA PHE A 40 0.56 10.82 -7.90
C PHE A 40 -0.77 11.45 -8.30
N PHE A 41 -1.79 11.25 -7.47
CA PHE A 41 -3.11 11.80 -7.73
C PHE A 41 -3.94 11.88 -6.44
N ARG A 42 -4.98 12.71 -6.46
CA ARG A 42 -5.84 12.87 -5.31
C ARG A 42 -7.05 11.95 -5.39
N ILE A 43 -7.47 11.41 -4.25
CA ILE A 43 -8.61 10.52 -4.19
C ILE A 43 -9.17 10.42 -2.78
N LYS A 44 -10.43 9.99 -2.68
CA LYS A 44 -11.08 9.85 -1.38
C LYS A 44 -10.25 8.98 -0.44
N SER A 45 -10.10 9.44 0.80
CA SER A 45 -9.32 8.70 1.79
C SER A 45 -9.89 7.30 1.99
N ARG A 46 -11.20 7.18 1.92
CA ARG A 46 -11.87 5.89 2.09
C ARG A 46 -11.32 4.86 1.10
N THR A 47 -10.77 5.35 0.00
CA THR A 47 -10.21 4.47 -1.03
C THR A 47 -9.11 5.18 -1.81
N ALA A 48 -7.87 4.77 -1.59
CA ALA A 48 -6.73 5.36 -2.28
C ALA A 48 -5.72 4.29 -2.69
N LEU A 49 -5.14 3.62 -1.71
CA LEU A 49 -4.16 2.57 -1.97
C LEU A 49 -4.82 1.38 -2.66
N LYS A 50 -6.10 1.18 -2.39
CA LYS A 50 -6.84 0.07 -2.99
C LYS A 50 -7.02 0.28 -4.49
N LYS A 51 -7.49 1.46 -4.87
CA LYS A 51 -7.69 1.79 -6.27
C LYS A 51 -6.37 1.99 -6.99
N LEU A 52 -5.35 2.42 -6.24
CA LEU A 52 -4.03 2.65 -6.81
C LEU A 52 -3.36 1.32 -7.18
N ILE A 53 -3.32 0.40 -6.23
CA ILE A 53 -2.71 -0.91 -6.46
C ILE A 53 -3.56 -1.75 -7.40
N ASP A 54 -4.87 -1.54 -7.36
CA ASP A 54 -5.79 -2.28 -8.21
C ASP A 54 -5.70 -1.79 -9.65
N THR A 55 -5.73 -0.48 -9.84
CA THR A 55 -5.66 0.12 -11.16
C THR A 55 -4.28 -0.09 -11.78
N TYR A 56 -3.25 0.02 -10.95
CA TYR A 56 -1.87 -0.16 -11.42
C TYR A 56 -1.62 -1.62 -11.82
N CYS A 57 -1.90 -2.54 -10.91
CA CYS A 57 -1.70 -3.95 -11.16
C CYS A 57 -2.53 -4.42 -12.36
N LYS A 58 -3.75 -3.91 -12.45
CA LYS A 58 -4.65 -4.27 -13.54
C LYS A 58 -4.21 -3.60 -14.84
N LYS A 59 -3.60 -2.44 -14.72
CA LYS A 59 -3.12 -1.69 -15.89
C LYS A 59 -1.95 -2.41 -16.55
N GLN A 60 -0.98 -2.84 -15.73
CA GLN A 60 0.19 -3.54 -16.24
C GLN A 60 -0.19 -4.92 -16.76
N GLY A 61 -1.34 -5.42 -16.33
CA GLY A 61 -1.80 -6.73 -16.77
C GLY A 61 -1.26 -7.84 -15.89
N ILE A 62 -1.00 -7.53 -14.63
CA ILE A 62 -0.48 -8.51 -13.69
C ILE A 62 -1.19 -8.41 -12.34
N SER A 63 -1.52 -9.56 -11.76
CA SER A 63 -2.19 -9.61 -10.48
C SER A 63 -1.39 -8.90 -9.41
N ARG A 64 -1.97 -8.74 -8.22
CA ARG A 64 -1.30 -8.07 -7.11
C ARG A 64 -0.40 -9.05 -6.36
N ASN A 65 0.46 -9.74 -7.09
CA ASN A 65 1.37 -10.70 -6.48
C ASN A 65 2.79 -10.53 -7.03
N SER A 66 3.15 -9.29 -7.35
CA SER A 66 4.47 -9.00 -7.89
C SER A 66 4.86 -7.54 -7.60
N VAL A 67 4.32 -6.99 -6.52
CA VAL A 67 4.61 -5.63 -6.13
C VAL A 67 4.43 -5.42 -4.63
N ARG A 68 5.50 -5.01 -3.96
CA ARG A 68 5.46 -4.79 -2.51
C ARG A 68 5.21 -3.31 -2.21
N PHE A 69 4.04 -3.01 -1.67
CA PHE A 69 3.67 -1.63 -1.33
C PHE A 69 4.05 -1.32 0.11
N LEU A 70 5.01 -0.41 0.28
CA LEU A 70 5.46 -0.02 1.60
C LEU A 70 5.35 1.50 1.80
N PHE A 71 4.80 1.90 2.93
CA PHE A 71 4.64 3.32 3.23
C PHE A 71 5.22 3.66 4.60
N ASP A 72 5.84 4.84 4.71
CA ASP A 72 6.45 5.27 5.96
C ASP A 72 7.62 4.37 6.35
N GLY A 73 8.08 3.58 5.39
CA GLY A 73 9.19 2.68 5.65
C GLY A 73 8.74 1.29 6.09
N THR A 74 7.43 1.13 6.27
CA THR A 74 6.87 -0.14 6.70
C THR A 74 6.01 -0.76 5.59
N PRO A 75 6.10 -2.09 5.44
CA PRO A 75 5.34 -2.82 4.43
C PRO A 75 3.85 -2.86 4.75
N ILE A 76 3.05 -2.19 3.93
CA ILE A 76 1.61 -2.16 4.13
C ILE A 76 0.88 -2.00 2.79
N ASP A 77 -0.11 -2.87 2.56
CA ASP A 77 -0.88 -2.83 1.33
C ASP A 77 -2.37 -2.65 1.64
N GLU A 78 -2.80 -1.39 1.73
CA GLU A 78 -4.20 -1.09 2.01
C GLU A 78 -4.42 0.42 2.06
N THR A 79 -5.69 0.82 2.13
CA THR A 79 -6.04 2.23 2.18
C THR A 79 -6.67 2.60 3.52
N LYS A 80 -6.51 1.72 4.50
CA LYS A 80 -7.06 1.94 5.83
C LYS A 80 -5.94 2.07 6.86
N THR A 81 -4.98 1.16 6.81
CA THR A 81 -3.86 1.17 7.74
C THR A 81 -3.06 2.45 7.61
N PRO A 82 -2.50 2.69 6.41
CA PRO A 82 -1.71 3.89 6.13
C PRO A 82 -2.55 5.16 6.10
N GLU A 83 -3.85 4.99 5.94
CA GLU A 83 -4.77 6.13 5.90
C GLU A 83 -4.97 6.71 7.29
N GLU A 84 -5.34 5.85 8.23
CA GLU A 84 -5.57 6.28 9.61
C GLU A 84 -4.25 6.50 10.34
N LEU A 85 -3.19 5.84 9.87
CA LEU A 85 -1.87 5.96 10.48
C LEU A 85 -1.16 7.22 9.98
N GLY A 86 -1.41 7.58 8.72
CA GLY A 86 -0.79 8.75 8.15
C GLY A 86 -1.56 10.02 8.45
N MET A 87 -2.86 10.00 8.19
CA MET A 87 -3.71 11.16 8.45
C MET A 87 -3.28 12.35 7.60
N GLU A 88 -2.61 12.07 6.49
CA GLU A 88 -2.13 13.11 5.59
C GLU A 88 -2.52 12.82 4.15
N ASP A 89 -2.44 13.85 3.30
CA ASP A 89 -2.78 13.69 1.89
C ASP A 89 -1.53 13.46 1.05
N ASP A 90 -0.42 13.18 1.71
CA ASP A 90 0.84 12.94 1.02
C ASP A 90 1.30 11.49 1.23
N ASP A 91 0.37 10.56 1.15
CA ASP A 91 0.67 9.14 1.33
C ASP A 91 1.49 8.61 0.15
N VAL A 92 2.68 8.10 0.44
CA VAL A 92 3.55 7.56 -0.59
C VAL A 92 3.60 6.04 -0.52
N ILE A 93 3.95 5.41 -1.64
CA ILE A 93 4.04 3.96 -1.71
C ILE A 93 5.22 3.52 -2.57
N ASP A 94 6.24 2.97 -1.92
CA ASP A 94 7.43 2.50 -2.63
C ASP A 94 7.26 1.06 -3.09
N ALA A 95 6.92 0.89 -4.36
CA ALA A 95 6.72 -0.44 -4.93
C ALA A 95 8.06 -1.13 -5.17
N MET A 96 8.36 -2.12 -4.32
CA MET A 96 9.61 -2.86 -4.43
C MET A 96 9.37 -4.22 -5.09
N VAL A 97 10.40 -4.73 -5.76
CA VAL A 97 10.31 -6.03 -6.42
C VAL A 97 11.04 -7.11 -5.65
N GLU A 98 10.45 -8.29 -5.58
CA GLU A 98 11.05 -9.41 -4.86
C GLU A 98 10.24 -10.69 -5.08
N GLN A 99 9.73 -10.85 -6.29
CA GLN A 99 8.94 -12.04 -6.63
C GLN A 99 8.74 -12.16 -8.14
N THR A 100 8.10 -13.24 -8.57
CA THR A 100 7.85 -13.46 -9.99
C THR A 100 6.40 -13.85 -10.23
N GLY A 101 5.95 -13.70 -11.47
CA GLY A 101 4.58 -14.04 -11.81
C GLY A 101 4.24 -13.72 -13.26
N GLY A 102 3.29 -12.82 -13.45
CA GLY A 102 2.89 -12.45 -14.80
C GLY A 102 4.02 -11.81 -15.58
N MET A 1 28.39 -27.61 26.50
CA MET A 1 29.65 -27.30 25.87
C MET A 1 29.44 -26.62 24.52
N SER A 2 28.52 -25.65 24.48
CA SER A 2 28.21 -24.93 23.25
C SER A 2 27.36 -23.70 23.54
N ASN A 3 27.66 -22.61 22.84
CA ASN A 3 26.91 -21.37 23.01
C ASN A 3 26.21 -20.96 21.73
N ASN A 4 25.22 -20.09 21.85
CA ASN A 4 24.47 -19.62 20.68
C ASN A 4 24.15 -18.13 20.82
N GLY A 5 23.32 -17.63 19.90
CA GLY A 5 22.95 -16.22 19.93
C GLY A 5 21.62 -15.96 19.27
N GLY A 6 21.57 -14.95 18.41
CA GLY A 6 20.34 -14.61 17.71
C GLY A 6 20.57 -13.67 16.55
N GLU A 7 19.52 -13.45 15.75
CA GLU A 7 19.62 -12.56 14.59
C GLU A 7 18.60 -11.44 14.70
N PRO A 8 18.85 -10.35 13.94
CA PRO A 8 17.96 -9.18 13.92
C PRO A 8 16.63 -9.47 13.26
N SER A 9 15.56 -8.89 13.79
CA SER A 9 14.22 -9.09 13.24
C SER A 9 13.19 -8.25 14.00
N ASN A 10 13.53 -6.99 14.24
CA ASN A 10 12.65 -6.08 14.95
C ASN A 10 11.71 -5.36 13.98
N ASN A 11 10.69 -4.70 14.52
CA ASN A 11 9.73 -3.98 13.70
C ASN A 11 9.12 -4.89 12.64
N GLY A 12 8.93 -6.15 12.99
CA GLY A 12 8.36 -7.11 12.06
C GLY A 12 6.85 -7.15 12.10
N GLY A 13 6.28 -6.73 13.23
CA GLY A 13 4.84 -6.73 13.38
C GLY A 13 4.33 -5.46 14.05
N GLU A 14 3.91 -4.49 13.23
CA GLU A 14 3.40 -3.23 13.75
C GLU A 14 1.95 -3.38 14.21
N GLY A 15 1.37 -2.27 14.66
CA GLY A 15 -0.01 -2.29 15.12
C GLY A 15 -0.95 -1.54 14.19
N ALA A 16 -2.23 -1.53 14.53
CA ALA A 16 -3.22 -0.84 13.71
C ALA A 16 -4.48 -0.52 14.52
N GLU A 17 -5.40 0.22 13.92
CA GLU A 17 -6.64 0.58 14.59
C GLU A 17 -7.71 1.01 13.57
N GLY A 18 -8.83 1.49 14.08
CA GLY A 18 -9.91 1.93 13.20
C GLY A 18 -11.28 1.69 13.81
N THR A 19 -12.14 2.69 13.71
CA THR A 19 -13.49 2.59 14.25
C THR A 19 -14.52 3.14 13.27
N CYS A 20 -14.36 2.78 12.01
CA CYS A 20 -15.29 3.24 10.97
C CYS A 20 -15.33 4.76 10.92
N LYS A 21 -16.19 5.30 10.05
CA LYS A 21 -16.33 6.74 9.89
C LYS A 21 -17.51 7.07 8.99
N GLU A 22 -18.44 7.86 9.51
CA GLU A 22 -19.62 8.26 8.76
C GLU A 22 -19.55 9.74 8.38
N GLU A 23 -18.57 10.09 7.56
CA GLU A 23 -18.40 11.46 7.12
C GLU A 23 -17.54 11.53 5.84
N THR A 24 -17.18 12.73 5.44
CA THR A 24 -16.39 12.94 4.24
C THR A 24 -14.98 13.44 4.59
N ALA A 25 -14.03 13.17 3.70
CA ALA A 25 -12.66 13.61 3.91
C ALA A 25 -11.83 13.44 2.65
N LEU A 26 -10.66 14.08 2.62
CA LEU A 26 -9.78 14.00 1.46
C LEU A 26 -8.38 13.57 1.88
N VAL A 27 -7.82 12.60 1.15
CA VAL A 27 -6.48 12.09 1.45
C VAL A 27 -5.67 11.92 0.16
N ALA A 28 -4.43 12.38 0.20
CA ALA A 28 -3.54 12.27 -0.96
C ALA A 28 -2.72 10.99 -0.90
N VAL A 29 -2.64 10.28 -2.02
CA VAL A 29 -1.89 9.05 -2.10
C VAL A 29 -0.83 9.11 -3.20
N LYS A 30 0.31 8.47 -2.96
CA LYS A 30 1.40 8.46 -3.93
C LYS A 30 2.05 7.08 -4.00
N VAL A 31 1.92 6.44 -5.16
CA VAL A 31 2.49 5.11 -5.36
C VAL A 31 3.82 5.19 -6.12
N VAL A 32 4.87 4.67 -5.52
CA VAL A 32 6.19 4.68 -6.13
C VAL A 32 6.60 3.28 -6.58
N ASN A 33 7.28 3.20 -7.72
CA ASN A 33 7.73 1.92 -8.25
C ASN A 33 9.25 1.89 -8.39
N ALA A 34 9.83 0.70 -8.33
CA ALA A 34 11.27 0.53 -8.45
C ALA A 34 11.76 1.01 -9.82
N ASP A 35 10.86 1.05 -10.78
CA ASP A 35 11.20 1.49 -12.13
C ASP A 35 11.30 3.01 -12.20
N GLY A 36 10.59 3.69 -11.30
CA GLY A 36 10.60 5.14 -11.28
C GLY A 36 9.22 5.74 -11.42
N ALA A 37 8.39 5.13 -12.26
CA ALA A 37 7.04 5.61 -12.48
C ALA A 37 6.30 5.79 -11.16
N GLU A 38 5.77 6.99 -10.94
CA GLU A 38 5.03 7.28 -9.71
C GLU A 38 3.70 7.94 -10.02
N MET A 39 2.70 7.67 -9.17
CA MET A 39 1.37 8.24 -9.35
C MET A 39 0.87 8.90 -8.07
N PHE A 40 0.81 10.22 -8.08
CA PHE A 40 0.36 10.97 -6.91
C PHE A 40 -0.88 11.79 -7.24
N PHE A 41 -1.92 11.64 -6.42
CA PHE A 41 -3.17 12.36 -6.62
C PHE A 41 -3.98 12.43 -5.33
N ARG A 42 -4.92 13.38 -5.27
CA ARG A 42 -5.75 13.54 -4.09
C ARG A 42 -7.14 12.90 -4.31
N ILE A 43 -7.49 11.97 -3.45
CA ILE A 43 -8.77 11.29 -3.54
C ILE A 43 -9.38 11.06 -2.16
N LYS A 44 -10.71 10.99 -2.11
CA LYS A 44 -11.41 10.76 -0.84
C LYS A 44 -10.88 9.52 -0.15
N SER A 45 -10.66 9.63 1.17
CA SER A 45 -10.16 8.51 1.95
C SER A 45 -11.01 7.26 1.73
N ARG A 46 -12.28 7.47 1.40
CA ARG A 46 -13.20 6.37 1.17
C ARG A 46 -12.61 5.37 0.18
N THR A 47 -12.10 5.88 -0.93
CA THR A 47 -11.51 5.04 -1.96
C THR A 47 -10.34 5.74 -2.65
N ALA A 48 -9.33 4.97 -3.02
CA ALA A 48 -8.16 5.52 -3.69
C ALA A 48 -7.23 4.41 -4.16
N LEU A 49 -6.90 3.49 -3.26
CA LEU A 49 -6.01 2.38 -3.58
C LEU A 49 -6.64 1.45 -4.61
N LYS A 50 -7.98 1.38 -4.57
CA LYS A 50 -8.72 0.52 -5.50
C LYS A 50 -8.52 1.01 -6.95
N LYS A 51 -8.77 2.28 -7.18
CA LYS A 51 -8.63 2.86 -8.51
C LYS A 51 -7.15 2.99 -8.88
N LEU A 52 -6.30 3.16 -7.87
CA LEU A 52 -4.86 3.29 -8.09
C LEU A 52 -4.27 2.00 -8.66
N ILE A 53 -4.52 0.88 -7.98
CA ILE A 53 -4.03 -0.41 -8.40
C ILE A 53 -4.77 -0.91 -9.64
N ASP A 54 -6.05 -0.54 -9.73
CA ASP A 54 -6.88 -0.95 -10.86
C ASP A 54 -6.47 -0.19 -12.13
N THR A 55 -6.19 1.09 -11.98
CA THR A 55 -5.80 1.92 -13.11
C THR A 55 -4.36 1.62 -13.54
N TYR A 56 -3.50 1.38 -12.56
CA TYR A 56 -2.10 1.08 -12.83
C TYR A 56 -1.96 -0.29 -13.49
N CYS A 57 -2.67 -1.27 -12.96
CA CYS A 57 -2.62 -2.63 -13.50
C CYS A 57 -3.29 -2.69 -14.87
N LYS A 58 -4.45 -2.07 -15.00
CA LYS A 58 -5.19 -2.06 -16.26
C LYS A 58 -4.40 -1.31 -17.33
N LYS A 59 -3.81 -0.19 -16.95
CA LYS A 59 -3.03 0.63 -17.88
C LYS A 59 -1.79 -0.13 -18.35
N GLN A 60 -1.08 -0.72 -17.40
CA GLN A 60 0.14 -1.47 -17.72
C GLN A 60 -0.18 -2.67 -18.61
N GLY A 61 -1.45 -3.07 -18.61
CA GLY A 61 -1.87 -4.20 -19.43
C GLY A 61 -1.63 -5.53 -18.74
N ILE A 62 -1.67 -5.52 -17.40
CA ILE A 62 -1.46 -6.73 -16.62
C ILE A 62 -2.38 -6.78 -15.41
N SER A 63 -2.97 -7.95 -15.16
CA SER A 63 -3.88 -8.12 -14.04
C SER A 63 -3.19 -7.78 -12.72
N ARG A 64 -3.97 -7.76 -11.65
CA ARG A 64 -3.44 -7.44 -10.33
C ARG A 64 -2.87 -8.69 -9.66
N ASN A 65 -2.00 -9.39 -10.37
CA ASN A 65 -1.39 -10.61 -9.84
C ASN A 65 0.12 -10.58 -10.04
N SER A 66 0.69 -9.38 -10.11
CA SER A 66 2.12 -9.22 -10.30
C SER A 66 2.60 -7.89 -9.74
N VAL A 67 1.89 -7.39 -8.73
CA VAL A 67 2.24 -6.13 -8.10
C VAL A 67 1.79 -6.09 -6.64
N ARG A 68 2.75 -5.96 -5.73
CA ARG A 68 2.45 -5.91 -4.31
C ARG A 68 2.37 -4.47 -3.81
N PHE A 69 1.19 -4.09 -3.32
CA PHE A 69 0.97 -2.74 -2.83
C PHE A 69 1.06 -2.69 -1.30
N LEU A 70 2.16 -2.17 -0.79
CA LEU A 70 2.38 -2.08 0.65
C LEU A 70 2.45 -0.62 1.09
N PHE A 71 2.16 -0.38 2.37
CA PHE A 71 2.19 0.97 2.92
C PHE A 71 2.89 0.99 4.28
N ASP A 72 4.10 1.52 4.31
CA ASP A 72 4.87 1.60 5.54
C ASP A 72 5.03 0.22 6.17
N GLY A 73 5.20 -0.79 5.33
CA GLY A 73 5.36 -2.15 5.82
C GLY A 73 4.05 -2.90 5.90
N THR A 74 3.00 -2.30 5.34
CA THR A 74 1.68 -2.93 5.35
C THR A 74 1.28 -3.38 3.96
N PRO A 75 1.73 -4.59 3.58
CA PRO A 75 1.43 -5.18 2.27
C PRO A 75 -0.04 -5.58 2.14
N ILE A 76 -0.84 -4.66 1.61
CA ILE A 76 -2.27 -4.91 1.43
C ILE A 76 -2.81 -4.15 0.22
N ASP A 77 -3.74 -4.79 -0.50
CA ASP A 77 -4.34 -4.17 -1.67
C ASP A 77 -5.74 -3.65 -1.36
N GLU A 78 -5.82 -2.40 -0.92
CA GLU A 78 -7.09 -1.78 -0.58
C GLU A 78 -6.90 -0.35 -0.10
N THR A 79 -8.01 0.37 0.04
CA THR A 79 -7.95 1.76 0.49
C THR A 79 -8.34 1.87 1.96
N LYS A 80 -9.35 1.12 2.37
CA LYS A 80 -9.82 1.13 3.76
C LYS A 80 -8.70 0.71 4.70
N THR A 81 -7.83 -0.19 4.23
CA THR A 81 -6.72 -0.66 5.04
C THR A 81 -5.76 0.47 5.39
N PRO A 82 -5.16 1.09 4.36
CA PRO A 82 -4.22 2.19 4.54
C PRO A 82 -4.91 3.46 5.02
N GLU A 83 -6.23 3.52 4.84
CA GLU A 83 -7.00 4.69 5.25
C GLU A 83 -7.18 4.71 6.77
N GLU A 84 -7.66 3.60 7.32
CA GLU A 84 -7.88 3.49 8.75
C GLU A 84 -6.56 3.30 9.50
N LEU A 85 -5.59 2.68 8.82
CA LEU A 85 -4.28 2.44 9.42
C LEU A 85 -3.42 3.69 9.37
N GLY A 86 -3.59 4.47 8.30
CA GLY A 86 -2.81 5.69 8.15
C GLY A 86 -3.50 6.89 8.76
N MET A 87 -4.74 7.16 8.30
CA MET A 87 -5.50 8.29 8.81
C MET A 87 -4.81 9.61 8.47
N GLU A 88 -4.25 9.69 7.27
CA GLU A 88 -3.56 10.90 6.84
C GLU A 88 -3.67 11.07 5.32
N ASP A 89 -3.44 12.29 4.86
CA ASP A 89 -3.51 12.59 3.43
C ASP A 89 -2.16 12.34 2.75
N ASP A 90 -1.27 11.64 3.46
CA ASP A 90 0.06 11.33 2.92
C ASP A 90 0.26 9.82 2.80
N ASP A 91 -0.78 9.13 2.32
CA ASP A 91 -0.71 7.68 2.16
C ASP A 91 0.21 7.30 1.01
N VAL A 92 1.26 6.54 1.34
CA VAL A 92 2.22 6.11 0.33
C VAL A 92 2.08 4.62 0.02
N ILE A 93 2.39 4.24 -1.20
CA ILE A 93 2.30 2.84 -1.62
C ILE A 93 3.54 2.42 -2.40
N ASP A 94 4.35 1.56 -1.79
CA ASP A 94 5.56 1.06 -2.42
C ASP A 94 5.29 -0.23 -3.19
N ALA A 95 5.25 -0.12 -4.51
CA ALA A 95 5.00 -1.29 -5.35
C ALA A 95 6.24 -2.18 -5.44
N MET A 96 6.09 -3.42 -5.00
CA MET A 96 7.19 -4.38 -5.03
C MET A 96 6.86 -5.57 -5.93
N VAL A 97 7.90 -6.20 -6.46
CA VAL A 97 7.73 -7.34 -7.34
C VAL A 97 8.13 -8.64 -6.64
N GLU A 98 7.27 -9.65 -6.76
CA GLU A 98 7.54 -10.95 -6.13
C GLU A 98 7.93 -11.99 -7.18
N GLN A 99 9.23 -12.22 -7.33
CA GLN A 99 9.74 -13.18 -8.29
C GLN A 99 9.16 -12.91 -9.69
N THR A 100 9.28 -11.67 -10.14
CA THR A 100 8.78 -11.28 -11.45
C THR A 100 9.63 -10.18 -12.07
N GLY A 101 9.92 -10.32 -13.36
CA GLY A 101 10.73 -9.32 -14.05
C GLY A 101 12.14 -9.80 -14.29
N GLY A 102 12.98 -8.92 -14.86
CA GLY A 102 14.35 -9.27 -15.13
C GLY A 102 14.49 -10.16 -16.36
N MET A 1 26.83 -13.46 -6.09
CA MET A 1 27.98 -13.26 -5.21
C MET A 1 27.60 -12.43 -4.00
N SER A 2 26.55 -12.85 -3.30
CA SER A 2 26.09 -12.14 -2.11
C SER A 2 24.97 -12.90 -1.43
N ASN A 3 24.93 -12.83 -0.10
CA ASN A 3 23.90 -13.51 0.68
C ASN A 3 22.71 -12.60 0.94
N ASN A 4 21.71 -13.12 1.65
CA ASN A 4 20.51 -12.35 1.97
C ASN A 4 20.24 -12.39 3.46
N GLY A 5 19.46 -11.41 3.93
CA GLY A 5 19.12 -11.34 5.35
C GLY A 5 17.67 -11.64 5.61
N GLY A 6 17.18 -11.21 6.77
CA GLY A 6 15.79 -11.45 7.12
C GLY A 6 14.97 -10.17 7.17
N GLU A 7 13.90 -10.19 7.94
CA GLU A 7 13.03 -9.02 8.07
C GLU A 7 12.92 -8.58 9.53
N PRO A 8 12.50 -7.32 9.73
CA PRO A 8 12.35 -6.75 11.07
C PRO A 8 11.18 -7.36 11.84
N SER A 9 10.02 -7.45 11.18
CA SER A 9 8.84 -8.02 11.79
C SER A 9 7.66 -8.02 10.82
N ASN A 10 6.99 -9.16 10.70
CA ASN A 10 5.85 -9.29 9.80
C ASN A 10 4.56 -9.47 10.59
N ASN A 11 3.46 -9.70 9.86
CA ASN A 11 2.16 -9.90 10.50
C ASN A 11 1.73 -8.64 11.25
N GLY A 12 0.60 -8.74 11.94
CA GLY A 12 0.10 -7.60 12.70
C GLY A 12 -0.32 -6.45 11.82
N GLY A 13 -1.48 -6.57 11.18
CA GLY A 13 -1.97 -5.54 10.30
C GLY A 13 -2.95 -6.05 9.26
N GLU A 14 -2.65 -7.22 8.71
CA GLU A 14 -3.52 -7.83 7.70
C GLU A 14 -4.74 -8.49 8.35
N GLY A 15 -5.91 -7.91 8.10
CA GLY A 15 -7.12 -8.45 8.68
C GLY A 15 -8.13 -7.36 9.02
N ALA A 16 -8.86 -6.90 8.01
CA ALA A 16 -9.86 -5.86 8.20
C ALA A 16 -10.70 -5.66 6.94
N GLU A 17 -11.62 -4.69 6.99
CA GLU A 17 -12.48 -4.40 5.86
C GLU A 17 -12.87 -2.92 5.85
N GLY A 18 -13.15 -2.40 4.65
CA GLY A 18 -13.54 -1.00 4.53
C GLY A 18 -15.01 -0.85 4.18
N THR A 19 -15.61 0.23 4.66
CA THR A 19 -17.02 0.50 4.40
C THR A 19 -17.37 1.95 4.71
N CYS A 20 -18.63 2.30 4.50
CA CYS A 20 -19.10 3.66 4.76
C CYS A 20 -18.35 4.67 3.91
N LYS A 21 -18.91 5.00 2.75
CA LYS A 21 -18.29 5.96 1.84
C LYS A 21 -19.34 6.75 1.09
N GLU A 22 -19.35 8.07 1.30
CA GLU A 22 -20.30 8.95 0.64
C GLU A 22 -20.06 10.41 1.01
N GLU A 23 -18.94 10.95 0.53
CA GLU A 23 -18.58 12.33 0.81
C GLU A 23 -17.54 12.84 -0.19
N THR A 24 -17.13 14.10 -0.02
CA THR A 24 -16.15 14.71 -0.91
C THR A 24 -14.81 14.90 -0.20
N ALA A 25 -13.77 14.26 -0.72
CA ALA A 25 -12.44 14.38 -0.14
C ALA A 25 -11.36 14.11 -1.18
N LEU A 26 -10.20 14.74 -0.99
CA LEU A 26 -9.09 14.58 -1.92
C LEU A 26 -7.78 14.37 -1.17
N VAL A 27 -7.14 13.22 -1.40
CA VAL A 27 -5.87 12.92 -0.75
C VAL A 27 -4.86 12.39 -1.75
N ALA A 28 -3.62 12.90 -1.65
CA ALA A 28 -2.56 12.48 -2.55
C ALA A 28 -1.75 11.33 -1.95
N VAL A 29 -1.53 10.29 -2.75
CA VAL A 29 -0.78 9.13 -2.31
C VAL A 29 0.42 8.87 -3.20
N LYS A 30 1.51 8.37 -2.61
CA LYS A 30 2.72 8.07 -3.36
C LYS A 30 3.29 6.72 -2.97
N VAL A 31 3.30 5.78 -3.91
CA VAL A 31 3.83 4.45 -3.66
C VAL A 31 5.27 4.33 -4.12
N VAL A 32 6.14 3.90 -3.21
CA VAL A 32 7.56 3.74 -3.52
C VAL A 32 8.00 2.29 -3.32
N ASN A 33 9.01 1.88 -4.09
CA ASN A 33 9.52 0.52 -4.00
C ASN A 33 11.03 0.53 -3.75
N ALA A 34 11.52 -0.52 -3.11
CA ALA A 34 12.95 -0.64 -2.81
C ALA A 34 13.78 -0.62 -4.09
N ASP A 35 13.16 -0.99 -5.21
CA ASP A 35 13.84 -1.01 -6.49
C ASP A 35 13.95 0.40 -7.07
N GLY A 36 13.03 1.26 -6.67
CA GLY A 36 13.04 2.63 -7.16
C GLY A 36 11.71 3.03 -7.79
N ALA A 37 11.09 2.08 -8.50
CA ALA A 37 9.83 2.34 -9.16
C ALA A 37 8.81 2.93 -8.18
N GLU A 38 8.30 4.12 -8.49
CA GLU A 38 7.32 4.79 -7.65
C GLU A 38 6.41 5.68 -8.47
N MET A 39 5.26 6.04 -7.90
CA MET A 39 4.30 6.89 -8.58
C MET A 39 3.37 7.57 -7.57
N PHE A 40 2.98 8.80 -7.88
CA PHE A 40 2.09 9.56 -7.00
C PHE A 40 0.90 10.11 -7.77
N PHE A 41 -0.25 10.17 -7.12
CA PHE A 41 -1.47 10.68 -7.75
C PHE A 41 -2.47 11.13 -6.70
N ARG A 42 -3.36 12.05 -7.09
CA ARG A 42 -4.37 12.56 -6.18
C ARG A 42 -5.69 11.81 -6.36
N ILE A 43 -6.11 11.09 -5.33
CA ILE A 43 -7.35 10.32 -5.38
C ILE A 43 -8.15 10.49 -4.09
N LYS A 44 -9.46 10.28 -4.17
CA LYS A 44 -10.34 10.41 -3.02
C LYS A 44 -9.82 9.56 -1.85
N SER A 45 -9.85 10.12 -0.65
CA SER A 45 -9.38 9.42 0.53
C SER A 45 -10.25 8.19 0.80
N ARG A 46 -11.42 8.15 0.18
CA ARG A 46 -12.34 7.03 0.36
C ARG A 46 -12.05 5.92 -0.64
N THR A 47 -10.93 6.05 -1.35
CA THR A 47 -10.54 5.06 -2.34
C THR A 47 -9.23 5.45 -3.03
N ALA A 48 -8.11 5.12 -2.38
CA ALA A 48 -6.80 5.45 -2.92
C ALA A 48 -5.87 4.24 -2.85
N LEU A 49 -5.67 3.71 -1.65
CA LEU A 49 -4.81 2.56 -1.45
C LEU A 49 -5.40 1.31 -2.11
N LYS A 50 -6.72 1.24 -2.14
CA LYS A 50 -7.41 0.10 -2.74
C LYS A 50 -7.18 0.07 -4.25
N LYS A 51 -7.37 1.22 -4.90
CA LYS A 51 -7.17 1.32 -6.34
C LYS A 51 -5.69 1.26 -6.70
N LEU A 52 -4.85 1.71 -5.78
CA LEU A 52 -3.41 1.70 -6.00
C LEU A 52 -2.86 0.28 -6.00
N ILE A 53 -3.17 -0.47 -4.94
CA ILE A 53 -2.71 -1.84 -4.82
C ILE A 53 -3.41 -2.75 -5.82
N ASP A 54 -4.66 -2.42 -6.13
CA ASP A 54 -5.44 -3.20 -7.09
C ASP A 54 -4.91 -3.00 -8.51
N THR A 55 -4.56 -1.76 -8.84
CA THR A 55 -4.05 -1.44 -10.16
C THR A 55 -2.62 -1.96 -10.35
N TYR A 56 -1.83 -1.86 -9.28
CA TYR A 56 -0.44 -2.31 -9.33
C TYR A 56 -0.37 -3.83 -9.45
N CYS A 57 -1.20 -4.52 -8.65
CA CYS A 57 -1.22 -5.97 -8.67
C CYS A 57 -1.83 -6.49 -9.97
N LYS A 58 -2.89 -5.83 -10.43
CA LYS A 58 -3.56 -6.24 -11.66
C LYS A 58 -2.67 -5.95 -12.87
N LYS A 59 -2.00 -4.80 -12.86
CA LYS A 59 -1.13 -4.42 -13.95
C LYS A 59 0.08 -5.35 -14.04
N GLN A 60 0.71 -5.61 -12.89
CA GLN A 60 1.86 -6.48 -12.84
C GLN A 60 1.50 -7.91 -13.27
N GLY A 61 0.20 -8.21 -13.22
CA GLY A 61 -0.25 -9.54 -13.59
C GLY A 61 -0.14 -10.54 -12.46
N ILE A 62 -0.27 -10.06 -11.24
CA ILE A 62 -0.18 -10.92 -10.06
C ILE A 62 -1.25 -10.55 -9.03
N SER A 63 -1.85 -11.57 -8.43
CA SER A 63 -2.88 -11.34 -7.42
C SER A 63 -2.35 -10.51 -6.26
N ARG A 64 -3.23 -10.13 -5.36
CA ARG A 64 -2.86 -9.32 -4.20
C ARG A 64 -2.32 -10.20 -3.08
N ASN A 65 -1.35 -11.04 -3.41
CA ASN A 65 -0.76 -11.94 -2.42
C ASN A 65 0.76 -12.04 -2.63
N SER A 66 1.40 -10.89 -2.78
CA SER A 66 2.85 -10.84 -2.98
C SER A 66 3.36 -9.40 -2.91
N VAL A 67 2.69 -8.58 -2.10
CA VAL A 67 3.08 -7.19 -1.94
C VAL A 67 2.64 -6.66 -0.57
N ARG A 68 3.62 -6.26 0.24
CA ARG A 68 3.34 -5.73 1.57
C ARG A 68 3.48 -4.22 1.59
N PHE A 69 2.35 -3.52 1.70
CA PHE A 69 2.35 -2.06 1.73
C PHE A 69 2.34 -1.55 3.17
N LEU A 70 3.43 -0.89 3.55
CA LEU A 70 3.55 -0.36 4.91
C LEU A 70 3.82 1.15 4.87
N PHE A 71 3.38 1.85 5.91
CA PHE A 71 3.58 3.29 5.99
C PHE A 71 4.37 3.66 7.23
N ASP A 72 5.63 4.03 7.03
CA ASP A 72 6.51 4.41 8.13
C ASP A 72 6.63 3.27 9.14
N GLY A 73 6.36 2.05 8.68
CA GLY A 73 6.46 0.89 9.55
C GLY A 73 5.10 0.31 9.89
N THR A 74 4.06 0.82 9.23
CA THR A 74 2.70 0.35 9.48
C THR A 74 2.19 -0.46 8.28
N PRO A 75 2.47 -1.77 8.30
CA PRO A 75 2.05 -2.68 7.22
C PRO A 75 0.54 -2.89 7.22
N ILE A 76 -0.16 -2.22 6.31
CA ILE A 76 -1.60 -2.36 6.21
C ILE A 76 -2.06 -2.25 4.75
N ASP A 77 -3.16 -2.94 4.44
CA ASP A 77 -3.70 -2.92 3.08
C ASP A 77 -5.13 -2.39 3.07
N GLU A 78 -5.27 -1.09 2.91
CA GLU A 78 -6.59 -0.44 2.89
C GLU A 78 -6.46 1.05 2.64
N THR A 79 -7.59 1.69 2.35
CA THR A 79 -7.62 3.13 2.09
C THR A 79 -8.57 3.83 3.04
N LYS A 80 -8.88 3.19 4.16
CA LYS A 80 -9.79 3.77 5.15
C LYS A 80 -9.21 3.63 6.55
N THR A 81 -8.96 2.40 6.97
CA THR A 81 -8.41 2.13 8.30
C THR A 81 -7.02 2.75 8.45
N PRO A 82 -6.08 2.28 7.61
CA PRO A 82 -4.70 2.77 7.64
C PRO A 82 -4.58 4.20 7.13
N GLU A 83 -5.59 4.65 6.38
CA GLU A 83 -5.61 6.00 5.82
C GLU A 83 -5.91 7.02 6.91
N GLU A 84 -6.99 6.79 7.66
CA GLU A 84 -7.38 7.70 8.73
C GLU A 84 -6.49 7.52 9.95
N LEU A 85 -6.02 6.29 10.17
CA LEU A 85 -5.16 6.00 11.30
C LEU A 85 -3.75 6.50 11.06
N GLY A 86 -3.31 6.45 9.80
CA GLY A 86 -1.98 6.91 9.46
C GLY A 86 -1.93 8.40 9.20
N MET A 87 -2.41 8.82 8.03
CA MET A 87 -2.42 10.24 7.67
C MET A 87 -3.06 10.44 6.30
N GLU A 88 -3.02 11.68 5.82
CA GLU A 88 -3.61 12.01 4.52
C GLU A 88 -2.78 13.07 3.81
N ASP A 89 -3.31 13.58 2.70
CA ASP A 89 -2.63 14.60 1.92
C ASP A 89 -1.43 14.01 1.19
N ASP A 90 -0.40 13.66 1.94
CA ASP A 90 0.81 13.08 1.36
C ASP A 90 1.01 11.65 1.84
N ASP A 91 -0.07 10.87 1.85
CA ASP A 91 -0.01 9.48 2.28
C ASP A 91 0.98 8.68 1.44
N VAL A 92 1.96 8.08 2.10
CA VAL A 92 2.98 7.29 1.42
C VAL A 92 2.78 5.80 1.66
N ILE A 93 3.22 4.98 0.72
CA ILE A 93 3.09 3.53 0.83
C ILE A 93 4.30 2.82 0.23
N ASP A 94 5.11 2.22 1.09
CA ASP A 94 6.30 1.50 0.66
C ASP A 94 5.99 0.03 0.44
N ALA A 95 6.02 -0.40 -0.82
CA ALA A 95 5.75 -1.80 -1.15
C ALA A 95 7.02 -2.64 -1.08
N MET A 96 6.99 -3.66 -0.23
CA MET A 96 8.14 -4.55 -0.06
C MET A 96 7.74 -6.00 -0.26
N VAL A 97 8.70 -6.83 -0.66
CA VAL A 97 8.45 -8.24 -0.89
C VAL A 97 9.02 -9.09 0.24
N GLU A 98 8.23 -10.04 0.72
CA GLU A 98 8.66 -10.92 1.80
C GLU A 98 8.84 -12.35 1.32
N GLN A 99 9.12 -12.50 0.02
CA GLN A 99 9.30 -13.81 -0.59
C GLN A 99 9.89 -13.69 -1.98
N THR A 100 10.19 -14.83 -2.59
CA THR A 100 10.77 -14.86 -3.93
C THR A 100 9.68 -14.80 -5.00
N GLY A 101 9.39 -13.59 -5.48
CA GLY A 101 8.37 -13.43 -6.50
C GLY A 101 7.97 -11.98 -6.68
N GLY A 102 6.72 -11.75 -7.09
CA GLY A 102 6.24 -10.40 -7.30
C GLY A 102 6.70 -9.83 -8.63
N MET A 1 25.70 -12.81 -10.14
CA MET A 1 26.29 -13.94 -9.45
C MET A 1 26.28 -13.72 -7.94
N SER A 2 26.56 -12.49 -7.52
CA SER A 2 26.57 -12.15 -6.10
C SER A 2 25.24 -12.51 -5.44
N ASN A 3 24.21 -11.74 -5.74
CA ASN A 3 22.90 -11.98 -5.17
C ASN A 3 22.91 -11.82 -3.64
N ASN A 4 22.36 -10.71 -3.16
CA ASN A 4 22.32 -10.43 -1.74
C ASN A 4 21.01 -9.74 -1.35
N GLY A 5 20.90 -9.37 -0.09
CA GLY A 5 19.70 -8.71 0.38
C GLY A 5 18.90 -9.57 1.35
N GLY A 6 17.94 -8.95 2.03
CA GLY A 6 17.11 -9.68 2.97
C GLY A 6 16.88 -8.92 4.26
N GLU A 7 15.62 -8.59 4.53
CA GLU A 7 15.27 -7.84 5.74
C GLU A 7 14.18 -8.57 6.52
N PRO A 8 14.05 -8.22 7.81
CA PRO A 8 13.05 -8.83 8.69
C PRO A 8 11.63 -8.39 8.34
N SER A 9 10.65 -9.04 8.96
CA SER A 9 9.25 -8.73 8.71
C SER A 9 8.35 -9.31 9.81
N ASN A 10 7.46 -8.47 10.34
CA ASN A 10 6.55 -8.90 11.39
C ASN A 10 5.20 -9.31 10.82
N ASN A 11 4.50 -8.35 10.22
CA ASN A 11 3.20 -8.63 9.64
C ASN A 11 2.20 -9.11 10.70
N GLY A 12 1.41 -8.18 11.22
CA GLY A 12 0.43 -8.52 12.23
C GLY A 12 -0.81 -9.17 11.64
N GLY A 13 -1.22 -8.70 10.47
CA GLY A 13 -2.40 -9.24 9.82
C GLY A 13 -3.62 -8.37 10.02
N GLU A 14 -3.46 -7.07 9.82
CA GLU A 14 -4.56 -6.12 9.98
C GLU A 14 -5.22 -5.82 8.64
N GLY A 15 -6.40 -5.22 8.70
CA GLY A 15 -7.12 -4.88 7.48
C GLY A 15 -8.59 -5.21 7.56
N ALA A 16 -9.42 -4.17 7.73
CA ALA A 16 -10.86 -4.36 7.83
C ALA A 16 -11.58 -3.02 7.98
N GLU A 17 -12.62 -2.83 7.18
CA GLU A 17 -13.38 -1.58 7.22
C GLU A 17 -14.62 -1.68 6.31
N GLY A 18 -15.60 -0.82 6.58
CA GLY A 18 -16.82 -0.82 5.79
C GLY A 18 -17.29 0.58 5.45
N THR A 19 -18.59 0.72 5.22
CA THR A 19 -19.17 2.01 4.87
C THR A 19 -18.63 2.52 3.54
N CYS A 20 -19.49 2.51 2.52
CA CYS A 20 -19.10 2.96 1.19
C CYS A 20 -20.11 3.98 0.65
N LYS A 21 -20.22 5.11 1.34
CA LYS A 21 -21.14 6.16 0.93
C LYS A 21 -21.01 7.38 1.84
N GLU A 22 -20.53 8.48 1.28
CA GLU A 22 -20.35 9.71 2.04
C GLU A 22 -19.91 10.86 1.13
N GLU A 23 -19.51 11.97 1.75
CA GLU A 23 -19.07 13.14 1.00
C GLU A 23 -17.84 12.81 0.16
N THR A 24 -17.22 13.84 -0.41
CA THR A 24 -16.03 13.66 -1.24
C THR A 24 -14.79 14.17 -0.53
N ALA A 25 -13.76 13.34 -0.49
CA ALA A 25 -12.50 13.70 0.16
C ALA A 25 -11.38 13.85 -0.86
N LEU A 26 -10.28 14.47 -0.44
CA LEU A 26 -9.14 14.67 -1.32
C LEU A 26 -7.83 14.44 -0.58
N VAL A 27 -7.12 13.39 -0.97
CA VAL A 27 -5.84 13.06 -0.35
C VAL A 27 -4.86 12.45 -1.35
N ALA A 28 -3.60 12.81 -1.24
CA ALA A 28 -2.57 12.30 -2.13
C ALA A 28 -1.83 11.12 -1.50
N VAL A 29 -1.58 10.09 -2.31
CA VAL A 29 -0.88 8.90 -1.83
C VAL A 29 0.36 8.62 -2.68
N LYS A 30 1.43 8.18 -2.03
CA LYS A 30 2.67 7.87 -2.72
C LYS A 30 3.15 6.46 -2.37
N VAL A 31 3.22 5.60 -3.37
CA VAL A 31 3.67 4.22 -3.17
C VAL A 31 5.12 4.05 -3.60
N VAL A 32 5.96 3.63 -2.66
CA VAL A 32 7.38 3.43 -2.94
C VAL A 32 7.75 1.96 -2.82
N ASN A 33 8.76 1.54 -3.59
CA ASN A 33 9.21 0.15 -3.57
C ASN A 33 10.65 0.06 -3.09
N ALA A 34 11.00 -1.08 -2.50
CA ALA A 34 12.35 -1.29 -1.99
C ALA A 34 13.39 -1.08 -3.09
N ASP A 35 12.97 -1.25 -4.34
CA ASP A 35 13.87 -1.07 -5.48
C ASP A 35 14.11 0.40 -5.76
N GLY A 36 13.15 1.24 -5.36
CA GLY A 36 13.27 2.66 -5.58
C GLY A 36 12.09 3.24 -6.34
N ALA A 37 11.62 2.49 -7.33
CA ALA A 37 10.49 2.92 -8.14
C ALA A 37 9.31 3.34 -7.27
N GLU A 38 8.87 4.59 -7.41
CA GLU A 38 7.76 5.10 -6.64
C GLU A 38 6.87 6.00 -7.49
N MET A 39 5.61 6.12 -7.09
CA MET A 39 4.65 6.95 -7.83
C MET A 39 3.60 7.54 -6.88
N PHE A 40 3.38 8.84 -6.99
CA PHE A 40 2.40 9.52 -6.14
C PHE A 40 1.35 10.24 -6.98
N PHE A 41 0.12 10.28 -6.48
CA PHE A 41 -0.96 10.94 -7.19
C PHE A 41 -2.09 11.31 -6.23
N ARG A 42 -2.93 12.26 -6.64
CA ARG A 42 -4.05 12.70 -5.82
C ARG A 42 -5.32 11.89 -6.14
N ILE A 43 -6.04 11.50 -5.10
CA ILE A 43 -7.26 10.73 -5.26
C ILE A 43 -8.14 10.81 -4.01
N LYS A 44 -9.42 10.51 -4.18
CA LYS A 44 -10.37 10.56 -3.07
C LYS A 44 -9.95 9.58 -1.98
N SER A 45 -10.04 10.03 -0.72
CA SER A 45 -9.68 9.19 0.42
C SER A 45 -10.47 7.89 0.40
N ARG A 46 -11.64 7.92 -0.23
CA ARG A 46 -12.50 6.74 -0.31
C ARG A 46 -11.84 5.66 -1.17
N THR A 47 -10.89 6.06 -2.01
CA THR A 47 -10.20 5.13 -2.87
C THR A 47 -8.79 5.61 -3.17
N ALA A 48 -7.79 4.85 -2.71
CA ALA A 48 -6.40 5.19 -2.92
C ALA A 48 -5.51 3.94 -2.90
N LEU A 49 -5.31 3.40 -1.71
CA LEU A 49 -4.49 2.21 -1.54
C LEU A 49 -5.12 1.00 -2.24
N LYS A 50 -6.43 1.04 -2.41
CA LYS A 50 -7.17 -0.04 -3.05
C LYS A 50 -6.82 -0.10 -4.54
N LYS A 51 -6.95 1.03 -5.23
CA LYS A 51 -6.66 1.11 -6.65
C LYS A 51 -5.15 1.02 -6.90
N LEU A 52 -4.38 1.49 -5.92
CA LEU A 52 -2.92 1.47 -6.03
C LEU A 52 -2.39 0.04 -6.00
N ILE A 53 -2.78 -0.69 -4.96
CA ILE A 53 -2.35 -2.08 -4.81
C ILE A 53 -2.99 -2.98 -5.85
N ASP A 54 -4.20 -2.63 -6.26
CA ASP A 54 -4.93 -3.40 -7.26
C ASP A 54 -4.31 -3.21 -8.64
N THR A 55 -3.91 -1.98 -8.94
CA THR A 55 -3.31 -1.66 -10.23
C THR A 55 -1.88 -2.19 -10.32
N TYR A 56 -1.15 -2.10 -9.21
CA TYR A 56 0.24 -2.57 -9.17
C TYR A 56 0.28 -4.10 -9.24
N CYS A 57 -0.60 -4.76 -8.50
CA CYS A 57 -0.66 -6.22 -8.49
C CYS A 57 -1.18 -6.75 -9.82
N LYS A 58 -2.20 -6.10 -10.35
CA LYS A 58 -2.78 -6.51 -11.63
C LYS A 58 -1.83 -6.26 -12.78
N LYS A 59 -1.14 -5.12 -12.73
CA LYS A 59 -0.19 -4.76 -13.78
C LYS A 59 1.01 -5.70 -13.77
N GLN A 60 1.56 -5.94 -12.59
CA GLN A 60 2.71 -6.82 -12.45
C GLN A 60 2.36 -8.25 -12.85
N GLY A 61 1.06 -8.55 -12.87
CA GLY A 61 0.60 -9.88 -13.23
C GLY A 61 0.64 -10.85 -12.07
N ILE A 62 0.43 -10.33 -10.86
CA ILE A 62 0.44 -11.17 -9.66
C ILE A 62 -0.67 -10.75 -8.69
N SER A 63 -1.36 -11.74 -8.14
CA SER A 63 -2.44 -11.47 -7.20
C SER A 63 -1.94 -10.68 -6.00
N ARG A 64 -2.86 -10.25 -5.14
CA ARG A 64 -2.52 -9.48 -3.96
C ARG A 64 -2.16 -10.40 -2.80
N ASN A 65 -1.25 -11.34 -3.05
CA ASN A 65 -0.81 -12.28 -2.02
C ASN A 65 0.69 -12.44 -2.03
N SER A 66 1.40 -11.32 -2.16
CA SER A 66 2.86 -11.34 -2.19
C SER A 66 3.42 -9.92 -2.13
N VAL A 67 2.75 -9.06 -1.37
CA VAL A 67 3.19 -7.67 -1.23
C VAL A 67 2.70 -7.08 0.09
N ARG A 68 3.65 -6.62 0.90
CA ARG A 68 3.32 -6.02 2.19
C ARG A 68 3.25 -4.50 2.09
N PHE A 69 2.05 -3.96 2.24
CA PHE A 69 1.84 -2.52 2.16
C PHE A 69 1.75 -1.91 3.55
N LEU A 70 2.82 -1.22 3.96
CA LEU A 70 2.86 -0.59 5.27
C LEU A 70 3.02 0.93 5.14
N PHE A 71 2.61 1.65 6.18
CA PHE A 71 2.70 3.10 6.18
C PHE A 71 3.43 3.60 7.43
N ASP A 72 4.70 3.94 7.28
CA ASP A 72 5.50 4.42 8.40
C ASP A 72 5.45 3.45 9.56
N GLY A 73 5.28 2.17 9.25
CA GLY A 73 5.22 1.15 10.29
C GLY A 73 3.83 0.60 10.48
N THR A 74 2.91 1.00 9.61
CA THR A 74 1.53 0.54 9.69
C THR A 74 1.19 -0.41 8.55
N PRO A 75 1.52 -1.70 8.74
CA PRO A 75 1.27 -2.75 7.75
C PRO A 75 -0.22 -3.04 7.59
N ILE A 76 -0.85 -2.38 6.62
CA ILE A 76 -2.27 -2.58 6.36
C ILE A 76 -2.58 -2.45 4.87
N ASP A 77 -3.60 -3.17 4.42
CA ASP A 77 -4.01 -3.12 3.02
C ASP A 77 -5.40 -2.51 2.87
N GLU A 78 -5.44 -1.18 2.70
CA GLU A 78 -6.70 -0.47 2.56
C GLU A 78 -6.47 1.02 2.34
N THR A 79 -7.48 1.71 1.86
CA THR A 79 -7.39 3.14 1.61
C THR A 79 -8.10 3.94 2.70
N LYS A 80 -8.65 3.23 3.69
CA LYS A 80 -9.34 3.88 4.80
C LYS A 80 -8.51 3.82 6.07
N THR A 81 -7.77 2.73 6.25
CA THR A 81 -6.93 2.57 7.43
C THR A 81 -5.89 3.67 7.53
N PRO A 82 -5.03 3.78 6.50
CA PRO A 82 -3.97 4.78 6.45
C PRO A 82 -4.53 6.19 6.25
N GLU A 83 -5.72 6.28 5.65
CA GLU A 83 -6.36 7.56 5.41
C GLU A 83 -6.77 8.22 6.71
N GLU A 84 -7.50 7.48 7.54
CA GLU A 84 -7.97 7.99 8.82
C GLU A 84 -6.84 8.01 9.85
N LEU A 85 -5.85 7.15 9.65
CA LEU A 85 -4.72 7.06 10.54
C LEU A 85 -3.76 8.24 10.34
N GLY A 86 -3.66 8.69 9.09
CA GLY A 86 -2.79 9.81 8.79
C GLY A 86 -3.49 11.15 8.90
N MET A 87 -4.72 11.22 8.40
CA MET A 87 -5.49 12.44 8.45
C MET A 87 -4.83 13.55 7.64
N GLU A 88 -4.25 13.18 6.50
CA GLU A 88 -3.57 14.15 5.64
C GLU A 88 -3.60 13.69 4.19
N ASP A 89 -3.06 14.52 3.30
CA ASP A 89 -3.02 14.20 1.88
C ASP A 89 -1.62 13.71 1.47
N ASP A 90 -0.84 13.30 2.45
CA ASP A 90 0.51 12.81 2.20
C ASP A 90 0.67 11.38 2.69
N ASP A 91 -0.33 10.55 2.42
CA ASP A 91 -0.30 9.15 2.83
C ASP A 91 0.70 8.35 1.99
N VAL A 92 1.72 7.81 2.64
CA VAL A 92 2.74 7.03 1.96
C VAL A 92 2.61 5.54 2.28
N ILE A 93 3.06 4.71 1.36
CA ILE A 93 3.00 3.26 1.55
C ILE A 93 4.15 2.56 0.83
N ASP A 94 4.88 1.74 1.57
CA ASP A 94 6.01 1.00 1.01
C ASP A 94 5.66 -0.47 0.80
N ALA A 95 5.80 -0.93 -0.43
CA ALA A 95 5.49 -2.33 -0.77
C ALA A 95 6.74 -3.19 -0.70
N MET A 96 6.80 -4.04 0.32
CA MET A 96 7.95 -4.93 0.50
C MET A 96 7.64 -6.34 -0.03
N VAL A 97 8.67 -7.04 -0.46
CA VAL A 97 8.52 -8.39 -0.98
C VAL A 97 9.39 -9.38 -0.22
N GLU A 98 8.75 -10.41 0.34
CA GLU A 98 9.47 -11.43 1.09
C GLU A 98 8.81 -12.80 0.92
N GLN A 99 9.05 -13.43 -0.23
CA GLN A 99 8.48 -14.73 -0.52
C GLN A 99 9.15 -15.82 0.32
N THR A 100 8.64 -17.04 0.22
CA THR A 100 9.18 -18.17 0.97
C THR A 100 8.90 -19.49 0.27
N GLY A 101 9.65 -20.51 0.64
CA GLY A 101 9.46 -21.82 0.03
C GLY A 101 10.49 -22.13 -1.03
N GLY A 102 10.49 -21.34 -2.10
CA GLY A 102 11.43 -21.55 -3.19
C GLY A 102 10.98 -20.92 -4.49
N MET A 1 17.43 -47.74 9.14
CA MET A 1 17.88 -46.74 8.18
C MET A 1 16.70 -45.99 7.57
N SER A 2 15.80 -45.51 8.42
CA SER A 2 14.62 -44.78 7.98
C SER A 2 15.00 -43.36 7.51
N ASN A 3 14.05 -42.69 6.87
CA ASN A 3 14.28 -41.34 6.37
C ASN A 3 12.98 -40.69 5.92
N ASN A 4 12.58 -39.63 6.59
CA ASN A 4 11.35 -38.92 6.27
C ASN A 4 11.26 -37.60 7.04
N GLY A 5 10.53 -36.64 6.47
CA GLY A 5 10.38 -35.35 7.12
C GLY A 5 9.41 -34.44 6.37
N GLY A 6 9.09 -33.31 6.98
CA GLY A 6 8.17 -32.37 6.35
C GLY A 6 8.27 -30.98 6.95
N GLU A 7 8.13 -29.97 6.10
CA GLU A 7 8.21 -28.58 6.54
C GLU A 7 6.84 -27.92 6.52
N PRO A 8 6.69 -26.82 7.28
CA PRO A 8 5.44 -26.07 7.36
C PRO A 8 5.11 -25.35 6.06
N SER A 9 3.82 -25.30 5.73
CA SER A 9 3.37 -24.63 4.51
C SER A 9 1.99 -24.01 4.71
N ASN A 10 1.73 -23.53 5.92
CA ASN A 10 0.45 -22.91 6.23
C ASN A 10 0.34 -21.53 5.59
N ASN A 11 -0.86 -20.95 5.64
CA ASN A 11 -1.09 -19.64 5.05
C ASN A 11 -2.48 -19.12 5.44
N GLY A 12 -2.85 -17.96 4.89
CA GLY A 12 -4.13 -17.37 5.19
C GLY A 12 -4.09 -16.47 6.40
N GLY A 13 -3.17 -15.51 6.39
CA GLY A 13 -3.05 -14.60 7.52
C GLY A 13 -2.84 -13.16 7.07
N GLU A 14 -1.96 -12.97 6.08
CA GLU A 14 -1.67 -11.64 5.57
C GLU A 14 -2.75 -11.19 4.59
N GLY A 15 -3.73 -10.45 5.11
CA GLY A 15 -4.82 -9.97 4.28
C GLY A 15 -5.80 -9.10 5.04
N ALA A 16 -6.16 -7.97 4.46
CA ALA A 16 -7.10 -7.05 5.10
C ALA A 16 -8.48 -7.14 4.46
N GLU A 17 -9.52 -7.11 5.29
CA GLU A 17 -10.90 -7.20 4.79
C GLU A 17 -11.58 -5.84 4.89
N GLY A 18 -12.44 -5.55 3.91
CA GLY A 18 -13.16 -4.29 3.90
C GLY A 18 -14.16 -4.17 5.03
N THR A 19 -14.86 -3.05 5.09
CA THR A 19 -15.85 -2.82 6.13
C THR A 19 -17.12 -2.19 5.56
N CYS A 20 -17.57 -2.71 4.43
CA CYS A 20 -18.77 -2.19 3.78
C CYS A 20 -18.60 -0.73 3.39
N LYS A 21 -19.68 -0.09 2.96
CA LYS A 21 -19.65 1.31 2.55
C LYS A 21 -20.65 2.13 3.35
N GLU A 22 -20.16 3.18 4.01
CA GLU A 22 -21.01 4.05 4.80
C GLU A 22 -20.61 5.51 4.65
N GLU A 23 -21.60 6.39 4.56
CA GLU A 23 -21.34 7.82 4.41
C GLU A 23 -20.60 8.10 3.10
N THR A 24 -20.44 9.39 2.79
CA THR A 24 -19.77 9.79 1.56
C THR A 24 -18.69 10.83 1.84
N ALA A 25 -17.58 10.75 1.12
CA ALA A 25 -16.48 11.69 1.30
C ALA A 25 -15.47 11.57 0.16
N LEU A 26 -14.74 12.64 -0.09
CA LEU A 26 -13.74 12.66 -1.15
C LEU A 26 -12.38 13.09 -0.60
N VAL A 27 -11.36 12.27 -0.86
CA VAL A 27 -10.02 12.56 -0.40
C VAL A 27 -9.00 12.41 -1.53
N ALA A 28 -8.11 13.39 -1.65
CA ALA A 28 -7.09 13.36 -2.70
C ALA A 28 -5.80 12.74 -2.18
N VAL A 29 -5.18 11.90 -3.00
CA VAL A 29 -3.94 11.24 -2.62
C VAL A 29 -2.83 11.53 -3.64
N LYS A 30 -1.62 11.71 -3.14
CA LYS A 30 -0.46 12.00 -4.00
C LYS A 30 0.70 11.08 -3.67
N VAL A 31 1.06 10.22 -4.63
CA VAL A 31 2.17 9.29 -4.44
C VAL A 31 3.41 9.77 -5.17
N VAL A 32 4.49 9.98 -4.41
CA VAL A 32 5.74 10.44 -4.98
C VAL A 32 6.84 9.39 -4.79
N ASN A 33 7.87 9.46 -5.63
CA ASN A 33 8.99 8.53 -5.56
C ASN A 33 10.32 9.27 -5.59
N ALA A 34 11.35 8.66 -4.99
CA ALA A 34 12.67 9.26 -4.96
C ALA A 34 13.24 9.44 -6.36
N ASP A 35 12.75 8.63 -7.30
CA ASP A 35 13.20 8.70 -8.68
C ASP A 35 12.57 9.90 -9.40
N GLY A 36 11.41 10.32 -8.91
CA GLY A 36 10.72 11.44 -9.52
C GLY A 36 9.29 11.11 -9.90
N ALA A 37 9.08 9.89 -10.38
CA ALA A 37 7.76 9.45 -10.79
C ALA A 37 6.74 9.69 -9.68
N GLU A 38 5.70 10.47 -9.99
CA GLU A 38 4.66 10.77 -9.02
C GLU A 38 3.33 11.05 -9.71
N MET A 39 2.24 10.87 -8.99
CA MET A 39 0.90 11.10 -9.54
C MET A 39 -0.11 11.28 -8.42
N PHE A 40 -1.14 12.07 -8.69
CA PHE A 40 -2.19 12.32 -7.70
C PHE A 40 -3.57 12.06 -8.30
N PHE A 41 -4.53 11.72 -7.44
CA PHE A 41 -5.89 11.44 -7.88
C PHE A 41 -6.88 11.59 -6.73
N ARG A 42 -8.09 12.05 -7.03
CA ARG A 42 -9.12 12.23 -6.03
C ARG A 42 -10.08 11.05 -6.00
N ILE A 43 -10.26 10.48 -4.81
CA ILE A 43 -11.15 9.33 -4.65
C ILE A 43 -11.58 9.16 -3.19
N LYS A 44 -12.67 8.44 -2.98
CA LYS A 44 -13.18 8.21 -1.63
C LYS A 44 -12.10 7.61 -0.74
N SER A 45 -11.97 8.15 0.46
CA SER A 45 -10.97 7.67 1.42
C SER A 45 -11.08 6.17 1.62
N ARG A 46 -12.29 5.65 1.44
CA ARG A 46 -12.54 4.22 1.61
C ARG A 46 -11.55 3.40 0.77
N THR A 47 -11.26 3.89 -0.43
CA THR A 47 -10.34 3.20 -1.32
C THR A 47 -9.47 4.19 -2.09
N ALA A 48 -8.16 4.09 -1.92
CA ALA A 48 -7.23 4.98 -2.59
C ALA A 48 -5.83 4.37 -2.65
N LEU A 49 -5.19 4.27 -1.50
CA LEU A 49 -3.85 3.70 -1.41
C LEU A 49 -3.83 2.26 -1.92
N LYS A 50 -4.99 1.63 -1.91
CA LYS A 50 -5.12 0.25 -2.37
C LYS A 50 -4.85 0.15 -3.87
N LYS A 51 -5.61 0.90 -4.66
CA LYS A 51 -5.47 0.89 -6.11
C LYS A 51 -4.19 1.62 -6.52
N LEU A 52 -3.76 2.57 -5.69
CA LEU A 52 -2.54 3.33 -5.97
C LEU A 52 -1.31 2.43 -5.90
N ILE A 53 -1.16 1.73 -4.79
CA ILE A 53 -0.02 0.83 -4.61
C ILE A 53 -0.16 -0.42 -5.48
N ASP A 54 -1.40 -0.84 -5.72
CA ASP A 54 -1.67 -2.01 -6.53
C ASP A 54 -1.38 -1.72 -8.01
N THR A 55 -1.78 -0.54 -8.45
CA THR A 55 -1.57 -0.14 -9.84
C THR A 55 -0.10 0.18 -10.11
N TYR A 56 0.54 0.83 -9.14
CA TYR A 56 1.95 1.18 -9.28
C TYR A 56 2.83 -0.06 -9.28
N CYS A 57 2.59 -0.95 -8.33
CA CYS A 57 3.36 -2.19 -8.23
C CYS A 57 3.11 -3.09 -9.42
N LYS A 58 1.84 -3.21 -9.81
CA LYS A 58 1.46 -4.05 -10.94
C LYS A 58 2.00 -3.48 -12.25
N LYS A 59 1.93 -2.16 -12.39
CA LYS A 59 2.41 -1.49 -13.59
C LYS A 59 3.91 -1.68 -13.75
N GLN A 60 4.65 -1.46 -12.65
CA GLN A 60 6.11 -1.60 -12.67
C GLN A 60 6.50 -3.02 -13.04
N GLY A 61 5.57 -3.96 -12.87
CA GLY A 61 5.85 -5.35 -13.20
C GLY A 61 6.53 -6.08 -12.05
N ILE A 62 6.31 -5.59 -10.83
CA ILE A 62 6.91 -6.20 -9.66
C ILE A 62 5.89 -6.33 -8.53
N SER A 63 5.90 -7.49 -7.87
CA SER A 63 4.97 -7.75 -6.77
C SER A 63 5.14 -6.71 -5.67
N ARG A 64 4.24 -6.75 -4.68
CA ARG A 64 4.29 -5.81 -3.57
C ARG A 64 5.26 -6.29 -2.49
N ASN A 65 6.49 -6.62 -2.90
CA ASN A 65 7.51 -7.10 -1.97
C ASN A 65 8.84 -6.42 -2.24
N SER A 66 8.79 -5.14 -2.60
CA SER A 66 10.01 -4.38 -2.88
C SER A 66 9.69 -2.89 -2.99
N VAL A 67 8.75 -2.42 -2.17
CA VAL A 67 8.37 -1.02 -2.17
C VAL A 67 7.82 -0.60 -0.80
N ARG A 68 8.46 0.38 -0.18
CA ARG A 68 8.03 0.88 1.12
C ARG A 68 7.13 2.09 0.98
N PHE A 69 5.84 1.90 1.27
CA PHE A 69 4.88 2.99 1.17
C PHE A 69 4.59 3.59 2.54
N LEU A 70 5.15 4.78 2.78
CA LEU A 70 4.96 5.46 4.06
C LEU A 70 4.24 6.80 3.86
N PHE A 71 3.66 7.31 4.93
CA PHE A 71 2.93 8.58 4.88
C PHE A 71 3.40 9.51 5.99
N ASP A 72 4.27 10.46 5.63
CA ASP A 72 4.79 11.42 6.60
C ASP A 72 5.41 10.71 7.80
N GLY A 73 5.92 9.51 7.56
CA GLY A 73 6.53 8.74 8.63
C GLY A 73 5.69 7.55 9.04
N THR A 74 4.61 7.30 8.31
CA THR A 74 3.72 6.19 8.60
C THR A 74 3.86 5.09 7.55
N PRO A 75 4.85 4.20 7.74
CA PRO A 75 5.10 3.09 6.82
C PRO A 75 4.01 2.02 6.89
N ILE A 76 3.04 2.13 6.00
CA ILE A 76 1.94 1.18 5.95
C ILE A 76 1.39 1.04 4.53
N ASP A 77 0.97 -0.18 4.19
CA ASP A 77 0.42 -0.44 2.86
C ASP A 77 -1.10 -0.66 2.93
N GLU A 78 -1.86 0.42 2.81
CA GLU A 78 -3.30 0.35 2.88
C GLU A 78 -3.92 1.73 2.70
N THR A 79 -5.24 1.75 2.50
CA THR A 79 -5.96 3.02 2.32
C THR A 79 -6.90 3.28 3.48
N LYS A 80 -6.74 2.52 4.57
CA LYS A 80 -7.58 2.68 5.75
C LYS A 80 -6.76 3.15 6.94
N THR A 81 -5.49 2.73 6.99
CA THR A 81 -4.60 3.11 8.08
C THR A 81 -4.27 4.60 8.01
N PRO A 82 -3.70 5.02 6.87
CA PRO A 82 -3.31 6.43 6.65
C PRO A 82 -4.52 7.34 6.52
N GLU A 83 -5.63 6.79 6.04
CA GLU A 83 -6.85 7.56 5.86
C GLU A 83 -7.55 7.80 7.19
N GLU A 84 -7.52 6.80 8.07
CA GLU A 84 -8.13 6.90 9.38
C GLU A 84 -7.24 7.68 10.35
N LEU A 85 -5.94 7.67 10.08
CA LEU A 85 -4.98 8.37 10.93
C LEU A 85 -4.86 9.84 10.50
N GLY A 86 -4.98 10.08 9.20
CA GLY A 86 -4.89 11.45 8.70
C GLY A 86 -6.23 12.15 8.65
N MET A 87 -7.19 11.53 7.96
CA MET A 87 -8.53 12.10 7.83
C MET A 87 -8.49 13.43 7.08
N GLU A 88 -7.95 13.39 5.87
CA GLU A 88 -7.85 14.59 5.05
C GLU A 88 -7.75 14.23 3.58
N ASP A 89 -8.03 15.21 2.71
CA ASP A 89 -7.97 15.00 1.27
C ASP A 89 -6.57 15.26 0.74
N ASP A 90 -5.60 15.38 1.64
CA ASP A 90 -4.22 15.64 1.26
C ASP A 90 -3.32 14.49 1.72
N ASP A 91 -3.78 13.27 1.52
CA ASP A 91 -3.01 12.08 1.92
C ASP A 91 -1.86 11.84 0.95
N VAL A 92 -0.64 11.90 1.46
CA VAL A 92 0.55 11.70 0.65
C VAL A 92 1.20 10.36 0.97
N ILE A 93 1.98 9.84 0.02
CA ILE A 93 2.66 8.56 0.20
C ILE A 93 3.96 8.52 -0.60
N ASP A 94 5.05 8.20 0.09
CA ASP A 94 6.36 8.13 -0.56
C ASP A 94 6.80 6.68 -0.72
N ALA A 95 7.01 6.26 -1.97
CA ALA A 95 7.43 4.90 -2.24
C ALA A 95 8.95 4.81 -2.36
N MET A 96 9.57 4.18 -1.37
CA MET A 96 11.03 4.02 -1.35
C MET A 96 11.43 2.64 -1.87
N VAL A 97 12.45 2.62 -2.72
CA VAL A 97 12.94 1.37 -3.30
C VAL A 97 14.29 0.99 -2.71
N GLU A 98 14.41 -0.26 -2.26
CA GLU A 98 15.65 -0.75 -1.67
C GLU A 98 16.11 -2.02 -2.37
N GLN A 99 17.41 -2.10 -2.66
CA GLN A 99 17.98 -3.27 -3.33
C GLN A 99 17.24 -3.55 -4.65
N THR A 100 17.54 -4.71 -5.23
CA THR A 100 16.91 -5.10 -6.48
C THR A 100 16.06 -6.35 -6.30
N GLY A 101 15.36 -6.74 -7.36
CA GLY A 101 14.51 -7.92 -7.30
C GLY A 101 15.06 -9.07 -8.10
N GLY A 102 15.61 -8.78 -9.28
CA GLY A 102 16.17 -9.81 -10.12
C GLY A 102 16.15 -9.44 -11.59
N MET A 1 39.83 -19.77 3.27
CA MET A 1 39.70 -18.35 2.96
C MET A 1 38.38 -18.05 2.28
N SER A 2 37.46 -17.43 3.01
CA SER A 2 36.16 -17.09 2.46
C SER A 2 35.35 -16.27 3.46
N ASN A 3 34.43 -15.45 2.94
CA ASN A 3 33.60 -14.60 3.78
C ASN A 3 32.19 -14.49 3.22
N ASN A 4 31.19 -14.71 4.08
CA ASN A 4 29.80 -14.64 3.66
C ASN A 4 28.91 -14.17 4.81
N GLY A 5 27.62 -14.00 4.53
CA GLY A 5 26.68 -13.56 5.54
C GLY A 5 25.25 -13.92 5.22
N GLY A 6 24.32 -13.08 5.64
CA GLY A 6 22.92 -13.34 5.38
C GLY A 6 22.14 -13.65 6.65
N GLU A 7 21.10 -12.87 6.91
CA GLU A 7 20.28 -13.06 8.11
C GLU A 7 18.81 -13.18 7.73
N PRO A 8 18.02 -13.80 8.62
CA PRO A 8 16.58 -14.00 8.41
C PRO A 8 15.81 -12.68 8.49
N SER A 9 14.48 -12.79 8.50
CA SER A 9 13.61 -11.62 8.58
C SER A 9 12.15 -12.02 8.58
N ASN A 10 11.55 -12.03 9.78
CA ASN A 10 10.15 -12.39 9.93
C ASN A 10 9.36 -11.27 10.60
N ASN A 11 8.17 -10.99 10.07
CA ASN A 11 7.32 -9.93 10.62
C ASN A 11 6.00 -9.84 9.86
N GLY A 12 4.97 -10.46 10.41
CA GLY A 12 3.66 -10.45 9.78
C GLY A 12 3.16 -9.03 9.53
N GLY A 13 3.50 -8.12 10.43
CA GLY A 13 3.07 -6.74 10.29
C GLY A 13 1.79 -6.46 11.05
N GLU A 14 1.47 -7.31 12.01
CA GLU A 14 0.26 -7.15 12.80
C GLU A 14 -0.96 -7.00 11.90
N GLY A 15 -2.10 -6.63 12.51
CA GLY A 15 -3.31 -6.47 11.75
C GLY A 15 -4.36 -5.67 12.51
N ALA A 16 -5.37 -5.18 11.80
CA ALA A 16 -6.44 -4.41 12.41
C ALA A 16 -7.48 -3.99 11.38
N GLU A 17 -8.73 -3.92 11.81
CA GLU A 17 -9.83 -3.54 10.92
C GLU A 17 -11.14 -3.41 11.70
N GLY A 18 -12.02 -2.54 11.21
CA GLY A 18 -13.30 -2.33 11.86
C GLY A 18 -13.67 -0.86 11.94
N THR A 19 -13.82 -0.23 10.78
CA THR A 19 -14.19 1.19 10.72
C THR A 19 -14.51 1.61 9.30
N CYS A 20 -14.86 2.88 9.13
CA CYS A 20 -15.20 3.40 7.81
C CYS A 20 -15.26 4.93 7.84
N LYS A 21 -15.65 5.52 6.72
CA LYS A 21 -15.74 6.98 6.61
C LYS A 21 -16.28 7.38 5.25
N GLU A 22 -16.73 8.63 5.13
CA GLU A 22 -17.27 9.15 3.88
C GLU A 22 -17.52 10.65 3.98
N GLU A 23 -17.00 11.39 3.00
CA GLU A 23 -17.17 12.84 2.97
C GLU A 23 -16.51 13.44 1.73
N THR A 24 -16.42 14.77 1.70
CA THR A 24 -15.82 15.46 0.58
C THR A 24 -14.47 16.07 0.96
N ALA A 25 -13.41 15.55 0.35
CA ALA A 25 -12.06 16.03 0.63
C ALA A 25 -11.07 15.51 -0.40
N LEU A 26 -9.89 16.12 -0.44
CA LEU A 26 -8.84 15.71 -1.38
C LEU A 26 -7.59 15.25 -0.64
N VAL A 27 -7.08 14.08 -1.03
CA VAL A 27 -5.88 13.54 -0.40
C VAL A 27 -4.94 12.95 -1.45
N ALA A 28 -3.66 13.27 -1.34
CA ALA A 28 -2.66 12.77 -2.28
C ALA A 28 -2.04 11.47 -1.77
N VAL A 29 -1.93 10.49 -2.66
CA VAL A 29 -1.36 9.20 -2.31
C VAL A 29 -0.14 8.88 -3.18
N LYS A 30 0.91 8.38 -2.54
CA LYS A 30 2.14 8.03 -3.25
C LYS A 30 2.53 6.57 -2.99
N VAL A 31 2.56 5.78 -4.04
CA VAL A 31 2.92 4.37 -3.93
C VAL A 31 4.34 4.13 -4.40
N VAL A 32 5.16 3.54 -3.52
CA VAL A 32 6.56 3.26 -3.85
C VAL A 32 6.82 1.75 -3.87
N ASN A 33 7.68 1.31 -4.76
CA ASN A 33 8.02 -0.10 -4.89
C ASN A 33 9.47 -0.35 -4.50
N ALA A 34 9.75 -1.55 -4.02
CA ALA A 34 11.10 -1.93 -3.62
C ALA A 34 12.07 -1.86 -4.79
N ASP A 35 11.54 -2.02 -5.99
CA ASP A 35 12.35 -1.99 -7.20
C ASP A 35 12.71 -0.55 -7.57
N GLY A 36 11.89 0.40 -7.14
CA GLY A 36 12.13 1.80 -7.43
C GLY A 36 10.92 2.49 -8.01
N ALA A 37 10.15 1.76 -8.80
CA ALA A 37 8.96 2.31 -9.43
C ALA A 37 8.05 2.97 -8.40
N GLU A 38 7.79 4.26 -8.57
CA GLU A 38 6.94 5.00 -7.65
C GLU A 38 6.11 6.04 -8.40
N MET A 39 4.86 6.24 -7.95
CA MET A 39 3.97 7.20 -8.58
C MET A 39 2.95 7.72 -7.57
N PHE A 40 2.68 9.03 -7.63
CA PHE A 40 1.72 9.65 -6.73
C PHE A 40 0.68 10.45 -7.50
N PHE A 41 -0.49 10.63 -6.89
CA PHE A 41 -1.57 11.37 -7.53
C PHE A 41 -2.57 11.86 -6.49
N ARG A 42 -3.25 12.96 -6.81
CA ARG A 42 -4.25 13.53 -5.90
C ARG A 42 -5.63 12.98 -6.20
N ILE A 43 -6.26 12.36 -5.19
CA ILE A 43 -7.59 11.80 -5.35
C ILE A 43 -8.39 11.93 -4.06
N LYS A 44 -9.71 11.97 -4.20
CA LYS A 44 -10.60 12.08 -3.04
C LYS A 44 -10.27 11.01 -2.00
N SER A 45 -10.20 11.43 -0.74
CA SER A 45 -9.89 10.51 0.35
C SER A 45 -10.82 9.30 0.33
N ARG A 46 -12.05 9.53 -0.11
CA ARG A 46 -13.05 8.47 -0.18
C ARG A 46 -12.50 7.25 -0.93
N THR A 47 -11.88 7.51 -2.07
CA THR A 47 -11.30 6.45 -2.89
C THR A 47 -9.99 6.89 -3.52
N ALA A 48 -8.96 6.04 -3.39
CA ALA A 48 -7.65 6.33 -3.94
C ALA A 48 -6.81 5.07 -4.07
N LEU A 49 -6.58 4.40 -2.95
CA LEU A 49 -5.78 3.18 -2.93
C LEU A 49 -6.48 2.08 -3.73
N LYS A 50 -7.80 2.18 -3.83
CA LYS A 50 -8.58 1.18 -4.56
C LYS A 50 -8.32 1.29 -6.06
N LYS A 51 -8.47 2.50 -6.59
CA LYS A 51 -8.26 2.74 -8.02
C LYS A 51 -6.77 2.64 -8.37
N LEU A 52 -5.92 2.95 -7.40
CA LEU A 52 -4.48 2.89 -7.59
C LEU A 52 -3.99 1.44 -7.71
N ILE A 53 -4.33 0.65 -6.70
CA ILE A 53 -3.93 -0.76 -6.69
C ILE A 53 -4.64 -1.55 -7.80
N ASP A 54 -5.85 -1.12 -8.13
CA ASP A 54 -6.63 -1.77 -9.17
C ASP A 54 -6.05 -1.47 -10.56
N THR A 55 -5.57 -0.25 -10.73
CA THR A 55 -4.99 0.17 -12.01
C THR A 55 -3.60 -0.43 -12.21
N TYR A 56 -2.83 -0.49 -11.13
CA TYR A 56 -1.48 -1.04 -11.19
C TYR A 56 -1.52 -2.56 -11.35
N CYS A 57 -2.44 -3.20 -10.64
CA CYS A 57 -2.59 -4.64 -10.71
C CYS A 57 -3.15 -5.07 -12.06
N LYS A 58 -4.24 -4.44 -12.47
CA LYS A 58 -4.89 -4.75 -13.74
C LYS A 58 -3.93 -4.49 -14.90
N LYS A 59 -3.21 -3.38 -14.83
CA LYS A 59 -2.26 -3.01 -15.88
C LYS A 59 -1.10 -4.01 -15.94
N GLN A 60 -0.54 -4.33 -14.78
CA GLN A 60 0.57 -5.26 -14.69
C GLN A 60 0.14 -6.65 -15.15
N GLY A 61 -1.17 -6.90 -15.15
CA GLY A 61 -1.68 -8.19 -15.56
C GLY A 61 -1.64 -9.21 -14.45
N ILE A 62 -1.77 -8.74 -13.22
CA ILE A 62 -1.76 -9.63 -12.06
C ILE A 62 -2.71 -9.14 -10.98
N SER A 63 -3.47 -10.08 -10.40
CA SER A 63 -4.43 -9.74 -9.36
C SER A 63 -3.74 -9.08 -8.17
N ARG A 64 -4.54 -8.60 -7.22
CA ARG A 64 -4.00 -7.94 -6.04
C ARG A 64 -3.70 -8.96 -4.95
N ASN A 65 -2.95 -10.00 -5.30
CA ASN A 65 -2.59 -11.04 -4.35
C ASN A 65 -1.10 -11.34 -4.42
N SER A 66 -0.31 -10.32 -4.71
CA SER A 66 1.14 -10.47 -4.80
C SER A 66 1.84 -9.17 -4.47
N VAL A 67 1.17 -8.30 -3.71
CA VAL A 67 1.73 -7.01 -3.33
C VAL A 67 1.12 -6.52 -2.03
N ARG A 68 1.95 -6.33 -1.02
CA ARG A 68 1.50 -5.86 0.29
C ARG A 68 1.78 -4.37 0.45
N PHE A 69 0.73 -3.56 0.44
CA PHE A 69 0.87 -2.12 0.58
C PHE A 69 0.77 -1.71 2.05
N LEU A 70 1.89 -1.27 2.61
CA LEU A 70 1.93 -0.84 4.01
C LEU A 70 2.20 0.66 4.12
N PHE A 71 1.64 1.27 5.16
CA PHE A 71 1.81 2.70 5.38
C PHE A 71 2.34 2.98 6.78
N ASP A 72 3.61 3.36 6.87
CA ASP A 72 4.24 3.66 8.14
C ASP A 72 4.11 2.48 9.10
N GLY A 73 4.21 1.27 8.55
CA GLY A 73 4.10 0.07 9.36
C GLY A 73 2.69 -0.47 9.42
N THR A 74 1.82 0.07 8.58
CA THR A 74 0.43 -0.36 8.53
C THR A 74 0.13 -1.12 7.25
N PRO A 75 0.45 -2.43 7.25
CA PRO A 75 0.22 -3.30 6.08
C PRO A 75 -1.27 -3.56 5.84
N ILE A 76 -1.85 -2.81 4.91
CA ILE A 76 -3.26 -2.97 4.59
C ILE A 76 -3.53 -2.62 3.13
N ASP A 77 -4.47 -3.32 2.52
CA ASP A 77 -4.83 -3.08 1.12
C ASP A 77 -6.22 -2.47 1.01
N GLU A 78 -6.27 -1.14 1.03
CA GLU A 78 -7.55 -0.42 0.94
C GLU A 78 -7.32 1.08 0.92
N THR A 79 -8.39 1.83 0.70
CA THR A 79 -8.32 3.29 0.64
C THR A 79 -9.11 3.92 1.79
N LYS A 80 -9.53 3.09 2.73
CA LYS A 80 -10.30 3.57 3.88
C LYS A 80 -9.51 3.40 5.17
N THR A 81 -8.68 2.36 5.21
CA THR A 81 -7.86 2.07 6.38
C THR A 81 -6.78 3.13 6.58
N PRO A 82 -5.94 3.29 5.55
CA PRO A 82 -4.84 4.27 5.57
C PRO A 82 -5.35 5.71 5.52
N GLU A 83 -6.51 5.90 4.91
CA GLU A 83 -7.11 7.23 4.79
C GLU A 83 -7.72 7.67 6.12
N GLU A 84 -8.34 6.73 6.82
CA GLU A 84 -8.97 7.01 8.10
C GLU A 84 -7.93 7.06 9.22
N LEU A 85 -6.82 6.37 9.01
CA LEU A 85 -5.75 6.34 10.00
C LEU A 85 -4.82 7.53 9.84
N GLY A 86 -4.63 7.97 8.60
CA GLY A 86 -3.76 9.10 8.33
C GLY A 86 -4.51 10.42 8.35
N MET A 87 -5.64 10.46 7.66
CA MET A 87 -6.45 11.68 7.60
C MET A 87 -5.65 12.84 7.04
N GLU A 88 -4.75 12.53 6.11
CA GLU A 88 -3.91 13.56 5.49
C GLU A 88 -3.79 13.33 3.99
N ASP A 89 -3.34 14.36 3.27
CA ASP A 89 -3.18 14.27 1.83
C ASP A 89 -1.80 13.75 1.45
N ASP A 90 -1.14 13.12 2.42
CA ASP A 90 0.20 12.57 2.19
C ASP A 90 0.24 11.08 2.52
N ASP A 91 -0.79 10.36 2.10
CA ASP A 91 -0.86 8.92 2.36
C ASP A 91 0.10 8.15 1.46
N VAL A 92 1.10 7.53 2.08
CA VAL A 92 2.08 6.76 1.33
C VAL A 92 1.89 5.26 1.55
N ILE A 93 2.27 4.46 0.56
CA ILE A 93 2.14 3.02 0.64
C ILE A 93 3.27 2.32 -0.12
N ASP A 94 4.04 1.51 0.59
CA ASP A 94 5.15 0.77 -0.03
C ASP A 94 4.76 -0.67 -0.28
N ALA A 95 4.75 -1.07 -1.55
CA ALA A 95 4.41 -2.43 -1.93
C ALA A 95 5.60 -3.36 -1.78
N MET A 96 5.46 -4.37 -0.90
CA MET A 96 6.53 -5.33 -0.67
C MET A 96 6.04 -6.74 -0.93
N VAL A 97 6.98 -7.63 -1.27
CA VAL A 97 6.66 -9.02 -1.55
C VAL A 97 6.61 -9.84 -0.26
N GLU A 98 5.53 -10.63 -0.11
CA GLU A 98 5.37 -11.46 1.07
C GLU A 98 5.39 -12.94 0.71
N GLN A 99 6.54 -13.40 0.22
CA GLN A 99 6.69 -14.79 -0.18
C GLN A 99 5.64 -15.19 -1.22
N THR A 100 5.21 -14.21 -2.01
CA THR A 100 4.20 -14.46 -3.04
C THR A 100 2.95 -15.07 -2.45
N GLY A 101 1.99 -14.22 -2.09
CA GLY A 101 0.74 -14.70 -1.51
C GLY A 101 -0.07 -15.52 -2.49
N GLY A 102 -0.61 -16.64 -2.02
CA GLY A 102 -1.41 -17.49 -2.88
C GLY A 102 -2.84 -17.01 -3.00
N MET A 1 29.21 -8.94 -2.91
CA MET A 1 29.42 -8.45 -1.55
C MET A 1 28.50 -7.28 -1.24
N SER A 2 27.22 -7.57 -1.05
CA SER A 2 26.23 -6.55 -0.75
C SER A 2 24.98 -7.16 -0.12
N ASN A 3 25.03 -7.38 1.18
CA ASN A 3 23.90 -7.96 1.90
C ASN A 3 23.85 -7.44 3.34
N ASN A 4 22.70 -7.62 3.98
CA ASN A 4 22.52 -7.18 5.36
C ASN A 4 21.90 -8.28 6.22
N GLY A 5 20.60 -8.51 6.02
CA GLY A 5 19.92 -9.54 6.78
C GLY A 5 18.45 -9.22 6.97
N GLY A 6 17.65 -10.26 7.24
CA GLY A 6 16.23 -10.07 7.45
C GLY A 6 15.82 -10.24 8.89
N GLU A 7 14.56 -9.92 9.20
CA GLU A 7 14.05 -10.05 10.56
C GLU A 7 12.87 -11.02 10.61
N PRO A 8 12.62 -11.58 11.81
CA PRO A 8 11.52 -12.53 12.02
C PRO A 8 10.16 -11.87 11.92
N SER A 9 10.02 -10.71 12.56
CA SER A 9 8.76 -9.99 12.54
C SER A 9 8.92 -8.59 13.14
N ASN A 10 8.31 -7.60 12.50
CA ASN A 10 8.40 -6.22 12.97
C ASN A 10 7.15 -5.84 13.77
N ASN A 11 6.01 -6.40 13.37
CA ASN A 11 4.76 -6.12 14.06
C ASN A 11 4.52 -4.61 14.17
N GLY A 12 3.88 -4.05 13.14
CA GLY A 12 3.60 -2.63 13.13
C GLY A 12 2.33 -2.28 13.89
N GLY A 13 1.41 -3.25 13.97
CA GLY A 13 0.16 -3.02 14.66
C GLY A 13 -1.02 -2.88 13.72
N GLU A 14 -1.61 -4.01 13.34
CA GLU A 14 -2.75 -4.02 12.42
C GLU A 14 -4.06 -3.85 13.18
N GLY A 15 -5.13 -3.58 12.45
CA GLY A 15 -6.43 -3.40 13.07
C GLY A 15 -7.17 -2.19 12.54
N ALA A 16 -8.26 -1.82 13.20
CA ALA A 16 -9.06 -0.67 12.78
C ALA A 16 -9.67 -0.90 11.40
N GLU A 17 -10.62 -0.05 11.04
CA GLU A 17 -11.29 -0.16 9.75
C GLU A 17 -11.54 1.22 9.15
N GLY A 18 -12.45 1.97 9.76
CA GLY A 18 -12.76 3.30 9.27
C GLY A 18 -14.12 3.35 8.60
N THR A 19 -14.89 4.40 8.92
CA THR A 19 -16.21 4.57 8.34
C THR A 19 -16.79 5.95 8.67
N CYS A 20 -17.75 6.40 7.87
CA CYS A 20 -18.37 7.70 8.08
C CYS A 20 -19.51 7.92 7.09
N LYS A 21 -19.16 8.15 5.83
CA LYS A 21 -20.15 8.37 4.79
C LYS A 21 -20.98 9.63 5.09
N GLU A 22 -20.54 10.75 4.54
CA GLU A 22 -21.25 12.01 4.75
C GLU A 22 -20.54 13.15 4.00
N GLU A 23 -19.23 13.09 3.95
CA GLU A 23 -18.44 14.11 3.25
C GLU A 23 -17.42 13.48 2.32
N THR A 24 -16.61 14.32 1.68
CA THR A 24 -15.59 13.84 0.75
C THR A 24 -14.23 14.42 1.09
N ALA A 25 -13.17 13.81 0.53
CA ALA A 25 -11.81 14.28 0.77
C ALA A 25 -10.86 13.75 -0.29
N LEU A 26 -9.68 14.35 -0.37
CA LEU A 26 -8.68 13.95 -1.35
C LEU A 26 -7.35 13.64 -0.67
N VAL A 27 -6.75 12.51 -1.04
CA VAL A 27 -5.47 12.11 -0.48
C VAL A 27 -4.53 11.58 -1.56
N ALA A 28 -3.27 12.01 -1.50
CA ALA A 28 -2.28 11.59 -2.48
C ALA A 28 -1.55 10.33 -2.00
N VAL A 29 -1.41 9.37 -2.90
CA VAL A 29 -0.74 8.11 -2.58
C VAL A 29 0.52 7.93 -3.41
N LYS A 30 1.58 7.43 -2.79
CA LYS A 30 2.84 7.20 -3.48
C LYS A 30 3.31 5.76 -3.31
N VAL A 31 3.25 4.98 -4.39
CA VAL A 31 3.67 3.59 -4.35
C VAL A 31 5.12 3.44 -4.78
N VAL A 32 5.93 2.86 -3.90
CA VAL A 32 7.35 2.66 -4.18
C VAL A 32 7.69 1.18 -4.23
N ASN A 33 8.75 0.84 -4.96
CA ASN A 33 9.19 -0.54 -5.09
C ASN A 33 10.65 -0.69 -4.70
N ALA A 34 11.02 -1.88 -4.25
CA ALA A 34 12.40 -2.16 -3.86
C ALA A 34 13.36 -1.97 -5.03
N ASP A 35 12.83 -2.10 -6.24
CA ASP A 35 13.64 -1.95 -7.44
C ASP A 35 13.82 -0.47 -7.80
N GLY A 36 12.88 0.36 -7.36
CA GLY A 36 12.95 1.78 -7.64
C GLY A 36 11.68 2.30 -8.28
N ALA A 37 11.08 1.50 -9.14
CA ALA A 37 9.84 1.88 -9.83
C ALA A 37 8.79 2.38 -8.83
N GLU A 38 8.37 3.62 -9.01
CA GLU A 38 7.37 4.22 -8.13
C GLU A 38 6.50 5.22 -8.89
N MET A 39 5.37 5.58 -8.29
CA MET A 39 4.45 6.54 -8.91
C MET A 39 3.49 7.11 -7.88
N PHE A 40 3.17 8.39 -8.03
CA PHE A 40 2.25 9.06 -7.12
C PHE A 40 1.05 9.63 -7.85
N PHE A 41 -0.09 9.67 -7.18
CA PHE A 41 -1.32 10.19 -7.77
C PHE A 41 -2.32 10.60 -6.69
N ARG A 42 -3.08 11.65 -6.97
CA ARG A 42 -4.07 12.16 -6.03
C ARG A 42 -5.43 11.51 -6.26
N ILE A 43 -5.93 10.79 -5.26
CA ILE A 43 -7.21 10.13 -5.36
C ILE A 43 -7.98 10.21 -4.04
N LYS A 44 -9.30 10.15 -4.13
CA LYS A 44 -10.14 10.21 -2.94
C LYS A 44 -9.78 9.10 -1.95
N SER A 45 -9.64 9.46 -0.68
CA SER A 45 -9.29 8.51 0.35
C SER A 45 -10.27 7.34 0.38
N ARG A 46 -11.52 7.63 0.05
CA ARG A 46 -12.56 6.61 0.03
C ARG A 46 -12.20 5.49 -0.93
N THR A 47 -11.34 5.79 -1.90
CA THR A 47 -10.91 4.80 -2.88
C THR A 47 -9.61 5.22 -3.55
N ALA A 48 -8.49 4.98 -2.87
CA ALA A 48 -7.18 5.33 -3.42
C ALA A 48 -6.27 4.10 -3.51
N LEU A 49 -5.85 3.60 -2.35
CA LEU A 49 -4.99 2.43 -2.30
C LEU A 49 -5.55 1.29 -3.14
N LYS A 50 -6.88 1.24 -3.22
CA LYS A 50 -7.55 0.19 -4.00
C LYS A 50 -7.21 0.30 -5.48
N LYS A 51 -7.31 1.51 -6.01
CA LYS A 51 -7.01 1.75 -7.42
C LYS A 51 -5.50 1.68 -7.66
N LEU A 52 -4.73 2.01 -6.65
CA LEU A 52 -3.27 1.97 -6.76
C LEU A 52 -2.77 0.55 -6.93
N ILE A 53 -3.18 -0.34 -6.03
CA ILE A 53 -2.78 -1.73 -6.08
C ILE A 53 -3.46 -2.46 -7.23
N ASP A 54 -4.68 -2.04 -7.55
CA ASP A 54 -5.44 -2.65 -8.64
C ASP A 54 -4.86 -2.26 -9.99
N THR A 55 -4.51 -0.98 -10.13
CA THR A 55 -3.94 -0.48 -11.37
C THR A 55 -2.51 -0.98 -11.58
N TYR A 56 -1.75 -1.03 -10.48
CA TYR A 56 -0.37 -1.49 -10.54
C TYR A 56 -0.30 -2.97 -10.84
N CYS A 57 -1.09 -3.76 -10.12
CA CYS A 57 -1.12 -5.20 -10.32
C CYS A 57 -1.66 -5.56 -11.70
N LYS A 58 -2.76 -4.91 -12.08
CA LYS A 58 -3.38 -5.16 -13.38
C LYS A 58 -2.45 -4.74 -14.52
N LYS A 59 -1.79 -3.59 -14.35
CA LYS A 59 -0.87 -3.08 -15.36
C LYS A 59 0.30 -4.03 -15.55
N GLN A 60 0.88 -4.48 -14.44
CA GLN A 60 2.02 -5.40 -14.50
C GLN A 60 1.62 -6.73 -15.12
N GLY A 61 0.31 -6.99 -15.14
CA GLY A 61 -0.18 -8.23 -15.71
C GLY A 61 -0.16 -9.38 -14.72
N ILE A 62 -0.19 -9.05 -13.44
CA ILE A 62 -0.17 -10.06 -12.38
C ILE A 62 -1.30 -9.83 -11.37
N SER A 63 -1.86 -10.92 -10.87
CA SER A 63 -2.94 -10.84 -9.90
C SER A 63 -2.52 -10.04 -8.67
N ARG A 64 -3.47 -9.77 -7.79
CA ARG A 64 -3.21 -9.02 -6.57
C ARG A 64 -2.74 -9.94 -5.45
N ASN A 65 -1.74 -10.77 -5.74
CA ASN A 65 -1.21 -11.71 -4.76
C ASN A 65 0.29 -11.93 -4.98
N SER A 66 1.01 -10.84 -5.20
CA SER A 66 2.45 -10.92 -5.43
C SER A 66 3.13 -9.61 -5.06
N VAL A 67 2.46 -8.82 -4.23
CA VAL A 67 3.00 -7.53 -3.79
C VAL A 67 2.41 -7.11 -2.45
N ARG A 68 3.28 -6.97 -1.45
CA ARG A 68 2.84 -6.58 -0.12
C ARG A 68 3.07 -5.08 0.11
N PHE A 69 1.97 -4.33 0.15
CA PHE A 69 2.05 -2.88 0.35
C PHE A 69 2.01 -2.54 1.84
N LEU A 70 3.13 -2.02 2.34
CA LEU A 70 3.23 -1.65 3.75
C LEU A 70 3.55 -0.17 3.90
N PHE A 71 3.09 0.42 5.01
CA PHE A 71 3.32 1.83 5.27
C PHE A 71 4.08 2.01 6.59
N ASP A 72 5.37 2.32 6.48
CA ASP A 72 6.20 2.51 7.66
C ASP A 72 6.13 1.32 8.60
N GLY A 73 5.91 0.14 8.02
CA GLY A 73 5.81 -1.07 8.82
C GLY A 73 4.39 -1.55 8.98
N THR A 74 3.48 -0.93 8.24
CA THR A 74 2.06 -1.31 8.30
C THR A 74 1.63 -2.00 7.01
N PRO A 75 1.88 -3.31 6.94
CA PRO A 75 1.51 -4.13 5.78
C PRO A 75 0.00 -4.31 5.65
N ILE A 76 -0.61 -3.49 4.79
CA ILE A 76 -2.05 -3.57 4.57
C ILE A 76 -2.41 -3.23 3.13
N ASP A 77 -3.40 -3.92 2.59
CA ASP A 77 -3.85 -3.68 1.22
C ASP A 77 -5.30 -3.23 1.19
N GLU A 78 -5.51 -1.92 1.26
CA GLU A 78 -6.85 -1.36 1.24
C GLU A 78 -6.81 0.16 1.32
N THR A 79 -7.96 0.80 1.10
CA THR A 79 -8.05 2.25 1.14
C THR A 79 -8.90 2.71 2.32
N LYS A 80 -8.88 1.94 3.40
CA LYS A 80 -9.64 2.26 4.59
C LYS A 80 -8.79 2.08 5.84
N THR A 81 -7.99 1.02 5.86
CA THR A 81 -7.12 0.74 7.00
C THR A 81 -6.00 1.77 7.12
N PRO A 82 -5.20 1.90 6.05
CA PRO A 82 -4.08 2.85 6.01
C PRO A 82 -4.56 4.30 5.95
N GLU A 83 -5.74 4.51 5.38
CA GLU A 83 -6.30 5.84 5.26
C GLU A 83 -6.85 6.33 6.60
N GLU A 84 -7.47 5.41 7.35
CA GLU A 84 -8.03 5.75 8.65
C GLU A 84 -6.94 5.79 9.73
N LEU A 85 -5.84 5.09 9.47
CA LEU A 85 -4.73 5.04 10.41
C LEU A 85 -3.78 6.22 10.19
N GLY A 86 -3.64 6.63 8.94
CA GLY A 86 -2.76 7.74 8.61
C GLY A 86 -3.49 9.08 8.64
N MET A 87 -4.56 9.18 7.86
CA MET A 87 -5.34 10.40 7.80
C MET A 87 -4.50 11.54 7.23
N GLU A 88 -4.06 11.40 5.99
CA GLU A 88 -3.25 12.42 5.34
C GLU A 88 -3.17 12.17 3.83
N ASP A 89 -2.83 13.21 3.09
CA ASP A 89 -2.70 13.11 1.64
C ASP A 89 -1.31 12.64 1.24
N ASP A 90 -0.54 12.19 2.22
CA ASP A 90 0.81 11.71 1.97
C ASP A 90 0.94 10.23 2.31
N ASP A 91 -0.06 9.45 1.91
CA ASP A 91 -0.06 8.01 2.18
C ASP A 91 0.89 7.29 1.24
N VAL A 92 1.90 6.65 1.81
CA VAL A 92 2.89 5.92 1.02
C VAL A 92 2.73 4.41 1.21
N ILE A 93 3.01 3.65 0.15
CA ILE A 93 2.91 2.20 0.20
C ILE A 93 4.06 1.54 -0.55
N ASP A 94 4.86 0.77 0.17
CA ASP A 94 6.00 0.08 -0.43
C ASP A 94 5.65 -1.38 -0.71
N ALA A 95 5.69 -1.75 -1.99
CA ALA A 95 5.38 -3.11 -2.40
C ALA A 95 6.63 -4.00 -2.35
N MET A 96 6.64 -4.94 -1.42
CA MET A 96 7.78 -5.85 -1.27
C MET A 96 7.36 -7.29 -1.56
N VAL A 97 8.32 -8.10 -1.98
CA VAL A 97 8.05 -9.51 -2.29
C VAL A 97 8.19 -10.38 -1.05
N GLU A 98 7.23 -11.29 -0.87
CA GLU A 98 7.25 -12.19 0.28
C GLU A 98 6.70 -13.56 -0.09
N GLN A 99 7.33 -14.20 -1.07
CA GLN A 99 6.91 -15.52 -1.52
C GLN A 99 7.80 -16.61 -0.95
N THR A 100 7.37 -17.86 -1.07
CA THR A 100 8.13 -18.99 -0.57
C THR A 100 8.70 -19.82 -1.71
N GLY A 101 8.92 -19.18 -2.85
CA GLY A 101 9.47 -19.87 -4.00
C GLY A 101 9.98 -18.92 -5.07
N GLY A 102 9.19 -17.90 -5.37
CA GLY A 102 9.59 -16.93 -6.37
C GLY A 102 10.17 -15.66 -5.76
#